data_5QXW
# 
_entry.id   5QXW 
# 
_audit_conform.dict_name       mmcif_pdbx.dic 
_audit_conform.dict_version    5.387 
_audit_conform.dict_location   http://mmcif.pdb.org/dictionaries/ascii/mmcif_pdbx.dic 
# 
loop_
_database_2.database_id 
_database_2.database_code 
_database_2.pdbx_database_accession 
_database_2.pdbx_DOI 
PDB   5QXW         pdb_00005qxw 10.2210/pdb5qxw/pdb 
WWPDB D_1001402462 ?            ?                   
# 
loop_
_pdbx_audit_revision_history.ordinal 
_pdbx_audit_revision_history.data_content_type 
_pdbx_audit_revision_history.major_revision 
_pdbx_audit_revision_history.minor_revision 
_pdbx_audit_revision_history.revision_date 
1 'Structure model' 1 0 2020-04-08 
2 'Structure model' 1 1 2024-03-06 
# 
_pdbx_audit_revision_details.ordinal             1 
_pdbx_audit_revision_details.revision_ordinal    1 
_pdbx_audit_revision_details.data_content_type   'Structure model' 
_pdbx_audit_revision_details.provider            repository 
_pdbx_audit_revision_details.type                'Initial release' 
_pdbx_audit_revision_details.description         ? 
_pdbx_audit_revision_details.details             ? 
# 
loop_
_pdbx_audit_revision_group.ordinal 
_pdbx_audit_revision_group.revision_ordinal 
_pdbx_audit_revision_group.data_content_type 
_pdbx_audit_revision_group.group 
1 2 'Structure model' 'Data collection'     
2 2 'Structure model' 'Database references' 
# 
loop_
_pdbx_audit_revision_category.ordinal 
_pdbx_audit_revision_category.revision_ordinal 
_pdbx_audit_revision_category.data_content_type 
_pdbx_audit_revision_category.category 
1 2 'Structure model' chem_comp_atom 
2 2 'Structure model' chem_comp_bond 
3 2 'Structure model' database_2     
# 
loop_
_pdbx_audit_revision_item.ordinal 
_pdbx_audit_revision_item.revision_ordinal 
_pdbx_audit_revision_item.data_content_type 
_pdbx_audit_revision_item.item 
1 2 'Structure model' '_database_2.pdbx_DOI'                
2 2 'Structure model' '_database_2.pdbx_database_accession' 
# 
_pdbx_database_status.entry_id                        5QXW 
_pdbx_database_status.status_code                     REL 
_pdbx_database_status.status_code_sf                  REL 
_pdbx_database_status.status_code_mr                  ? 
_pdbx_database_status.status_code_cs                  ? 
_pdbx_database_status.recvd_initial_deposition_date   2020-02-11 
_pdbx_database_status.deposit_site                    RCSB 
_pdbx_database_status.process_site                    RCSB 
_pdbx_database_status.SG_entry                        ? 
_pdbx_database_status.pdb_format_compatible           Y 
_pdbx_database_status.methods_development_category    ? 
_pdbx_database_status.status_code_nmr_data            ? 
# 
loop_
_audit_author.name 
_audit_author.pdbx_ordinal 
'Snee, M.'         1 
'Talon, R.'        2 
'Fowley, D.'       3 
'Collins, P.'      4 
'Nelson, A.'       5 
'Arrowsmith, C.H.' 6 
'Bountra, C.'      7 
'Edwards, A.'      8 
'Von-Delft, F.'    9 
# 
_citation.id                        primary 
_citation.title                     'PanDDA analysis group deposition - Bromodomain of human ATAD2 fragment screening' 
_citation.journal_abbrev            'To Be Published' 
_citation.journal_volume            ? 
_citation.page_first                ? 
_citation.page_last                 ? 
_citation.year                      ? 
_citation.journal_id_ASTM           ? 
_citation.country                   ? 
_citation.journal_id_ISSN           ? 
_citation.journal_id_CSD            0353 
_citation.book_publisher            ? 
_citation.pdbx_database_id_PubMed   ? 
_citation.pdbx_database_id_DOI      ? 
# 
loop_
_citation_author.citation_id 
_citation_author.name 
_citation_author.identifier_ORCID 
_citation_author.ordinal 
primary 'Snee, M.'         ? 1 
primary 'Talon, R.'        ? 2 
primary 'Fowley, D.'       ? 3 
primary 'Collins, P.'      ? 4 
primary 'Nelson, A.'       ? 5 
primary 'Arrowsmith, C.H.' ? 6 
primary 'Bountra, C.'      ? 7 
primary 'Edwards, A.'      ? 8 
primary 'Von-Delft, F.'    ? 9 
# 
loop_
_entity.id 
_entity.type 
_entity.src_method 
_entity.pdbx_description 
_entity.formula_weight 
_entity.pdbx_number_of_molecules 
_entity.pdbx_ec 
_entity.pdbx_mutation 
_entity.pdbx_fragment 
_entity.details 
1 polymer     man 'ATPase family AAA domain-containing protein 2'              15512.562 1   3.6.1.3 ? ? ? 
2 non-polymer syn 'SULFATE ION'                                                96.063    2   ?       ? ? ? 
3 non-polymer syn 1,2-ETHANEDIOL                                               62.068    4   ?       ? ? ? 
4 non-polymer syn '(5R)-N-benzyl-5-ethyl-1-methyl-1,4-diazepane-5-carboxamide' 275.389   1   ?       ? ? ? 
5 water       nat water                                                        18.015    216 ?       ? ? ? 
# 
_entity_name_com.entity_id   1 
_entity_name_com.name        'AAA nuclear coregulator cancer-associated protein,ANCCA' 
# 
_entity_poly.entity_id                      1 
_entity_poly.type                           'polypeptide(L)' 
_entity_poly.nstd_linkage                   no 
_entity_poly.nstd_monomer                   no 
_entity_poly.pdbx_seq_one_letter_code       
;SMQEEDTFRELRIFLRNVTHRLAIDKRFRVFTKPVDPDEVPDYRTVIKEPMDLSSVISKIDLHKYLTVKDYLRDIDLICS
NALEYNPDRDPGDRLIRHRACALRDTAYAIIKEELDEDFEQLCEEIQESR
;
_entity_poly.pdbx_seq_one_letter_code_can   
;SMQEEDTFRELRIFLRNVTHRLAIDKRFRVFTKPVDPDEVPDYRTVIKEPMDLSSVISKIDLHKYLTVKDYLRDIDLICS
NALEYNPDRDPGDRLIRHRACALRDTAYAIIKEELDEDFEQLCEEIQESR
;
_entity_poly.pdbx_strand_id                 A 
_entity_poly.pdbx_target_identifier         ? 
# 
loop_
_pdbx_entity_nonpoly.entity_id 
_pdbx_entity_nonpoly.name 
_pdbx_entity_nonpoly.comp_id 
2 'SULFATE ION'                                                SO4 
3 1,2-ETHANEDIOL                                               EDO 
4 '(5R)-N-benzyl-5-ethyl-1-methyl-1,4-diazepane-5-carboxamide' RJJ 
5 water                                                        HOH 
# 
loop_
_entity_poly_seq.entity_id 
_entity_poly_seq.num 
_entity_poly_seq.mon_id 
_entity_poly_seq.hetero 
1 1   SER n 
1 2   MET n 
1 3   GLN n 
1 4   GLU n 
1 5   GLU n 
1 6   ASP n 
1 7   THR n 
1 8   PHE n 
1 9   ARG n 
1 10  GLU n 
1 11  LEU n 
1 12  ARG n 
1 13  ILE n 
1 14  PHE n 
1 15  LEU n 
1 16  ARG n 
1 17  ASN n 
1 18  VAL n 
1 19  THR n 
1 20  HIS n 
1 21  ARG n 
1 22  LEU n 
1 23  ALA n 
1 24  ILE n 
1 25  ASP n 
1 26  LYS n 
1 27  ARG n 
1 28  PHE n 
1 29  ARG n 
1 30  VAL n 
1 31  PHE n 
1 32  THR n 
1 33  LYS n 
1 34  PRO n 
1 35  VAL n 
1 36  ASP n 
1 37  PRO n 
1 38  ASP n 
1 39  GLU n 
1 40  VAL n 
1 41  PRO n 
1 42  ASP n 
1 43  TYR n 
1 44  ARG n 
1 45  THR n 
1 46  VAL n 
1 47  ILE n 
1 48  LYS n 
1 49  GLU n 
1 50  PRO n 
1 51  MET n 
1 52  ASP n 
1 53  LEU n 
1 54  SER n 
1 55  SER n 
1 56  VAL n 
1 57  ILE n 
1 58  SER n 
1 59  LYS n 
1 60  ILE n 
1 61  ASP n 
1 62  LEU n 
1 63  HIS n 
1 64  LYS n 
1 65  TYR n 
1 66  LEU n 
1 67  THR n 
1 68  VAL n 
1 69  LYS n 
1 70  ASP n 
1 71  TYR n 
1 72  LEU n 
1 73  ARG n 
1 74  ASP n 
1 75  ILE n 
1 76  ASP n 
1 77  LEU n 
1 78  ILE n 
1 79  CYS n 
1 80  SER n 
1 81  ASN n 
1 82  ALA n 
1 83  LEU n 
1 84  GLU n 
1 85  TYR n 
1 86  ASN n 
1 87  PRO n 
1 88  ASP n 
1 89  ARG n 
1 90  ASP n 
1 91  PRO n 
1 92  GLY n 
1 93  ASP n 
1 94  ARG n 
1 95  LEU n 
1 96  ILE n 
1 97  ARG n 
1 98  HIS n 
1 99  ARG n 
1 100 ALA n 
1 101 CYS n 
1 102 ALA n 
1 103 LEU n 
1 104 ARG n 
1 105 ASP n 
1 106 THR n 
1 107 ALA n 
1 108 TYR n 
1 109 ALA n 
1 110 ILE n 
1 111 ILE n 
1 112 LYS n 
1 113 GLU n 
1 114 GLU n 
1 115 LEU n 
1 116 ASP n 
1 117 GLU n 
1 118 ASP n 
1 119 PHE n 
1 120 GLU n 
1 121 GLN n 
1 122 LEU n 
1 123 CYS n 
1 124 GLU n 
1 125 GLU n 
1 126 ILE n 
1 127 GLN n 
1 128 GLU n 
1 129 SER n 
1 130 ARG n 
# 
_entity_src_gen.entity_id                          1 
_entity_src_gen.pdbx_src_id                        1 
_entity_src_gen.pdbx_alt_source_flag               sample 
_entity_src_gen.pdbx_seq_type                      'Biological sequence' 
_entity_src_gen.pdbx_beg_seq_num                   1 
_entity_src_gen.pdbx_end_seq_num                   130 
_entity_src_gen.gene_src_common_name               Human 
_entity_src_gen.gene_src_genus                     ? 
_entity_src_gen.pdbx_gene_src_gene                 'ATAD2, L16, PRO2000' 
_entity_src_gen.gene_src_species                   ? 
_entity_src_gen.gene_src_strain                    ? 
_entity_src_gen.gene_src_tissue                    ? 
_entity_src_gen.gene_src_tissue_fraction           ? 
_entity_src_gen.gene_src_details                   ? 
_entity_src_gen.pdbx_gene_src_fragment             ? 
_entity_src_gen.pdbx_gene_src_scientific_name      'Homo sapiens' 
_entity_src_gen.pdbx_gene_src_ncbi_taxonomy_id     9606 
_entity_src_gen.pdbx_gene_src_variant              ? 
_entity_src_gen.pdbx_gene_src_cell_line            ? 
_entity_src_gen.pdbx_gene_src_atcc                 ? 
_entity_src_gen.pdbx_gene_src_organ                ? 
_entity_src_gen.pdbx_gene_src_organelle            ? 
_entity_src_gen.pdbx_gene_src_cell                 ? 
_entity_src_gen.pdbx_gene_src_cellular_location    ? 
_entity_src_gen.host_org_common_name               ? 
_entity_src_gen.pdbx_host_org_scientific_name      'Escherichia coli' 
_entity_src_gen.pdbx_host_org_ncbi_taxonomy_id     562 
_entity_src_gen.host_org_genus                     ? 
_entity_src_gen.pdbx_host_org_gene                 ? 
_entity_src_gen.pdbx_host_org_organ                ? 
_entity_src_gen.host_org_species                   ? 
_entity_src_gen.pdbx_host_org_tissue               ? 
_entity_src_gen.pdbx_host_org_tissue_fraction      ? 
_entity_src_gen.pdbx_host_org_strain               ? 
_entity_src_gen.pdbx_host_org_variant              ? 
_entity_src_gen.pdbx_host_org_cell_line            ? 
_entity_src_gen.pdbx_host_org_atcc                 ? 
_entity_src_gen.pdbx_host_org_culture_collection   ? 
_entity_src_gen.pdbx_host_org_cell                 ? 
_entity_src_gen.pdbx_host_org_organelle            ? 
_entity_src_gen.pdbx_host_org_cellular_location    ? 
_entity_src_gen.pdbx_host_org_vector_type          ? 
_entity_src_gen.pdbx_host_org_vector               ? 
_entity_src_gen.host_org_details                   ? 
_entity_src_gen.expression_system_id               ? 
_entity_src_gen.plasmid_name                       ? 
_entity_src_gen.plasmid_details                    ? 
_entity_src_gen.pdbx_description                   ? 
# 
loop_
_chem_comp.id 
_chem_comp.type 
_chem_comp.mon_nstd_flag 
_chem_comp.name 
_chem_comp.pdbx_synonyms 
_chem_comp.formula 
_chem_comp.formula_weight 
ALA 'L-peptide linking' y ALANINE                                                      ?                 'C3 H7 N O2'     89.093  
ARG 'L-peptide linking' y ARGININE                                                     ?                 'C6 H15 N4 O2 1' 175.209 
ASN 'L-peptide linking' y ASPARAGINE                                                   ?                 'C4 H8 N2 O3'    132.118 
ASP 'L-peptide linking' y 'ASPARTIC ACID'                                              ?                 'C4 H7 N O4'     133.103 
CYS 'L-peptide linking' y CYSTEINE                                                     ?                 'C3 H7 N O2 S'   121.158 
EDO non-polymer         . 1,2-ETHANEDIOL                                               'ETHYLENE GLYCOL' 'C2 H6 O2'       62.068  
GLN 'L-peptide linking' y GLUTAMINE                                                    ?                 'C5 H10 N2 O3'   146.144 
GLU 'L-peptide linking' y 'GLUTAMIC ACID'                                              ?                 'C5 H9 N O4'     147.129 
GLY 'peptide linking'   y GLYCINE                                                      ?                 'C2 H5 N O2'     75.067  
HIS 'L-peptide linking' y HISTIDINE                                                    ?                 'C6 H10 N3 O2 1' 156.162 
HOH non-polymer         . WATER                                                        ?                 'H2 O'           18.015  
ILE 'L-peptide linking' y ISOLEUCINE                                                   ?                 'C6 H13 N O2'    131.173 
LEU 'L-peptide linking' y LEUCINE                                                      ?                 'C6 H13 N O2'    131.173 
LYS 'L-peptide linking' y LYSINE                                                       ?                 'C6 H15 N2 O2 1' 147.195 
MET 'L-peptide linking' y METHIONINE                                                   ?                 'C5 H11 N O2 S'  149.211 
PHE 'L-peptide linking' y PHENYLALANINE                                                ?                 'C9 H11 N O2'    165.189 
PRO 'L-peptide linking' y PROLINE                                                      ?                 'C5 H9 N O2'     115.130 
RJJ non-polymer         . '(5R)-N-benzyl-5-ethyl-1-methyl-1,4-diazepane-5-carboxamide' ?                 'C16 H25 N3 O'   275.389 
SER 'L-peptide linking' y SERINE                                                       ?                 'C3 H7 N O3'     105.093 
SO4 non-polymer         . 'SULFATE ION'                                                ?                 'O4 S -2'        96.063  
THR 'L-peptide linking' y THREONINE                                                    ?                 'C4 H9 N O3'     119.119 
TYR 'L-peptide linking' y TYROSINE                                                     ?                 'C9 H11 N O3'    181.189 
VAL 'L-peptide linking' y VALINE                                                       ?                 'C5 H11 N O2'    117.146 
# 
loop_
_pdbx_poly_seq_scheme.asym_id 
_pdbx_poly_seq_scheme.entity_id 
_pdbx_poly_seq_scheme.seq_id 
_pdbx_poly_seq_scheme.mon_id 
_pdbx_poly_seq_scheme.ndb_seq_num 
_pdbx_poly_seq_scheme.pdb_seq_num 
_pdbx_poly_seq_scheme.auth_seq_num 
_pdbx_poly_seq_scheme.pdb_mon_id 
_pdbx_poly_seq_scheme.auth_mon_id 
_pdbx_poly_seq_scheme.pdb_strand_id 
_pdbx_poly_seq_scheme.pdb_ins_code 
_pdbx_poly_seq_scheme.hetero 
A 1 1   SER 1   979  979  SER SER A . n 
A 1 2   MET 2   980  980  MET MET A . n 
A 1 3   GLN 3   981  981  GLN GLN A . n 
A 1 4   GLU 4   982  982  GLU GLU A . n 
A 1 5   GLU 5   983  983  GLU GLU A . n 
A 1 6   ASP 6   984  984  ASP ASP A . n 
A 1 7   THR 7   985  985  THR THR A . n 
A 1 8   PHE 8   986  986  PHE PHE A . n 
A 1 9   ARG 9   987  987  ARG ARG A . n 
A 1 10  GLU 10  988  988  GLU GLU A . n 
A 1 11  LEU 11  989  989  LEU LEU A . n 
A 1 12  ARG 12  990  990  ARG ARG A . n 
A 1 13  ILE 13  991  991  ILE ILE A . n 
A 1 14  PHE 14  992  992  PHE PHE A . n 
A 1 15  LEU 15  993  993  LEU LEU A . n 
A 1 16  ARG 16  994  994  ARG ARG A . n 
A 1 17  ASN 17  995  995  ASN ASN A . n 
A 1 18  VAL 18  996  996  VAL VAL A . n 
A 1 19  THR 19  997  997  THR THR A . n 
A 1 20  HIS 20  998  998  HIS HIS A . n 
A 1 21  ARG 21  999  999  ARG ARG A . n 
A 1 22  LEU 22  1000 1000 LEU LEU A . n 
A 1 23  ALA 23  1001 1001 ALA ALA A . n 
A 1 24  ILE 24  1002 1002 ILE ILE A . n 
A 1 25  ASP 25  1003 1003 ASP ASP A . n 
A 1 26  LYS 26  1004 1004 LYS LYS A . n 
A 1 27  ARG 27  1005 1005 ARG ARG A . n 
A 1 28  PHE 28  1006 1006 PHE PHE A . n 
A 1 29  ARG 29  1007 1007 ARG ARG A . n 
A 1 30  VAL 30  1008 1008 VAL VAL A . n 
A 1 31  PHE 31  1009 1009 PHE PHE A . n 
A 1 32  THR 32  1010 1010 THR THR A . n 
A 1 33  LYS 33  1011 1011 LYS LYS A . n 
A 1 34  PRO 34  1012 1012 PRO PRO A . n 
A 1 35  VAL 35  1013 1013 VAL VAL A . n 
A 1 36  ASP 36  1014 1014 ASP ASP A . n 
A 1 37  PRO 37  1015 1015 PRO PRO A . n 
A 1 38  ASP 38  1016 1016 ASP ASP A . n 
A 1 39  GLU 39  1017 1017 GLU GLU A . n 
A 1 40  VAL 40  1018 1018 VAL VAL A . n 
A 1 41  PRO 41  1019 1019 PRO PRO A . n 
A 1 42  ASP 42  1020 1020 ASP ASP A . n 
A 1 43  TYR 43  1021 1021 TYR TYR A . n 
A 1 44  ARG 44  1022 1022 ARG ARG A . n 
A 1 45  THR 45  1023 1023 THR THR A . n 
A 1 46  VAL 46  1024 1024 VAL VAL A . n 
A 1 47  ILE 47  1025 1025 ILE ILE A . n 
A 1 48  LYS 48  1026 1026 LYS LYS A . n 
A 1 49  GLU 49  1027 1027 GLU GLU A . n 
A 1 50  PRO 50  1028 1028 PRO PRO A . n 
A 1 51  MET 51  1029 1029 MET MET A . n 
A 1 52  ASP 52  1030 1030 ASP ASP A . n 
A 1 53  LEU 53  1031 1031 LEU LEU A . n 
A 1 54  SER 54  1032 1032 SER SER A . n 
A 1 55  SER 55  1033 1033 SER SER A . n 
A 1 56  VAL 56  1034 1034 VAL VAL A . n 
A 1 57  ILE 57  1035 1035 ILE ILE A . n 
A 1 58  SER 58  1036 1036 SER SER A . n 
A 1 59  LYS 59  1037 1037 LYS LYS A . n 
A 1 60  ILE 60  1038 1038 ILE ILE A . n 
A 1 61  ASP 61  1039 1039 ASP ASP A . n 
A 1 62  LEU 62  1040 1040 LEU LEU A . n 
A 1 63  HIS 63  1041 1041 HIS HIS A . n 
A 1 64  LYS 64  1042 1042 LYS LYS A . n 
A 1 65  TYR 65  1043 1043 TYR TYR A . n 
A 1 66  LEU 66  1044 1044 LEU LEU A . n 
A 1 67  THR 67  1045 1045 THR THR A . n 
A 1 68  VAL 68  1046 1046 VAL VAL A . n 
A 1 69  LYS 69  1047 1047 LYS LYS A . n 
A 1 70  ASP 70  1048 1048 ASP ASP A . n 
A 1 71  TYR 71  1049 1049 TYR TYR A . n 
A 1 72  LEU 72  1050 1050 LEU LEU A . n 
A 1 73  ARG 73  1051 1051 ARG ARG A . n 
A 1 74  ASP 74  1052 1052 ASP ASP A . n 
A 1 75  ILE 75  1053 1053 ILE ILE A . n 
A 1 76  ASP 76  1054 1054 ASP ASP A . n 
A 1 77  LEU 77  1055 1055 LEU LEU A . n 
A 1 78  ILE 78  1056 1056 ILE ILE A . n 
A 1 79  CYS 79  1057 1057 CYS CYS A . n 
A 1 80  SER 80  1058 1058 SER SER A . n 
A 1 81  ASN 81  1059 1059 ASN ASN A . n 
A 1 82  ALA 82  1060 1060 ALA ALA A . n 
A 1 83  LEU 83  1061 1061 LEU LEU A . n 
A 1 84  GLU 84  1062 1062 GLU GLU A . n 
A 1 85  TYR 85  1063 1063 TYR TYR A . n 
A 1 86  ASN 86  1064 1064 ASN ASN A . n 
A 1 87  PRO 87  1065 1065 PRO PRO A . n 
A 1 88  ASP 88  1066 1066 ASP ASP A . n 
A 1 89  ARG 89  1067 1067 ARG ARG A . n 
A 1 90  ASP 90  1068 1068 ASP ASP A . n 
A 1 91  PRO 91  1069 1069 PRO PRO A . n 
A 1 92  GLY 92  1070 1070 GLY GLY A . n 
A 1 93  ASP 93  1071 1071 ASP ASP A . n 
A 1 94  ARG 94  1072 1072 ARG ARG A . n 
A 1 95  LEU 95  1073 1073 LEU LEU A . n 
A 1 96  ILE 96  1074 1074 ILE ILE A . n 
A 1 97  ARG 97  1075 1075 ARG ARG A . n 
A 1 98  HIS 98  1076 1076 HIS HIS A . n 
A 1 99  ARG 99  1077 1077 ARG ARG A . n 
A 1 100 ALA 100 1078 1078 ALA ALA A . n 
A 1 101 CYS 101 1079 1079 CYS CYS A . n 
A 1 102 ALA 102 1080 1080 ALA ALA A . n 
A 1 103 LEU 103 1081 1081 LEU LEU A . n 
A 1 104 ARG 104 1082 1082 ARG ARG A . n 
A 1 105 ASP 105 1083 1083 ASP ASP A . n 
A 1 106 THR 106 1084 1084 THR THR A . n 
A 1 107 ALA 107 1085 1085 ALA ALA A . n 
A 1 108 TYR 108 1086 1086 TYR TYR A . n 
A 1 109 ALA 109 1087 1087 ALA ALA A . n 
A 1 110 ILE 110 1088 1088 ILE ILE A . n 
A 1 111 ILE 111 1089 1089 ILE ILE A . n 
A 1 112 LYS 112 1090 1090 LYS LYS A . n 
A 1 113 GLU 113 1091 1091 GLU GLU A . n 
A 1 114 GLU 114 1092 1092 GLU GLU A . n 
A 1 115 LEU 115 1093 1093 LEU LEU A . n 
A 1 116 ASP 116 1094 1094 ASP ASP A . n 
A 1 117 GLU 117 1095 1095 GLU GLU A . n 
A 1 118 ASP 118 1096 1096 ASP ASP A . n 
A 1 119 PHE 119 1097 1097 PHE PHE A . n 
A 1 120 GLU 120 1098 1098 GLU GLU A . n 
A 1 121 GLN 121 1099 1099 GLN GLN A . n 
A 1 122 LEU 122 1100 1100 LEU LEU A . n 
A 1 123 CYS 123 1101 1101 CYS CYS A . n 
A 1 124 GLU 124 1102 1102 GLU GLU A . n 
A 1 125 GLU 125 1103 1103 GLU GLU A . n 
A 1 126 ILE 126 1104 1104 ILE ILE A . n 
A 1 127 GLN 127 1105 1105 GLN GLN A . n 
A 1 128 GLU 128 1106 1106 GLU GLU A . n 
A 1 129 SER 129 1107 1107 SER SER A . n 
A 1 130 ARG 130 1108 1108 ARG ARG A . n 
# 
loop_
_pdbx_nonpoly_scheme.asym_id 
_pdbx_nonpoly_scheme.entity_id 
_pdbx_nonpoly_scheme.mon_id 
_pdbx_nonpoly_scheme.ndb_seq_num 
_pdbx_nonpoly_scheme.pdb_seq_num 
_pdbx_nonpoly_scheme.auth_seq_num 
_pdbx_nonpoly_scheme.pdb_mon_id 
_pdbx_nonpoly_scheme.auth_mon_id 
_pdbx_nonpoly_scheme.pdb_strand_id 
_pdbx_nonpoly_scheme.pdb_ins_code 
B 2 SO4 1   1201 1   SO4 SO4 A . 
C 2 SO4 1   1202 2   SO4 SO4 A . 
D 3 EDO 1   1203 3   EDO EDO A . 
E 3 EDO 1   1204 5   EDO EDO A . 
F 3 EDO 1   1205 6   EDO EDO A . 
G 4 RJJ 1   1206 1   RJJ LIG A . 
H 3 EDO 1   1207 101 EDO EDO A . 
I 5 HOH 1   1301 134 HOH HOH A . 
I 5 HOH 2   1302 158 HOH HOH A . 
I 5 HOH 3   1303 128 HOH HOH A . 
I 5 HOH 4   1304 256 HOH HOH A . 
I 5 HOH 5   1305 59  HOH HOH A . 
I 5 HOH 6   1306 184 HOH HOH A . 
I 5 HOH 7   1307 118 HOH HOH A . 
I 5 HOH 8   1308 107 HOH HOH A . 
I 5 HOH 9   1309 98  HOH HOH A . 
I 5 HOH 10  1310 79  HOH HOH A . 
I 5 HOH 11  1311 56  HOH HOH A . 
I 5 HOH 12  1312 172 HOH HOH A . 
I 5 HOH 13  1313 200 HOH HOH A . 
I 5 HOH 14  1314 129 HOH HOH A . 
I 5 HOH 15  1315 68  HOH HOH A . 
I 5 HOH 16  1316 27  HOH HOH A . 
I 5 HOH 17  1317 32  HOH HOH A . 
I 5 HOH 18  1318 50  HOH HOH A . 
I 5 HOH 19  1319 34  HOH HOH A . 
I 5 HOH 20  1320 64  HOH HOH A . 
I 5 HOH 21  1321 191 HOH HOH A . 
I 5 HOH 22  1322 5   HOH HOH A . 
I 5 HOH 23  1323 87  HOH HOH A . 
I 5 HOH 24  1324 194 HOH HOH A . 
I 5 HOH 25  1325 20  HOH HOH A . 
I 5 HOH 26  1326 23  HOH HOH A . 
I 5 HOH 27  1327 61  HOH HOH A . 
I 5 HOH 28  1328 189 HOH HOH A . 
I 5 HOH 29  1329 221 HOH HOH A . 
I 5 HOH 30  1330 215 HOH HOH A . 
I 5 HOH 31  1331 258 HOH HOH A . 
I 5 HOH 32  1332 28  HOH HOH A . 
I 5 HOH 33  1333 16  HOH HOH A . 
I 5 HOH 34  1334 109 HOH HOH A . 
I 5 HOH 35  1335 163 HOH HOH A . 
I 5 HOH 36  1336 106 HOH HOH A . 
I 5 HOH 37  1337 149 HOH HOH A . 
I 5 HOH 38  1338 144 HOH HOH A . 
I 5 HOH 39  1339 25  HOH HOH A . 
I 5 HOH 40  1340 13  HOH HOH A . 
I 5 HOH 41  1341 58  HOH HOH A . 
I 5 HOH 42  1342 19  HOH HOH A . 
I 5 HOH 43  1343 94  HOH HOH A . 
I 5 HOH 44  1344 33  HOH HOH A . 
I 5 HOH 45  1345 75  HOH HOH A . 
I 5 HOH 46  1346 42  HOH HOH A . 
I 5 HOH 47  1347 31  HOH HOH A . 
I 5 HOH 48  1348 187 HOH HOH A . 
I 5 HOH 49  1349 101 HOH HOH A . 
I 5 HOH 50  1350 17  HOH HOH A . 
I 5 HOH 51  1351 77  HOH HOH A . 
I 5 HOH 52  1352 30  HOH HOH A . 
I 5 HOH 53  1353 22  HOH HOH A . 
I 5 HOH 54  1354 7   HOH HOH A . 
I 5 HOH 55  1355 48  HOH HOH A . 
I 5 HOH 56  1356 201 HOH HOH A . 
I 5 HOH 57  1357 1   HOH HOH A . 
I 5 HOH 58  1358 2   HOH HOH A . 
I 5 HOH 59  1359 131 HOH HOH A . 
I 5 HOH 60  1360 88  HOH HOH A . 
I 5 HOH 61  1361 14  HOH HOH A . 
I 5 HOH 62  1362 259 HOH HOH A . 
I 5 HOH 63  1363 154 HOH HOH A . 
I 5 HOH 64  1364 197 HOH HOH A . 
I 5 HOH 65  1365 111 HOH HOH A . 
I 5 HOH 66  1366 80  HOH HOH A . 
I 5 HOH 67  1367 47  HOH HOH A . 
I 5 HOH 68  1368 175 HOH HOH A . 
I 5 HOH 69  1369 236 HOH HOH A . 
I 5 HOH 70  1370 9   HOH HOH A . 
I 5 HOH 71  1371 203 HOH HOH A . 
I 5 HOH 72  1372 24  HOH HOH A . 
I 5 HOH 73  1373 165 HOH HOH A . 
I 5 HOH 74  1374 142 HOH HOH A . 
I 5 HOH 75  1375 247 HOH HOH A . 
I 5 HOH 76  1376 176 HOH HOH A . 
I 5 HOH 77  1377 21  HOH HOH A . 
I 5 HOH 78  1378 99  HOH HOH A . 
I 5 HOH 79  1379 160 HOH HOH A . 
I 5 HOH 80  1380 120 HOH HOH A . 
I 5 HOH 81  1381 46  HOH HOH A . 
I 5 HOH 82  1382 155 HOH HOH A . 
I 5 HOH 83  1383 147 HOH HOH A . 
I 5 HOH 84  1384 253 HOH HOH A . 
I 5 HOH 85  1385 36  HOH HOH A . 
I 5 HOH 86  1386 70  HOH HOH A . 
I 5 HOH 87  1387 252 HOH HOH A . 
I 5 HOH 88  1388 76  HOH HOH A . 
I 5 HOH 89  1389 6   HOH HOH A . 
I 5 HOH 90  1390 83  HOH HOH A . 
I 5 HOH 91  1391 43  HOH HOH A . 
I 5 HOH 92  1392 55  HOH HOH A . 
I 5 HOH 93  1393 12  HOH HOH A . 
I 5 HOH 94  1394 139 HOH HOH A . 
I 5 HOH 95  1395 141 HOH HOH A . 
I 5 HOH 96  1396 62  HOH HOH A . 
I 5 HOH 97  1397 207 HOH HOH A . 
I 5 HOH 98  1398 100 HOH HOH A . 
I 5 HOH 99  1399 52  HOH HOH A . 
I 5 HOH 100 1400 29  HOH HOH A . 
I 5 HOH 101 1401 102 HOH HOH A . 
I 5 HOH 102 1402 54  HOH HOH A . 
I 5 HOH 103 1403 66  HOH HOH A . 
I 5 HOH 104 1404 51  HOH HOH A . 
I 5 HOH 105 1405 113 HOH HOH A . 
I 5 HOH 106 1406 179 HOH HOH A . 
I 5 HOH 107 1407 53  HOH HOH A . 
I 5 HOH 108 1408 73  HOH HOH A . 
I 5 HOH 109 1409 67  HOH HOH A . 
I 5 HOH 110 1410 92  HOH HOH A . 
I 5 HOH 111 1411 82  HOH HOH A . 
I 5 HOH 112 1412 78  HOH HOH A . 
I 5 HOH 113 1413 206 HOH HOH A . 
I 5 HOH 114 1414 3   HOH HOH A . 
I 5 HOH 115 1415 15  HOH HOH A . 
I 5 HOH 116 1416 11  HOH HOH A . 
I 5 HOH 117 1417 4   HOH HOH A . 
I 5 HOH 118 1418 45  HOH HOH A . 
I 5 HOH 119 1419 72  HOH HOH A . 
I 5 HOH 120 1420 85  HOH HOH A . 
I 5 HOH 121 1421 216 HOH HOH A . 
I 5 HOH 122 1422 240 HOH HOH A . 
I 5 HOH 123 1423 162 HOH HOH A . 
I 5 HOH 124 1424 132 HOH HOH A . 
I 5 HOH 125 1425 57  HOH HOH A . 
I 5 HOH 126 1426 18  HOH HOH A . 
I 5 HOH 127 1427 140 HOH HOH A . 
I 5 HOH 128 1428 130 HOH HOH A . 
I 5 HOH 129 1429 260 HOH HOH A . 
I 5 HOH 130 1430 116 HOH HOH A . 
I 5 HOH 131 1431 97  HOH HOH A . 
I 5 HOH 132 1432 90  HOH HOH A . 
I 5 HOH 133 1433 178 HOH HOH A . 
I 5 HOH 134 1434 124 HOH HOH A . 
I 5 HOH 135 1435 10  HOH HOH A . 
I 5 HOH 136 1436 49  HOH HOH A . 
I 5 HOH 137 1437 123 HOH HOH A . 
I 5 HOH 138 1438 26  HOH HOH A . 
I 5 HOH 139 1439 161 HOH HOH A . 
I 5 HOH 140 1440 180 HOH HOH A . 
I 5 HOH 141 1441 164 HOH HOH A . 
I 5 HOH 142 1442 209 HOH HOH A . 
I 5 HOH 143 1443 249 HOH HOH A . 
I 5 HOH 144 1444 95  HOH HOH A . 
I 5 HOH 145 1445 199 HOH HOH A . 
I 5 HOH 146 1446 188 HOH HOH A . 
I 5 HOH 147 1447 196 HOH HOH A . 
I 5 HOH 148 1448 114 HOH HOH A . 
I 5 HOH 149 1449 246 HOH HOH A . 
I 5 HOH 150 1450 96  HOH HOH A . 
I 5 HOH 151 1451 234 HOH HOH A . 
I 5 HOH 152 1452 254 HOH HOH A . 
I 5 HOH 153 1453 145 HOH HOH A . 
I 5 HOH 154 1454 105 HOH HOH A . 
I 5 HOH 155 1455 38  HOH HOH A . 
I 5 HOH 156 1456 39  HOH HOH A . 
I 5 HOH 157 1457 86  HOH HOH A . 
I 5 HOH 158 1458 89  HOH HOH A . 
I 5 HOH 159 1459 220 HOH HOH A . 
I 5 HOH 160 1460 81  HOH HOH A . 
I 5 HOH 161 1461 41  HOH HOH A . 
I 5 HOH 162 1462 122 HOH HOH A . 
I 5 HOH 163 1463 93  HOH HOH A . 
I 5 HOH 164 1464 115 HOH HOH A . 
I 5 HOH 165 1465 91  HOH HOH A . 
I 5 HOH 166 1466 110 HOH HOH A . 
I 5 HOH 167 1467 237 HOH HOH A . 
I 5 HOH 168 1468 152 HOH HOH A . 
I 5 HOH 169 1469 210 HOH HOH A . 
I 5 HOH 170 1470 186 HOH HOH A . 
I 5 HOH 171 1471 60  HOH HOH A . 
I 5 HOH 172 1472 217 HOH HOH A . 
I 5 HOH 173 1473 174 HOH HOH A . 
I 5 HOH 174 1474 177 HOH HOH A . 
I 5 HOH 175 1475 224 HOH HOH A . 
I 5 HOH 176 1476 167 HOH HOH A . 
I 5 HOH 177 1477 151 HOH HOH A . 
I 5 HOH 178 1478 257 HOH HOH A . 
I 5 HOH 179 1479 159 HOH HOH A . 
I 5 HOH 180 1480 225 HOH HOH A . 
I 5 HOH 181 1481 181 HOH HOH A . 
I 5 HOH 182 1482 150 HOH HOH A . 
I 5 HOH 183 1483 37  HOH HOH A . 
I 5 HOH 184 1484 84  HOH HOH A . 
I 5 HOH 185 1485 157 HOH HOH A . 
I 5 HOH 186 1486 8   HOH HOH A . 
I 5 HOH 187 1487 127 HOH HOH A . 
I 5 HOH 188 1488 243 HOH HOH A . 
I 5 HOH 189 1489 112 HOH HOH A . 
I 5 HOH 190 1490 103 HOH HOH A . 
I 5 HOH 191 1491 233 HOH HOH A . 
I 5 HOH 192 1492 125 HOH HOH A . 
I 5 HOH 193 1493 44  HOH HOH A . 
I 5 HOH 194 1494 250 HOH HOH A . 
I 5 HOH 195 1495 146 HOH HOH A . 
I 5 HOH 196 1496 71  HOH HOH A . 
I 5 HOH 197 1497 137 HOH HOH A . 
I 5 HOH 198 1498 148 HOH HOH A . 
I 5 HOH 199 1499 119 HOH HOH A . 
I 5 HOH 200 1500 74  HOH HOH A . 
I 5 HOH 201 1501 168 HOH HOH A . 
I 5 HOH 202 1502 251 HOH HOH A . 
I 5 HOH 203 1503 205 HOH HOH A . 
I 5 HOH 204 1504 248 HOH HOH A . 
I 5 HOH 205 1505 255 HOH HOH A . 
I 5 HOH 206 1506 63  HOH HOH A . 
I 5 HOH 207 1507 35  HOH HOH A . 
I 5 HOH 208 1508 211 HOH HOH A . 
I 5 HOH 209 1509 244 HOH HOH A . 
I 5 HOH 210 1510 183 HOH HOH A . 
I 5 HOH 211 1511 214 HOH HOH A . 
I 5 HOH 212 1512 219 HOH HOH A . 
I 5 HOH 213 1513 213 HOH HOH A . 
I 5 HOH 214 1514 121 HOH HOH A . 
I 5 HOH 215 1515 202 HOH HOH A . 
I 5 HOH 216 1516 136 HOH HOH A . 
# 
loop_
_pdbx_unobs_or_zero_occ_atoms.id 
_pdbx_unobs_or_zero_occ_atoms.PDB_model_num 
_pdbx_unobs_or_zero_occ_atoms.polymer_flag 
_pdbx_unobs_or_zero_occ_atoms.occupancy_flag 
_pdbx_unobs_or_zero_occ_atoms.auth_asym_id 
_pdbx_unobs_or_zero_occ_atoms.auth_comp_id 
_pdbx_unobs_or_zero_occ_atoms.auth_seq_id 
_pdbx_unobs_or_zero_occ_atoms.PDB_ins_code 
_pdbx_unobs_or_zero_occ_atoms.auth_atom_id 
_pdbx_unobs_or_zero_occ_atoms.label_alt_id 
_pdbx_unobs_or_zero_occ_atoms.label_asym_id 
_pdbx_unobs_or_zero_occ_atoms.label_comp_id 
_pdbx_unobs_or_zero_occ_atoms.label_seq_id 
_pdbx_unobs_or_zero_occ_atoms.label_atom_id 
1 1 Y 1 A LYS 1004 ? CG ? A LYS 26 CG 
2 1 Y 1 A LYS 1004 ? CD ? A LYS 26 CD 
3 1 Y 1 A LYS 1004 ? CE ? A LYS 26 CE 
4 1 Y 1 A LYS 1004 ? NZ ? A LYS 26 NZ 
# 
loop_
_software.pdbx_ordinal 
_software.name 
_software.version 
_software.date 
_software.type 
_software.contact_author 
_software.contact_author_email 
_software.classification 
_software.location 
_software.language 
_software.citation_id 
1 REFMAC      5.8.0238 ?               program 'Garib N. Murshudov' garib@ysbl.york.ac.uk    refinement        
http://www.ccp4.ac.uk/dist/html/refmac5.html        Fortran_77 ? 
2 Aimless     0.5.23   02/02/16        program 'Phil Evans'         ?                        'data scaling'    
http://www.mrc-lmb.cam.ac.uk/harry/pre/aimless.html ?          ? 
3 PDB_EXTRACT 3.23     'SEP. 23, 2016' package PDB                  deposit@deposit.rcsb.org 'data extraction' 
http://sw-tools.pdb.org/apps/PDB_EXTRACT/           C++        ? 
4 XDS         .        ?               program ?                    ?                        'data reduction'  ? ?          ? 
5 REFMAC      .        ?               program ?                    ?                        phasing           ? ?          ? 
# 
_cell.entry_id           5QXW 
_cell.length_a           80.190 
_cell.length_b           80.190 
_cell.length_c           139.193 
_cell.angle_alpha        90.000 
_cell.angle_beta         90.000 
_cell.angle_gamma        120.000 
_cell.Z_PDB              12 
_cell.pdbx_unique_axis   ? 
# 
_symmetry.entry_id                         5QXW 
_symmetry.space_group_name_H-M             'P 65 2 2' 
_symmetry.pdbx_full_space_group_name_H-M   ? 
_symmetry.cell_setting                     ? 
_symmetry.Int_Tables_number                179 
# 
_exptl.crystals_number   1 
_exptl.entry_id          5QXW 
_exptl.method            'X-RAY DIFFRACTION' 
# 
_exptl_crystal.id                    1 
_exptl_crystal.pdbx_mosaicity        0.060 
_exptl_crystal.pdbx_mosaicity_esd    ? 
_exptl_crystal.density_Matthews      4.2 
_exptl_crystal.density_diffrn        ? 
_exptl_crystal.density_meas          ? 
_exptl_crystal.density_meas_temp     ? 
_exptl_crystal.density_percent_sol   70.7 
_exptl_crystal.size_max              ? 
_exptl_crystal.size_mid              ? 
_exptl_crystal.size_min              ? 
_exptl_crystal.size_rad              ? 
_exptl_crystal.description           ? 
# 
_exptl_crystal_grow.crystal_id      1 
_exptl_crystal_grow.method          'VAPOR DIFFUSION, SITTING DROP' 
_exptl_crystal_grow.pH              5.5 
_exptl_crystal_grow.temp            277 
_exptl_crystal_grow.pdbx_details    '1.6M Ammonium Sulfate, 0.1M bis-tris pH 5.5' 
_exptl_crystal_grow.temp_details    ? 
_exptl_crystal_grow.pdbx_pH_range   ? 
# 
_diffrn.id                     1 
_diffrn.ambient_temp           100 
_diffrn.crystal_id             1 
_diffrn.ambient_temp_details   ? 
# 
_diffrn_detector.detector               PIXEL 
_diffrn_detector.type                   'DECTRIS PILATUS 6M' 
_diffrn_detector.pdbx_collection_date   2016-04-25 
_diffrn_detector.diffrn_id              1 
_diffrn_detector.details                ? 
# 
_diffrn_radiation.diffrn_id                        1 
_diffrn_radiation.wavelength_id                    1 
_diffrn_radiation.pdbx_diffrn_protocol             'SINGLE WAVELENGTH' 
_diffrn_radiation.pdbx_monochromatic_or_laue_m_l   ? 
_diffrn_radiation.monochromator                    ? 
_diffrn_radiation.pdbx_scattering_type             x-ray 
# 
_diffrn_radiation_wavelength.id           1 
_diffrn_radiation_wavelength.wavelength   0.92819 
_diffrn_radiation_wavelength.wt           1.0 
# 
_diffrn_source.diffrn_id                   1 
_diffrn_source.source                      SYNCHROTRON 
_diffrn_source.type                        'DIAMOND BEAMLINE I04-1' 
_diffrn_source.pdbx_wavelength_list        0.92819 
_diffrn_source.pdbx_synchrotron_site       Diamond 
_diffrn_source.pdbx_synchrotron_beamline   I04-1 
_diffrn_source.pdbx_wavelength             ? 
# 
_reflns.entry_id                     5QXW 
_reflns.pdbx_diffrn_id               1 
_reflns.pdbx_ordinal                 1 
_reflns.observed_criterion_sigma_I   ? 
_reflns.observed_criterion_sigma_F   ? 
_reflns.d_resolution_low             27.840 
_reflns.d_resolution_high            1.780 
_reflns.number_obs                   26205 
_reflns.number_all                   ? 
_reflns.percent_possible_obs         99.700 
_reflns.pdbx_Rmerge_I_obs            0.090 
_reflns.pdbx_Rsym_value              ? 
_reflns.pdbx_netI_over_sigmaI        27.400 
_reflns.B_iso_Wilson_estimate        ? 
_reflns.pdbx_redundancy              19.300 
_reflns.pdbx_Rrim_I_all              0.093 
_reflns.pdbx_Rpim_I_all              0.021 
_reflns.pdbx_CC_half                 1.000 
_reflns.pdbx_netI_over_av_sigmaI     ? 
_reflns.pdbx_number_measured_all     506612 
_reflns.pdbx_scaling_rejects         0 
_reflns.pdbx_chi_squared             ? 
_reflns.Rmerge_F_all                 ? 
_reflns.Rmerge_F_obs                 ? 
_reflns.observed_criterion_F_max     ? 
_reflns.observed_criterion_F_min     ? 
_reflns.observed_criterion_I_max     ? 
_reflns.observed_criterion_I_min     ? 
_reflns.pdbx_d_res_high_opt          ? 
_reflns.pdbx_d_res_low_opt           ? 
_reflns.details                      ? 
# 
loop_
_reflns_shell.pdbx_diffrn_id 
_reflns_shell.pdbx_ordinal 
_reflns_shell.d_res_high 
_reflns_shell.d_res_low 
_reflns_shell.number_measured_obs 
_reflns_shell.number_measured_all 
_reflns_shell.number_unique_obs 
_reflns_shell.pdbx_rejects 
_reflns_shell.Rmerge_I_obs 
_reflns_shell.meanI_over_sigI_obs 
_reflns_shell.pdbx_Rsym_value 
_reflns_shell.pdbx_chi_squared 
_reflns_shell.pdbx_redundancy 
_reflns_shell.percent_possible_obs 
_reflns_shell.pdbx_netI_over_sigmaI_obs 
_reflns_shell.number_possible 
_reflns_shell.number_unique_all 
_reflns_shell.Rmerge_F_all 
_reflns_shell.Rmerge_F_obs 
_reflns_shell.Rmerge_I_all 
_reflns_shell.meanI_over_sigI_all 
_reflns_shell.percent_possible_all 
_reflns_shell.pdbx_Rrim_I_all 
_reflns_shell.pdbx_Rpim_I_all 
_reflns_shell.pdbx_CC_half 
1 1 1.780 1.820  ? 35137 ? ? 0.852 ? ? ? 19.100 ? 4.000  ? 1838 ? ? ? ? 96.200 0.875 0.196 0.892 
1 2 7.950 27.840 ? 6106  ? ? 0.030 ? ? ? 16.500 ? 86.700 ? 370  ? ? ? ? 97.900 0.031 0.007 1.000 
# 
_refine.entry_id                                 5QXW 
_refine.pdbx_refine_id                           'X-RAY DIFFRACTION' 
_refine.ls_d_res_high                            1.7800 
_refine.ls_d_res_low                             27.8200 
_refine.pdbx_ls_sigma_F                          0.000 
_refine.pdbx_data_cutoff_high_absF               ? 
_refine.pdbx_data_cutoff_low_absF                ? 
_refine.ls_percent_reflns_obs                    99.5900 
_refine.ls_number_reflns_obs                     24833 
_refine.ls_number_reflns_all                     ? 
_refine.pdbx_ls_cross_valid_method               THROUGHOUT 
_refine.ls_matrix_type                           ? 
_refine.pdbx_R_Free_selection_details            RANDOM 
_refine.details                                  
'HYDROGENS HAVE BEEN ADDED IN THE RIDING POSITIONS U VALUES      : REFINED INDIVIDUALLY' 
_refine.ls_R_factor_all                          ? 
_refine.ls_R_factor_obs                          0.1662 
_refine.ls_R_factor_R_work                       0.1652 
_refine.ls_wR_factor_R_work                      ? 
_refine.ls_R_factor_R_free                       0.1852 
_refine.ls_wR_factor_R_free                      ? 
_refine.ls_percent_reflns_R_free                 5.0000 
_refine.ls_number_reflns_R_free                  1314 
_refine.ls_number_reflns_R_work                  ? 
_refine.ls_R_factor_R_free_error                 ? 
_refine.B_iso_mean                               26.6830 
_refine.solvent_model_param_bsol                 ? 
_refine.solvent_model_param_ksol                 ? 
_refine.pdbx_isotropic_thermal_model             ? 
_refine.aniso_B[1][1]                            0.0900 
_refine.aniso_B[2][2]                            0.0900 
_refine.aniso_B[3][3]                            -0.2800 
_refine.aniso_B[1][2]                            0.0400 
_refine.aniso_B[1][3]                            0.0000 
_refine.aniso_B[2][3]                            -0.0000 
_refine.correlation_coeff_Fo_to_Fc               0.9630 
_refine.correlation_coeff_Fo_to_Fc_free          0.9580 
_refine.overall_SU_R_Cruickshank_DPI             ? 
_refine.pdbx_overall_SU_R_free_Cruickshank_DPI   ? 
_refine.pdbx_overall_SU_R_Blow_DPI               ? 
_refine.pdbx_overall_SU_R_free_Blow_DPI          ? 
_refine.overall_SU_R_free                        ? 
_refine.pdbx_overall_ESU_R                       0.1090 
_refine.pdbx_overall_ESU_R_Free                  0.0990 
_refine.overall_SU_ML                            0.0650 
_refine.overall_SU_B                             2.0430 
_refine.solvent_model_details                    MASK 
_refine.pdbx_solvent_vdw_probe_radii             1.2000 
_refine.pdbx_solvent_ion_probe_radii             0.8000 
_refine.pdbx_solvent_shrinkage_radii             0.8000 
_refine.ls_number_parameters                     ? 
_refine.ls_number_restraints                     ? 
_refine.pdbx_starting_model                      3DAI 
_refine.pdbx_method_to_determine_struct          'FOURIER SYNTHESIS' 
_refine.pdbx_stereochemistry_target_values       'MAXIMUM LIKELIHOOD' 
_refine.pdbx_stereochem_target_val_spec_case     ? 
_refine.overall_FOM_work_R_set                   ? 
_refine.B_iso_max                                122.050 
_refine.B_iso_min                                11.630 
_refine.pdbx_overall_phase_error                 ? 
_refine.occupancy_max                            ? 
_refine.occupancy_min                            ? 
_refine.pdbx_diffrn_id                           1 
_refine.pdbx_TLS_residual_ADP_flag               ? 
_refine.pdbx_ls_sigma_I                          ? 
_refine.pdbx_data_cutoff_high_rms_absF           ? 
_refine.ls_R_factor_R_free_error_details         ? 
# 
_refine_hist.cycle_id                         final 
_refine_hist.pdbx_refine_id                   'X-RAY DIFFRACTION' 
_refine_hist.d_res_high                       1.7800 
_refine_hist.d_res_low                        27.8200 
_refine_hist.pdbx_number_atoms_ligand         46 
_refine_hist.number_atoms_solvent             216 
_refine_hist.number_atoms_total               1346 
_refine_hist.pdbx_number_residues_total       130 
_refine_hist.pdbx_B_iso_mean_ligand           41.33 
_refine_hist.pdbx_B_iso_mean_solvent          45.39 
_refine_hist.pdbx_number_atoms_protein        1084 
_refine_hist.pdbx_number_atoms_nucleic_acid   0 
# 
loop_
_refine_ls_restr.pdbx_refine_id 
_refine_ls_restr.type 
_refine_ls_restr.number 
_refine_ls_restr.dev_ideal 
_refine_ls_restr.dev_ideal_target 
_refine_ls_restr.weight 
_refine_ls_restr.pdbx_restraint_function 
'X-RAY DIFFRACTION' r_bond_refined_d       2986 0.011  0.016  ? ? 
'X-RAY DIFFRACTION' r_bond_other_d         1793 0.001  0.017  ? ? 
'X-RAY DIFFRACTION' r_angle_refined_deg    2747 1.789  1.703  ? ? 
'X-RAY DIFFRACTION' r_angle_other_deg      4188 1.422  1.654  ? ? 
'X-RAY DIFFRACTION' r_dihedral_angle_1_deg 274  4.614  5.000  ? ? 
'X-RAY DIFFRACTION' r_dihedral_angle_2_deg 136  26.667 20.147 ? ? 
'X-RAY DIFFRACTION' r_dihedral_angle_3_deg 356  15.361 15.000 ? ? 
'X-RAY DIFFRACTION' r_dihedral_angle_4_deg 29   15.196 15.000 ? ? 
'X-RAY DIFFRACTION' r_chiral_restr         244  0.095  0.200  ? ? 
'X-RAY DIFFRACTION' r_gen_planes_refined   2510 0.009  0.020  ? ? 
'X-RAY DIFFRACTION' r_gen_planes_other     487  0.003  0.020  ? ? 
'X-RAY DIFFRACTION' r_mcbond_it            1368 1.889  2.147  ? ? 
'X-RAY DIFFRACTION' r_mcbond_other         1303 1.925  2.064  ? ? 
'X-RAY DIFFRACTION' r_mcangle_it           1242 3.266  3.135  ? ? 
# 
_refine_ls_shell.d_res_high                       1.7770 
_refine_ls_shell.d_res_low                        1.8230 
_refine_ls_shell.pdbx_total_number_of_bins_used   20 
_refine_ls_shell.percent_reflns_obs               95.8700 
_refine_ls_shell.number_reflns_R_work             1731 
_refine_ls_shell.R_factor_all                     ? 
_refine_ls_shell.R_factor_R_work                  0.2340 
_refine_ls_shell.R_factor_R_free                  0.2370 
_refine_ls_shell.percent_reflns_R_free            ? 
_refine_ls_shell.number_reflns_R_free             103 
_refine_ls_shell.R_factor_R_free_error            ? 
_refine_ls_shell.number_reflns_all                1834 
_refine_ls_shell.number_reflns_obs                ? 
_refine_ls_shell.pdbx_refine_id                   'X-RAY DIFFRACTION' 
# 
_struct.entry_id                  5QXW 
_struct.title                     'PanDDA analysis group deposition -- Crystal Structure of ATAD2 in complex with RZ189' 
_struct.pdbx_model_details        ? 
_struct.pdbx_CASP_flag            ? 
_struct.pdbx_model_type_details   ? 
# 
_struct_keywords.entry_id        5QXW 
_struct_keywords.text            
'SGC - Diamond I04-1 fragment screening, PanDDA, XChemExplorer, HYDROLASE-HYDROLASE INHIBITOR complex' 
_struct_keywords.pdbx_keywords   'HYDROLASE/HYDROLASE INHIBITOR' 
# 
loop_
_struct_asym.id 
_struct_asym.pdbx_blank_PDB_chainid_flag 
_struct_asym.pdbx_modified 
_struct_asym.entity_id 
_struct_asym.details 
A N N 1 ? 
B N N 2 ? 
C N N 2 ? 
D N N 3 ? 
E N N 3 ? 
F N N 3 ? 
G N N 4 ? 
H N N 3 ? 
I N N 5 ? 
# 
_struct_ref.id                         1 
_struct_ref.db_name                    UNP 
_struct_ref.db_code                    ATAD2_HUMAN 
_struct_ref.pdbx_db_accession          Q6PL18 
_struct_ref.pdbx_db_isoform            ? 
_struct_ref.entity_id                  1 
_struct_ref.pdbx_seq_one_letter_code   
;QEEDTFRELRIFLRNVTHRLAIDKRFRVFTKPVDPDEVPDYVTVIKQPMDLSSVISKIDLHKYLTVKDYLRDIDLICSNA
LEYNPDRDPGDRLIRHRACALRDTAYAIIKEELDEDFEQLCEEIQESR
;
_struct_ref.pdbx_align_begin           981 
# 
_struct_ref_seq.align_id                      1 
_struct_ref_seq.ref_id                        1 
_struct_ref_seq.pdbx_PDB_id_code              5QXW 
_struct_ref_seq.pdbx_strand_id                A 
_struct_ref_seq.seq_align_beg                 3 
_struct_ref_seq.pdbx_seq_align_beg_ins_code   ? 
_struct_ref_seq.seq_align_end                 130 
_struct_ref_seq.pdbx_seq_align_end_ins_code   ? 
_struct_ref_seq.pdbx_db_accession             Q6PL18 
_struct_ref_seq.db_align_beg                  981 
_struct_ref_seq.pdbx_db_align_beg_ins_code    ? 
_struct_ref_seq.db_align_end                  1108 
_struct_ref_seq.pdbx_db_align_end_ins_code    ? 
_struct_ref_seq.pdbx_auth_seq_align_beg       981 
_struct_ref_seq.pdbx_auth_seq_align_end       1108 
# 
loop_
_struct_ref_seq_dif.align_id 
_struct_ref_seq_dif.pdbx_pdb_id_code 
_struct_ref_seq_dif.mon_id 
_struct_ref_seq_dif.pdbx_pdb_strand_id 
_struct_ref_seq_dif.seq_num 
_struct_ref_seq_dif.pdbx_pdb_ins_code 
_struct_ref_seq_dif.pdbx_seq_db_name 
_struct_ref_seq_dif.pdbx_seq_db_accession_code 
_struct_ref_seq_dif.db_mon_id 
_struct_ref_seq_dif.pdbx_seq_db_seq_num 
_struct_ref_seq_dif.details 
_struct_ref_seq_dif.pdbx_auth_seq_num 
_struct_ref_seq_dif.pdbx_ordinal 
1 5QXW SER A 1  ? UNP Q6PL18 ?   ?    'expression tag' 979  1 
1 5QXW MET A 2  ? UNP Q6PL18 ?   ?    'expression tag' 980  2 
1 5QXW ARG A 44 ? UNP Q6PL18 VAL 1022 conflict         1022 3 
1 5QXW GLU A 49 ? UNP Q6PL18 GLN 1027 conflict         1027 4 
# 
_pdbx_struct_assembly.id                   1 
_pdbx_struct_assembly.details              author_and_software_defined_assembly 
_pdbx_struct_assembly.method_details       PISA 
_pdbx_struct_assembly.oligomeric_details   monomeric 
_pdbx_struct_assembly.oligomeric_count     1 
# 
_pdbx_struct_assembly_gen.assembly_id       1 
_pdbx_struct_assembly_gen.oper_expression   1 
_pdbx_struct_assembly_gen.asym_id_list      A,B,C,D,E,F,G,H,I 
# 
_pdbx_struct_oper_list.id                   1 
_pdbx_struct_oper_list.type                 'identity operation' 
_pdbx_struct_oper_list.name                 1_555 
_pdbx_struct_oper_list.symmetry_operation   x,y,z 
_pdbx_struct_oper_list.matrix[1][1]         1.0000000000 
_pdbx_struct_oper_list.matrix[1][2]         0.0000000000 
_pdbx_struct_oper_list.matrix[1][3]         0.0000000000 
_pdbx_struct_oper_list.vector[1]            0.0000000000 
_pdbx_struct_oper_list.matrix[2][1]         0.0000000000 
_pdbx_struct_oper_list.matrix[2][2]         1.0000000000 
_pdbx_struct_oper_list.matrix[2][3]         0.0000000000 
_pdbx_struct_oper_list.vector[2]            0.0000000000 
_pdbx_struct_oper_list.matrix[3][1]         0.0000000000 
_pdbx_struct_oper_list.matrix[3][2]         0.0000000000 
_pdbx_struct_oper_list.matrix[3][3]         1.0000000000 
_pdbx_struct_oper_list.vector[3]            0.0000000000 
# 
loop_
_struct_conf.conf_type_id 
_struct_conf.id 
_struct_conf.pdbx_PDB_helix_id 
_struct_conf.beg_label_comp_id 
_struct_conf.beg_label_asym_id 
_struct_conf.beg_label_seq_id 
_struct_conf.pdbx_beg_PDB_ins_code 
_struct_conf.end_label_comp_id 
_struct_conf.end_label_asym_id 
_struct_conf.end_label_seq_id 
_struct_conf.pdbx_end_PDB_ins_code 
_struct_conf.beg_auth_comp_id 
_struct_conf.beg_auth_asym_id 
_struct_conf.beg_auth_seq_id 
_struct_conf.end_auth_comp_id 
_struct_conf.end_auth_asym_id 
_struct_conf.end_auth_seq_id 
_struct_conf.pdbx_PDB_helix_class 
_struct_conf.details 
_struct_conf.pdbx_PDB_helix_length 
HELX_P HELX_P1 AA1 SER A 1   ? ILE A 24  ? SER A 979  ILE A 1002 1 ? 24 
HELX_P HELX_P2 AA2 ASP A 25  ? THR A 32  ? ASP A 1003 THR A 1010 5 ? 8  
HELX_P HELX_P3 AA3 ASP A 42  ? ILE A 47  ? ASP A 1020 ILE A 1025 1 ? 6  
HELX_P HELX_P4 AA4 ASP A 52  ? LEU A 62  ? ASP A 1030 LEU A 1040 1 ? 11 
HELX_P HELX_P5 AA5 THR A 67  ? ASN A 86  ? THR A 1045 ASN A 1064 1 ? 20 
HELX_P HELX_P6 AA6 ASP A 90  ? LEU A 115 ? ASP A 1068 LEU A 1093 1 ? 26 
HELX_P HELX_P7 AA7 ASP A 116 ? SER A 129 ? ASP A 1094 SER A 1107 1 ? 14 
# 
_struct_conf_type.id          HELX_P 
_struct_conf_type.criteria    ? 
_struct_conf_type.reference   ? 
# 
loop_
_struct_site.id 
_struct_site.pdbx_evidence_code 
_struct_site.pdbx_auth_asym_id 
_struct_site.pdbx_auth_comp_id 
_struct_site.pdbx_auth_seq_id 
_struct_site.pdbx_auth_ins_code 
_struct_site.pdbx_num_residues 
_struct_site.details 
AC1 Software A SO4 1201 ? 8 'binding site for residue SO4 A 1201' 
AC2 Software A SO4 1202 ? 5 'binding site for residue SO4 A 1202' 
AC3 Software A EDO 1203 ? 4 'binding site for residue EDO A 1203' 
AC4 Software A EDO 1204 ? 5 'binding site for residue EDO A 1204' 
AC5 Software A EDO 1205 ? 4 'binding site for residue EDO A 1205' 
AC6 Software A RJJ 1206 ? 8 'binding site for residue RJJ A 1206' 
AC7 Software A EDO 1207 ? 2 'binding site for residue EDO A 1207' 
# 
loop_
_struct_site_gen.id 
_struct_site_gen.site_id 
_struct_site_gen.pdbx_num_res 
_struct_site_gen.label_comp_id 
_struct_site_gen.label_asym_id 
_struct_site_gen.label_seq_id 
_struct_site_gen.pdbx_auth_ins_code 
_struct_site_gen.auth_comp_id 
_struct_site_gen.auth_asym_id 
_struct_site_gen.auth_seq_id 
_struct_site_gen.label_atom_id 
_struct_site_gen.label_alt_id 
_struct_site_gen.symmetry 
_struct_site_gen.details 
1  AC1 8 ARG A 9   ? ARG A 987  . ? 6_654  ? 
2  AC1 8 ARG A 12  ? ARG A 990  . ? 6_654  ? 
3  AC1 8 ARG A 16  ? ARG A 994  . ? 6_654  ? 
4  AC1 8 ARG A 89  ? ARG A 1067 . ? 1_555  ? 
5  AC1 8 ARG A 94  ? ARG A 1072 . ? 1_555  ? 
6  AC1 8 HOH I .   ? HOH A 1304 . ? 1_555  ? 
7  AC1 8 HOH I .   ? HOH A 1413 . ? 1_555  ? 
8  AC1 8 HOH I .   ? HOH A 1428 . ? 1_555  ? 
9  AC2 5 LYS A 64  ? LYS A 1042 . ? 12_564 ? 
10 AC2 5 LYS A 64  ? LYS A 1042 . ? 1_555  ? 
11 AC2 5 HOH I .   ? HOH A 1319 . ? 12_564 ? 
12 AC2 5 HOH I .   ? HOH A 1319 . ? 1_555  ? 
13 AC2 5 HOH I .   ? HOH A 1424 . ? 1_555  ? 
14 AC3 4 GLU A 10  ? GLU A 988  . ? 1_555  ? 
15 AC3 4 ASP A 116 ? ASP A 1094 . ? 1_555  ? 
16 AC3 4 HOH I .   ? HOH A 1358 . ? 1_555  ? 
17 AC3 4 HOH I .   ? HOH A 1375 . ? 1_555  ? 
18 AC4 5 GLU A 113 ? GLU A 1091 . ? 1_555  ? 
19 AC4 5 GLU A 114 ? GLU A 1092 . ? 1_555  ? 
20 AC4 5 LEU A 115 ? LEU A 1093 . ? 1_555  ? 
21 AC4 5 ASP A 116 ? ASP A 1094 . ? 1_555  ? 
22 AC4 5 HOH I .   ? HOH A 1348 . ? 1_555  ? 
23 AC5 4 PRO A 50  ? PRO A 1028 . ? 12_564 ? 
24 AC5 4 SER A 58  ? SER A 1036 . ? 1_555  ? 
25 AC5 4 HOH I .   ? HOH A 1326 . ? 1_555  ? 
26 AC5 4 HOH I .   ? HOH A 1388 . ? 1_555  ? 
27 AC6 8 HIS A 20  ? HIS A 998  . ? 1_555  ? 
28 AC6 8 ALA A 23  ? ALA A 1001 . ? 1_555  ? 
29 AC6 8 ARG A 29  ? ARG A 1007 . ? 1_555  ? 
30 AC6 8 THR A 32  ? THR A 1010 . ? 1_555  ? 
31 AC6 8 LEU A 53  ? LEU A 1031 . ? 1_555  ? 
32 AC6 8 SER A 54  ? SER A 1032 . ? 1_555  ? 
33 AC6 8 EDO H .   ? EDO A 1207 . ? 1_555  ? 
34 AC6 8 HOH I .   ? HOH A 1331 . ? 1_555  ? 
35 AC7 2 ARG A 29  ? ARG A 1007 . ? 1_555  ? 
36 AC7 2 RJJ G .   ? RJJ A 1206 . ? 1_555  ? 
# 
loop_
_pdbx_validate_close_contact.id 
_pdbx_validate_close_contact.PDB_model_num 
_pdbx_validate_close_contact.auth_atom_id_1 
_pdbx_validate_close_contact.auth_asym_id_1 
_pdbx_validate_close_contact.auth_comp_id_1 
_pdbx_validate_close_contact.auth_seq_id_1 
_pdbx_validate_close_contact.PDB_ins_code_1 
_pdbx_validate_close_contact.label_alt_id_1 
_pdbx_validate_close_contact.auth_atom_id_2 
_pdbx_validate_close_contact.auth_asym_id_2 
_pdbx_validate_close_contact.auth_comp_id_2 
_pdbx_validate_close_contact.auth_seq_id_2 
_pdbx_validate_close_contact.PDB_ins_code_2 
_pdbx_validate_close_contact.label_alt_id_2 
_pdbx_validate_close_contact.dist 
1  1 O   A HOH 1384 ? ? O A HOH 1478 ? ? 1.45 
2  1 O   A HOH 1465 ? ? O A HOH 1487 ? ? 1.77 
3  1 O   A HOH 1441 ? ? O A HOH 1509 ? ? 1.82 
4  1 O   A HOH 1380 ? ? O A HOH 1410 ? ? 1.91 
5  1 OE1 A GLU 983  ? ? O A HOH 1301 ? ? 1.92 
6  1 O   A HOH 1436 ? ? O A HOH 1464 ? ? 1.92 
7  1 O   A HOH 1397 ? ? O A HOH 1503 ? ? 1.93 
8  1 O   A HOH 1436 ? ? O A HOH 1499 ? ? 1.99 
9  1 O   A HOH 1317 ? ? O A HOH 1418 ? ? 2.01 
10 1 OD2 A ASP 1020 ? ? O A HOH 1302 ? ? 2.06 
11 1 O   A HOH 1392 ? ? O A HOH 1430 ? ? 2.08 
12 1 O   A HOH 1374 ? ? O A HOH 1432 ? ? 2.10 
13 1 OD1 A ASP 1066 ? ? O A HOH 1303 ? ? 2.11 
14 1 O1  A SO4 1201 ? ? O A HOH 1304 ? ? 2.12 
15 1 O   A HOH 1452 ? ? O A HOH 1505 ? ? 2.17 
16 1 O   A HOH 1490 ? ? O A HOH 1496 ? ? 2.18 
# 
_pdbx_validate_symm_contact.id                1 
_pdbx_validate_symm_contact.PDB_model_num     1 
_pdbx_validate_symm_contact.auth_atom_id_1    O 
_pdbx_validate_symm_contact.auth_asym_id_1    A 
_pdbx_validate_symm_contact.auth_comp_id_1    HOH 
_pdbx_validate_symm_contact.auth_seq_id_1     1412 
_pdbx_validate_symm_contact.PDB_ins_code_1    ? 
_pdbx_validate_symm_contact.label_alt_id_1    ? 
_pdbx_validate_symm_contact.site_symmetry_1   1_555 
_pdbx_validate_symm_contact.auth_atom_id_2    O 
_pdbx_validate_symm_contact.auth_asym_id_2    A 
_pdbx_validate_symm_contact.auth_comp_id_2    HOH 
_pdbx_validate_symm_contact.auth_seq_id_2     1481 
_pdbx_validate_symm_contact.PDB_ins_code_2    ? 
_pdbx_validate_symm_contact.label_alt_id_2    ? 
_pdbx_validate_symm_contact.site_symmetry_2   10_665 
_pdbx_validate_symm_contact.dist              1.91 
# 
_pdbx_validate_rmsd_bond.id                        1 
_pdbx_validate_rmsd_bond.PDB_model_num             1 
_pdbx_validate_rmsd_bond.auth_atom_id_1            CD 
_pdbx_validate_rmsd_bond.auth_asym_id_1            A 
_pdbx_validate_rmsd_bond.auth_comp_id_1            GLU 
_pdbx_validate_rmsd_bond.auth_seq_id_1             1027 
_pdbx_validate_rmsd_bond.PDB_ins_code_1            ? 
_pdbx_validate_rmsd_bond.label_alt_id_1            ? 
_pdbx_validate_rmsd_bond.auth_atom_id_2            OE2 
_pdbx_validate_rmsd_bond.auth_asym_id_2            A 
_pdbx_validate_rmsd_bond.auth_comp_id_2            GLU 
_pdbx_validate_rmsd_bond.auth_seq_id_2             1027 
_pdbx_validate_rmsd_bond.PDB_ins_code_2            ? 
_pdbx_validate_rmsd_bond.label_alt_id_2            ? 
_pdbx_validate_rmsd_bond.bond_value                1.338 
_pdbx_validate_rmsd_bond.bond_target_value         1.252 
_pdbx_validate_rmsd_bond.bond_deviation            0.086 
_pdbx_validate_rmsd_bond.bond_standard_deviation   0.011 
_pdbx_validate_rmsd_bond.linker_flag               N 
# 
loop_
_pdbx_validate_rmsd_angle.id 
_pdbx_validate_rmsd_angle.PDB_model_num 
_pdbx_validate_rmsd_angle.auth_atom_id_1 
_pdbx_validate_rmsd_angle.auth_asym_id_1 
_pdbx_validate_rmsd_angle.auth_comp_id_1 
_pdbx_validate_rmsd_angle.auth_seq_id_1 
_pdbx_validate_rmsd_angle.PDB_ins_code_1 
_pdbx_validate_rmsd_angle.label_alt_id_1 
_pdbx_validate_rmsd_angle.auth_atom_id_2 
_pdbx_validate_rmsd_angle.auth_asym_id_2 
_pdbx_validate_rmsd_angle.auth_comp_id_2 
_pdbx_validate_rmsd_angle.auth_seq_id_2 
_pdbx_validate_rmsd_angle.PDB_ins_code_2 
_pdbx_validate_rmsd_angle.label_alt_id_2 
_pdbx_validate_rmsd_angle.auth_atom_id_3 
_pdbx_validate_rmsd_angle.auth_asym_id_3 
_pdbx_validate_rmsd_angle.auth_comp_id_3 
_pdbx_validate_rmsd_angle.auth_seq_id_3 
_pdbx_validate_rmsd_angle.PDB_ins_code_3 
_pdbx_validate_rmsd_angle.label_alt_id_3 
_pdbx_validate_rmsd_angle.angle_value 
_pdbx_validate_rmsd_angle.angle_target_value 
_pdbx_validate_rmsd_angle.angle_deviation 
_pdbx_validate_rmsd_angle.angle_standard_deviation 
_pdbx_validate_rmsd_angle.linker_flag 
1 1 NE A ARG 994  ? ? CZ A ARG 994  ? ? NH1 A ARG 994  ? ? 124.78 120.30 4.48   0.50 N 
2 1 NE A ARG 994  ? ? CZ A ARG 994  ? ? NH2 A ARG 994  ? ? 116.74 120.30 -3.56  0.50 N 
3 1 NE A ARG 1067 ? ? CZ A ARG 1067 ? ? NH2 A ARG 1067 ? ? 116.30 120.30 -4.00  0.50 N 
4 1 CG A ARG 1082 ? ? CD A ARG 1082 ? ? NE  A ARG 1082 ? ? 93.86  111.80 -17.94 2.10 N 
# 
loop_
_pdbx_struct_special_symmetry.id 
_pdbx_struct_special_symmetry.PDB_model_num 
_pdbx_struct_special_symmetry.auth_asym_id 
_pdbx_struct_special_symmetry.auth_comp_id 
_pdbx_struct_special_symmetry.auth_seq_id 
_pdbx_struct_special_symmetry.PDB_ins_code 
_pdbx_struct_special_symmetry.label_asym_id 
_pdbx_struct_special_symmetry.label_comp_id 
_pdbx_struct_special_symmetry.label_seq_id 
1 1 A SO4 1202 ? C SO4 . 
2 1 A HOH 1320 ? I HOH . 
# 
_phasing.method   MR 
# 
_pdbx_entry_details.entry_id                 5QXW 
_pdbx_entry_details.has_ligand_of_interest   Y 
_pdbx_entry_details.compound_details         ? 
_pdbx_entry_details.source_details           ? 
_pdbx_entry_details.nonpolymer_details       ? 
_pdbx_entry_details.sequence_details         ? 
# 
loop_
_chem_comp_atom.comp_id 
_chem_comp_atom.atom_id 
_chem_comp_atom.type_symbol 
_chem_comp_atom.pdbx_aromatic_flag 
_chem_comp_atom.pdbx_stereo_config 
_chem_comp_atom.pdbx_ordinal 
ALA N    N N N 1   
ALA CA   C N S 2   
ALA C    C N N 3   
ALA O    O N N 4   
ALA CB   C N N 5   
ALA OXT  O N N 6   
ALA H    H N N 7   
ALA H2   H N N 8   
ALA HA   H N N 9   
ALA HB1  H N N 10  
ALA HB2  H N N 11  
ALA HB3  H N N 12  
ALA HXT  H N N 13  
ARG N    N N N 14  
ARG CA   C N S 15  
ARG C    C N N 16  
ARG O    O N N 17  
ARG CB   C N N 18  
ARG CG   C N N 19  
ARG CD   C N N 20  
ARG NE   N N N 21  
ARG CZ   C N N 22  
ARG NH1  N N N 23  
ARG NH2  N N N 24  
ARG OXT  O N N 25  
ARG H    H N N 26  
ARG H2   H N N 27  
ARG HA   H N N 28  
ARG HB2  H N N 29  
ARG HB3  H N N 30  
ARG HG2  H N N 31  
ARG HG3  H N N 32  
ARG HD2  H N N 33  
ARG HD3  H N N 34  
ARG HE   H N N 35  
ARG HH11 H N N 36  
ARG HH12 H N N 37  
ARG HH21 H N N 38  
ARG HH22 H N N 39  
ARG HXT  H N N 40  
ASN N    N N N 41  
ASN CA   C N S 42  
ASN C    C N N 43  
ASN O    O N N 44  
ASN CB   C N N 45  
ASN CG   C N N 46  
ASN OD1  O N N 47  
ASN ND2  N N N 48  
ASN OXT  O N N 49  
ASN H    H N N 50  
ASN H2   H N N 51  
ASN HA   H N N 52  
ASN HB2  H N N 53  
ASN HB3  H N N 54  
ASN HD21 H N N 55  
ASN HD22 H N N 56  
ASN HXT  H N N 57  
ASP N    N N N 58  
ASP CA   C N S 59  
ASP C    C N N 60  
ASP O    O N N 61  
ASP CB   C N N 62  
ASP CG   C N N 63  
ASP OD1  O N N 64  
ASP OD2  O N N 65  
ASP OXT  O N N 66  
ASP H    H N N 67  
ASP H2   H N N 68  
ASP HA   H N N 69  
ASP HB2  H N N 70  
ASP HB3  H N N 71  
ASP HD2  H N N 72  
ASP HXT  H N N 73  
CYS N    N N N 74  
CYS CA   C N R 75  
CYS C    C N N 76  
CYS O    O N N 77  
CYS CB   C N N 78  
CYS SG   S N N 79  
CYS OXT  O N N 80  
CYS H    H N N 81  
CYS H2   H N N 82  
CYS HA   H N N 83  
CYS HB2  H N N 84  
CYS HB3  H N N 85  
CYS HG   H N N 86  
CYS HXT  H N N 87  
EDO C1   C N N 88  
EDO O1   O N N 89  
EDO C2   C N N 90  
EDO O2   O N N 91  
EDO H11  H N N 92  
EDO H12  H N N 93  
EDO HO1  H N N 94  
EDO H21  H N N 95  
EDO H22  H N N 96  
EDO HO2  H N N 97  
GLN N    N N N 98  
GLN CA   C N S 99  
GLN C    C N N 100 
GLN O    O N N 101 
GLN CB   C N N 102 
GLN CG   C N N 103 
GLN CD   C N N 104 
GLN OE1  O N N 105 
GLN NE2  N N N 106 
GLN OXT  O N N 107 
GLN H    H N N 108 
GLN H2   H N N 109 
GLN HA   H N N 110 
GLN HB2  H N N 111 
GLN HB3  H N N 112 
GLN HG2  H N N 113 
GLN HG3  H N N 114 
GLN HE21 H N N 115 
GLN HE22 H N N 116 
GLN HXT  H N N 117 
GLU N    N N N 118 
GLU CA   C N S 119 
GLU C    C N N 120 
GLU O    O N N 121 
GLU CB   C N N 122 
GLU CG   C N N 123 
GLU CD   C N N 124 
GLU OE1  O N N 125 
GLU OE2  O N N 126 
GLU OXT  O N N 127 
GLU H    H N N 128 
GLU H2   H N N 129 
GLU HA   H N N 130 
GLU HB2  H N N 131 
GLU HB3  H N N 132 
GLU HG2  H N N 133 
GLU HG3  H N N 134 
GLU HE2  H N N 135 
GLU HXT  H N N 136 
GLY N    N N N 137 
GLY CA   C N N 138 
GLY C    C N N 139 
GLY O    O N N 140 
GLY OXT  O N N 141 
GLY H    H N N 142 
GLY H2   H N N 143 
GLY HA2  H N N 144 
GLY HA3  H N N 145 
GLY HXT  H N N 146 
HIS N    N N N 147 
HIS CA   C N S 148 
HIS C    C N N 149 
HIS O    O N N 150 
HIS CB   C N N 151 
HIS CG   C Y N 152 
HIS ND1  N Y N 153 
HIS CD2  C Y N 154 
HIS CE1  C Y N 155 
HIS NE2  N Y N 156 
HIS OXT  O N N 157 
HIS H    H N N 158 
HIS H2   H N N 159 
HIS HA   H N N 160 
HIS HB2  H N N 161 
HIS HB3  H N N 162 
HIS HD1  H N N 163 
HIS HD2  H N N 164 
HIS HE1  H N N 165 
HIS HE2  H N N 166 
HIS HXT  H N N 167 
HOH O    O N N 168 
HOH H1   H N N 169 
HOH H2   H N N 170 
ILE N    N N N 171 
ILE CA   C N S 172 
ILE C    C N N 173 
ILE O    O N N 174 
ILE CB   C N S 175 
ILE CG1  C N N 176 
ILE CG2  C N N 177 
ILE CD1  C N N 178 
ILE OXT  O N N 179 
ILE H    H N N 180 
ILE H2   H N N 181 
ILE HA   H N N 182 
ILE HB   H N N 183 
ILE HG12 H N N 184 
ILE HG13 H N N 185 
ILE HG21 H N N 186 
ILE HG22 H N N 187 
ILE HG23 H N N 188 
ILE HD11 H N N 189 
ILE HD12 H N N 190 
ILE HD13 H N N 191 
ILE HXT  H N N 192 
LEU N    N N N 193 
LEU CA   C N S 194 
LEU C    C N N 195 
LEU O    O N N 196 
LEU CB   C N N 197 
LEU CG   C N N 198 
LEU CD1  C N N 199 
LEU CD2  C N N 200 
LEU OXT  O N N 201 
LEU H    H N N 202 
LEU H2   H N N 203 
LEU HA   H N N 204 
LEU HB2  H N N 205 
LEU HB3  H N N 206 
LEU HG   H N N 207 
LEU HD11 H N N 208 
LEU HD12 H N N 209 
LEU HD13 H N N 210 
LEU HD21 H N N 211 
LEU HD22 H N N 212 
LEU HD23 H N N 213 
LEU HXT  H N N 214 
LYS N    N N N 215 
LYS CA   C N S 216 
LYS C    C N N 217 
LYS O    O N N 218 
LYS CB   C N N 219 
LYS CG   C N N 220 
LYS CD   C N N 221 
LYS CE   C N N 222 
LYS NZ   N N N 223 
LYS OXT  O N N 224 
LYS H    H N N 225 
LYS H2   H N N 226 
LYS HA   H N N 227 
LYS HB2  H N N 228 
LYS HB3  H N N 229 
LYS HG2  H N N 230 
LYS HG3  H N N 231 
LYS HD2  H N N 232 
LYS HD3  H N N 233 
LYS HE2  H N N 234 
LYS HE3  H N N 235 
LYS HZ1  H N N 236 
LYS HZ2  H N N 237 
LYS HZ3  H N N 238 
LYS HXT  H N N 239 
MET N    N N N 240 
MET CA   C N S 241 
MET C    C N N 242 
MET O    O N N 243 
MET CB   C N N 244 
MET CG   C N N 245 
MET SD   S N N 246 
MET CE   C N N 247 
MET OXT  O N N 248 
MET H    H N N 249 
MET H2   H N N 250 
MET HA   H N N 251 
MET HB2  H N N 252 
MET HB3  H N N 253 
MET HG2  H N N 254 
MET HG3  H N N 255 
MET HE1  H N N 256 
MET HE2  H N N 257 
MET HE3  H N N 258 
MET HXT  H N N 259 
PHE N    N N N 260 
PHE CA   C N S 261 
PHE C    C N N 262 
PHE O    O N N 263 
PHE CB   C N N 264 
PHE CG   C Y N 265 
PHE CD1  C Y N 266 
PHE CD2  C Y N 267 
PHE CE1  C Y N 268 
PHE CE2  C Y N 269 
PHE CZ   C Y N 270 
PHE OXT  O N N 271 
PHE H    H N N 272 
PHE H2   H N N 273 
PHE HA   H N N 274 
PHE HB2  H N N 275 
PHE HB3  H N N 276 
PHE HD1  H N N 277 
PHE HD2  H N N 278 
PHE HE1  H N N 279 
PHE HE2  H N N 280 
PHE HZ   H N N 281 
PHE HXT  H N N 282 
PRO N    N N N 283 
PRO CA   C N S 284 
PRO C    C N N 285 
PRO O    O N N 286 
PRO CB   C N N 287 
PRO CG   C N N 288 
PRO CD   C N N 289 
PRO OXT  O N N 290 
PRO H    H N N 291 
PRO HA   H N N 292 
PRO HB2  H N N 293 
PRO HB3  H N N 294 
PRO HG2  H N N 295 
PRO HG3  H N N 296 
PRO HD2  H N N 297 
PRO HD3  H N N 298 
PRO HXT  H N N 299 
RJJ C10  C Y N 300 
RJJ C13  C Y N 301 
RJJ C15  C N N 302 
RJJ C17  C N N 303 
RJJ C01  C N N 304 
RJJ C02  C N N 305 
RJJ C03  C N R 306 
RJJ C04  C N N 307 
RJJ C07  C N N 308 
RJJ C08  C Y N 309 
RJJ C09  C Y N 310 
RJJ C11  C Y N 311 
RJJ C12  C Y N 312 
RJJ C14  C N N 313 
RJJ C18  C N N 314 
RJJ C19  C N N 315 
RJJ N06  N N N 316 
RJJ N16  N N N 317 
RJJ N20  N N N 318 
RJJ O05  O N N 319 
RJJ H1   H N N 320 
RJJ H2   H N N 321 
RJJ H3   H N N 322 
RJJ H4   H N N 323 
RJJ H5   H N N 324 
RJJ H6   H N N 325 
RJJ H7   H N N 326 
RJJ H8   H N N 327 
RJJ H9   H N N 328 
RJJ H10  H N N 329 
RJJ H11  H N N 330 
RJJ H12  H N N 331 
RJJ H13  H N N 332 
RJJ H14  H N N 333 
RJJ H15  H N N 334 
RJJ H16  H N N 335 
RJJ H17  H N N 336 
RJJ H18  H N N 337 
RJJ H19  H N N 338 
RJJ H20  H N N 339 
RJJ H21  H N N 340 
RJJ H22  H N N 341 
RJJ H23  H N N 342 
RJJ H24  H N N 343 
RJJ H26  H N N 344 
SER N    N N N 345 
SER CA   C N S 346 
SER C    C N N 347 
SER O    O N N 348 
SER CB   C N N 349 
SER OG   O N N 350 
SER OXT  O N N 351 
SER H    H N N 352 
SER H2   H N N 353 
SER HA   H N N 354 
SER HB2  H N N 355 
SER HB3  H N N 356 
SER HG   H N N 357 
SER HXT  H N N 358 
SO4 S    S N N 359 
SO4 O1   O N N 360 
SO4 O2   O N N 361 
SO4 O3   O N N 362 
SO4 O4   O N N 363 
THR N    N N N 364 
THR CA   C N S 365 
THR C    C N N 366 
THR O    O N N 367 
THR CB   C N R 368 
THR OG1  O N N 369 
THR CG2  C N N 370 
THR OXT  O N N 371 
THR H    H N N 372 
THR H2   H N N 373 
THR HA   H N N 374 
THR HB   H N N 375 
THR HG1  H N N 376 
THR HG21 H N N 377 
THR HG22 H N N 378 
THR HG23 H N N 379 
THR HXT  H N N 380 
TYR N    N N N 381 
TYR CA   C N S 382 
TYR C    C N N 383 
TYR O    O N N 384 
TYR CB   C N N 385 
TYR CG   C Y N 386 
TYR CD1  C Y N 387 
TYR CD2  C Y N 388 
TYR CE1  C Y N 389 
TYR CE2  C Y N 390 
TYR CZ   C Y N 391 
TYR OH   O N N 392 
TYR OXT  O N N 393 
TYR H    H N N 394 
TYR H2   H N N 395 
TYR HA   H N N 396 
TYR HB2  H N N 397 
TYR HB3  H N N 398 
TYR HD1  H N N 399 
TYR HD2  H N N 400 
TYR HE1  H N N 401 
TYR HE2  H N N 402 
TYR HH   H N N 403 
TYR HXT  H N N 404 
VAL N    N N N 405 
VAL CA   C N S 406 
VAL C    C N N 407 
VAL O    O N N 408 
VAL CB   C N N 409 
VAL CG1  C N N 410 
VAL CG2  C N N 411 
VAL OXT  O N N 412 
VAL H    H N N 413 
VAL H2   H N N 414 
VAL HA   H N N 415 
VAL HB   H N N 416 
VAL HG11 H N N 417 
VAL HG12 H N N 418 
VAL HG13 H N N 419 
VAL HG21 H N N 420 
VAL HG22 H N N 421 
VAL HG23 H N N 422 
VAL HXT  H N N 423 
# 
loop_
_chem_comp_bond.comp_id 
_chem_comp_bond.atom_id_1 
_chem_comp_bond.atom_id_2 
_chem_comp_bond.value_order 
_chem_comp_bond.pdbx_aromatic_flag 
_chem_comp_bond.pdbx_stereo_config 
_chem_comp_bond.pdbx_ordinal 
ALA N   CA   sing N N 1   
ALA N   H    sing N N 2   
ALA N   H2   sing N N 3   
ALA CA  C    sing N N 4   
ALA CA  CB   sing N N 5   
ALA CA  HA   sing N N 6   
ALA C   O    doub N N 7   
ALA C   OXT  sing N N 8   
ALA CB  HB1  sing N N 9   
ALA CB  HB2  sing N N 10  
ALA CB  HB3  sing N N 11  
ALA OXT HXT  sing N N 12  
ARG N   CA   sing N N 13  
ARG N   H    sing N N 14  
ARG N   H2   sing N N 15  
ARG CA  C    sing N N 16  
ARG CA  CB   sing N N 17  
ARG CA  HA   sing N N 18  
ARG C   O    doub N N 19  
ARG C   OXT  sing N N 20  
ARG CB  CG   sing N N 21  
ARG CB  HB2  sing N N 22  
ARG CB  HB3  sing N N 23  
ARG CG  CD   sing N N 24  
ARG CG  HG2  sing N N 25  
ARG CG  HG3  sing N N 26  
ARG CD  NE   sing N N 27  
ARG CD  HD2  sing N N 28  
ARG CD  HD3  sing N N 29  
ARG NE  CZ   sing N N 30  
ARG NE  HE   sing N N 31  
ARG CZ  NH1  sing N N 32  
ARG CZ  NH2  doub N N 33  
ARG NH1 HH11 sing N N 34  
ARG NH1 HH12 sing N N 35  
ARG NH2 HH21 sing N N 36  
ARG NH2 HH22 sing N N 37  
ARG OXT HXT  sing N N 38  
ASN N   CA   sing N N 39  
ASN N   H    sing N N 40  
ASN N   H2   sing N N 41  
ASN CA  C    sing N N 42  
ASN CA  CB   sing N N 43  
ASN CA  HA   sing N N 44  
ASN C   O    doub N N 45  
ASN C   OXT  sing N N 46  
ASN CB  CG   sing N N 47  
ASN CB  HB2  sing N N 48  
ASN CB  HB3  sing N N 49  
ASN CG  OD1  doub N N 50  
ASN CG  ND2  sing N N 51  
ASN ND2 HD21 sing N N 52  
ASN ND2 HD22 sing N N 53  
ASN OXT HXT  sing N N 54  
ASP N   CA   sing N N 55  
ASP N   H    sing N N 56  
ASP N   H2   sing N N 57  
ASP CA  C    sing N N 58  
ASP CA  CB   sing N N 59  
ASP CA  HA   sing N N 60  
ASP C   O    doub N N 61  
ASP C   OXT  sing N N 62  
ASP CB  CG   sing N N 63  
ASP CB  HB2  sing N N 64  
ASP CB  HB3  sing N N 65  
ASP CG  OD1  doub N N 66  
ASP CG  OD2  sing N N 67  
ASP OD2 HD2  sing N N 68  
ASP OXT HXT  sing N N 69  
CYS N   CA   sing N N 70  
CYS N   H    sing N N 71  
CYS N   H2   sing N N 72  
CYS CA  C    sing N N 73  
CYS CA  CB   sing N N 74  
CYS CA  HA   sing N N 75  
CYS C   O    doub N N 76  
CYS C   OXT  sing N N 77  
CYS CB  SG   sing N N 78  
CYS CB  HB2  sing N N 79  
CYS CB  HB3  sing N N 80  
CYS SG  HG   sing N N 81  
CYS OXT HXT  sing N N 82  
EDO C1  O1   sing N N 83  
EDO C1  C2   sing N N 84  
EDO C1  H11  sing N N 85  
EDO C1  H12  sing N N 86  
EDO O1  HO1  sing N N 87  
EDO C2  O2   sing N N 88  
EDO C2  H21  sing N N 89  
EDO C2  H22  sing N N 90  
EDO O2  HO2  sing N N 91  
GLN N   CA   sing N N 92  
GLN N   H    sing N N 93  
GLN N   H2   sing N N 94  
GLN CA  C    sing N N 95  
GLN CA  CB   sing N N 96  
GLN CA  HA   sing N N 97  
GLN C   O    doub N N 98  
GLN C   OXT  sing N N 99  
GLN CB  CG   sing N N 100 
GLN CB  HB2  sing N N 101 
GLN CB  HB3  sing N N 102 
GLN CG  CD   sing N N 103 
GLN CG  HG2  sing N N 104 
GLN CG  HG3  sing N N 105 
GLN CD  OE1  doub N N 106 
GLN CD  NE2  sing N N 107 
GLN NE2 HE21 sing N N 108 
GLN NE2 HE22 sing N N 109 
GLN OXT HXT  sing N N 110 
GLU N   CA   sing N N 111 
GLU N   H    sing N N 112 
GLU N   H2   sing N N 113 
GLU CA  C    sing N N 114 
GLU CA  CB   sing N N 115 
GLU CA  HA   sing N N 116 
GLU C   O    doub N N 117 
GLU C   OXT  sing N N 118 
GLU CB  CG   sing N N 119 
GLU CB  HB2  sing N N 120 
GLU CB  HB3  sing N N 121 
GLU CG  CD   sing N N 122 
GLU CG  HG2  sing N N 123 
GLU CG  HG3  sing N N 124 
GLU CD  OE1  doub N N 125 
GLU CD  OE2  sing N N 126 
GLU OE2 HE2  sing N N 127 
GLU OXT HXT  sing N N 128 
GLY N   CA   sing N N 129 
GLY N   H    sing N N 130 
GLY N   H2   sing N N 131 
GLY CA  C    sing N N 132 
GLY CA  HA2  sing N N 133 
GLY CA  HA3  sing N N 134 
GLY C   O    doub N N 135 
GLY C   OXT  sing N N 136 
GLY OXT HXT  sing N N 137 
HIS N   CA   sing N N 138 
HIS N   H    sing N N 139 
HIS N   H2   sing N N 140 
HIS CA  C    sing N N 141 
HIS CA  CB   sing N N 142 
HIS CA  HA   sing N N 143 
HIS C   O    doub N N 144 
HIS C   OXT  sing N N 145 
HIS CB  CG   sing N N 146 
HIS CB  HB2  sing N N 147 
HIS CB  HB3  sing N N 148 
HIS CG  ND1  sing Y N 149 
HIS CG  CD2  doub Y N 150 
HIS ND1 CE1  doub Y N 151 
HIS ND1 HD1  sing N N 152 
HIS CD2 NE2  sing Y N 153 
HIS CD2 HD2  sing N N 154 
HIS CE1 NE2  sing Y N 155 
HIS CE1 HE1  sing N N 156 
HIS NE2 HE2  sing N N 157 
HIS OXT HXT  sing N N 158 
HOH O   H1   sing N N 159 
HOH O   H2   sing N N 160 
ILE N   CA   sing N N 161 
ILE N   H    sing N N 162 
ILE N   H2   sing N N 163 
ILE CA  C    sing N N 164 
ILE CA  CB   sing N N 165 
ILE CA  HA   sing N N 166 
ILE C   O    doub N N 167 
ILE C   OXT  sing N N 168 
ILE CB  CG1  sing N N 169 
ILE CB  CG2  sing N N 170 
ILE CB  HB   sing N N 171 
ILE CG1 CD1  sing N N 172 
ILE CG1 HG12 sing N N 173 
ILE CG1 HG13 sing N N 174 
ILE CG2 HG21 sing N N 175 
ILE CG2 HG22 sing N N 176 
ILE CG2 HG23 sing N N 177 
ILE CD1 HD11 sing N N 178 
ILE CD1 HD12 sing N N 179 
ILE CD1 HD13 sing N N 180 
ILE OXT HXT  sing N N 181 
LEU N   CA   sing N N 182 
LEU N   H    sing N N 183 
LEU N   H2   sing N N 184 
LEU CA  C    sing N N 185 
LEU CA  CB   sing N N 186 
LEU CA  HA   sing N N 187 
LEU C   O    doub N N 188 
LEU C   OXT  sing N N 189 
LEU CB  CG   sing N N 190 
LEU CB  HB2  sing N N 191 
LEU CB  HB3  sing N N 192 
LEU CG  CD1  sing N N 193 
LEU CG  CD2  sing N N 194 
LEU CG  HG   sing N N 195 
LEU CD1 HD11 sing N N 196 
LEU CD1 HD12 sing N N 197 
LEU CD1 HD13 sing N N 198 
LEU CD2 HD21 sing N N 199 
LEU CD2 HD22 sing N N 200 
LEU CD2 HD23 sing N N 201 
LEU OXT HXT  sing N N 202 
LYS N   CA   sing N N 203 
LYS N   H    sing N N 204 
LYS N   H2   sing N N 205 
LYS CA  C    sing N N 206 
LYS CA  CB   sing N N 207 
LYS CA  HA   sing N N 208 
LYS C   O    doub N N 209 
LYS C   OXT  sing N N 210 
LYS CB  CG   sing N N 211 
LYS CB  HB2  sing N N 212 
LYS CB  HB3  sing N N 213 
LYS CG  CD   sing N N 214 
LYS CG  HG2  sing N N 215 
LYS CG  HG3  sing N N 216 
LYS CD  CE   sing N N 217 
LYS CD  HD2  sing N N 218 
LYS CD  HD3  sing N N 219 
LYS CE  NZ   sing N N 220 
LYS CE  HE2  sing N N 221 
LYS CE  HE3  sing N N 222 
LYS NZ  HZ1  sing N N 223 
LYS NZ  HZ2  sing N N 224 
LYS NZ  HZ3  sing N N 225 
LYS OXT HXT  sing N N 226 
MET N   CA   sing N N 227 
MET N   H    sing N N 228 
MET N   H2   sing N N 229 
MET CA  C    sing N N 230 
MET CA  CB   sing N N 231 
MET CA  HA   sing N N 232 
MET C   O    doub N N 233 
MET C   OXT  sing N N 234 
MET CB  CG   sing N N 235 
MET CB  HB2  sing N N 236 
MET CB  HB3  sing N N 237 
MET CG  SD   sing N N 238 
MET CG  HG2  sing N N 239 
MET CG  HG3  sing N N 240 
MET SD  CE   sing N N 241 
MET CE  HE1  sing N N 242 
MET CE  HE2  sing N N 243 
MET CE  HE3  sing N N 244 
MET OXT HXT  sing N N 245 
PHE N   CA   sing N N 246 
PHE N   H    sing N N 247 
PHE N   H2   sing N N 248 
PHE CA  C    sing N N 249 
PHE CA  CB   sing N N 250 
PHE CA  HA   sing N N 251 
PHE C   O    doub N N 252 
PHE C   OXT  sing N N 253 
PHE CB  CG   sing N N 254 
PHE CB  HB2  sing N N 255 
PHE CB  HB3  sing N N 256 
PHE CG  CD1  doub Y N 257 
PHE CG  CD2  sing Y N 258 
PHE CD1 CE1  sing Y N 259 
PHE CD1 HD1  sing N N 260 
PHE CD2 CE2  doub Y N 261 
PHE CD2 HD2  sing N N 262 
PHE CE1 CZ   doub Y N 263 
PHE CE1 HE1  sing N N 264 
PHE CE2 CZ   sing Y N 265 
PHE CE2 HE2  sing N N 266 
PHE CZ  HZ   sing N N 267 
PHE OXT HXT  sing N N 268 
PRO N   CA   sing N N 269 
PRO N   CD   sing N N 270 
PRO N   H    sing N N 271 
PRO CA  C    sing N N 272 
PRO CA  CB   sing N N 273 
PRO CA  HA   sing N N 274 
PRO C   O    doub N N 275 
PRO C   OXT  sing N N 276 
PRO CB  CG   sing N N 277 
PRO CB  HB2  sing N N 278 
PRO CB  HB3  sing N N 279 
PRO CG  CD   sing N N 280 
PRO CG  HG2  sing N N 281 
PRO CG  HG3  sing N N 282 
PRO CD  HD2  sing N N 283 
PRO CD  HD3  sing N N 284 
PRO OXT HXT  sing N N 285 
RJJ C12 C13  doub Y N 286 
RJJ C12 C11  sing Y N 287 
RJJ C13 C08  sing Y N 288 
RJJ C11 C10  doub Y N 289 
RJJ N20 C19  sing N N 290 
RJJ N20 C03  sing N N 291 
RJJ C08 C09  doub Y N 292 
RJJ C08 C07  sing N N 293 
RJJ C10 C09  sing Y N 294 
RJJ C19 C18  sing N N 295 
RJJ C02 C03  sing N N 296 
RJJ C02 C01  sing N N 297 
RJJ N06 C07  sing N N 298 
RJJ N06 C04  sing N N 299 
RJJ C03 C04  sing N N 300 
RJJ C03 C14  sing N N 301 
RJJ C18 N16  sing N N 302 
RJJ C04 O05  doub N N 303 
RJJ C14 C15  sing N N 304 
RJJ N16 C15  sing N N 305 
RJJ N16 C17  sing N N 306 
RJJ C10 H1   sing N N 307 
RJJ C13 H2   sing N N 308 
RJJ C15 H3   sing N N 309 
RJJ C15 H4   sing N N 310 
RJJ C17 H5   sing N N 311 
RJJ C17 H6   sing N N 312 
RJJ C17 H7   sing N N 313 
RJJ C01 H8   sing N N 314 
RJJ C01 H9   sing N N 315 
RJJ C01 H10  sing N N 316 
RJJ C02 H11  sing N N 317 
RJJ C02 H12  sing N N 318 
RJJ C07 H13  sing N N 319 
RJJ C07 H14  sing N N 320 
RJJ C09 H15  sing N N 321 
RJJ C11 H16  sing N N 322 
RJJ C12 H17  sing N N 323 
RJJ C14 H18  sing N N 324 
RJJ C14 H19  sing N N 325 
RJJ C18 H20  sing N N 326 
RJJ C18 H21  sing N N 327 
RJJ C19 H22  sing N N 328 
RJJ C19 H23  sing N N 329 
RJJ N06 H24  sing N N 330 
RJJ N20 H26  sing N N 331 
SER N   CA   sing N N 332 
SER N   H    sing N N 333 
SER N   H2   sing N N 334 
SER CA  C    sing N N 335 
SER CA  CB   sing N N 336 
SER CA  HA   sing N N 337 
SER C   O    doub N N 338 
SER C   OXT  sing N N 339 
SER CB  OG   sing N N 340 
SER CB  HB2  sing N N 341 
SER CB  HB3  sing N N 342 
SER OG  HG   sing N N 343 
SER OXT HXT  sing N N 344 
SO4 S   O1   doub N N 345 
SO4 S   O2   doub N N 346 
SO4 S   O3   sing N N 347 
SO4 S   O4   sing N N 348 
THR N   CA   sing N N 349 
THR N   H    sing N N 350 
THR N   H2   sing N N 351 
THR CA  C    sing N N 352 
THR CA  CB   sing N N 353 
THR CA  HA   sing N N 354 
THR C   O    doub N N 355 
THR C   OXT  sing N N 356 
THR CB  OG1  sing N N 357 
THR CB  CG2  sing N N 358 
THR CB  HB   sing N N 359 
THR OG1 HG1  sing N N 360 
THR CG2 HG21 sing N N 361 
THR CG2 HG22 sing N N 362 
THR CG2 HG23 sing N N 363 
THR OXT HXT  sing N N 364 
TYR N   CA   sing N N 365 
TYR N   H    sing N N 366 
TYR N   H2   sing N N 367 
TYR CA  C    sing N N 368 
TYR CA  CB   sing N N 369 
TYR CA  HA   sing N N 370 
TYR C   O    doub N N 371 
TYR C   OXT  sing N N 372 
TYR CB  CG   sing N N 373 
TYR CB  HB2  sing N N 374 
TYR CB  HB3  sing N N 375 
TYR CG  CD1  doub Y N 376 
TYR CG  CD2  sing Y N 377 
TYR CD1 CE1  sing Y N 378 
TYR CD1 HD1  sing N N 379 
TYR CD2 CE2  doub Y N 380 
TYR CD2 HD2  sing N N 381 
TYR CE1 CZ   doub Y N 382 
TYR CE1 HE1  sing N N 383 
TYR CE2 CZ   sing Y N 384 
TYR CE2 HE2  sing N N 385 
TYR CZ  OH   sing N N 386 
TYR OH  HH   sing N N 387 
TYR OXT HXT  sing N N 388 
VAL N   CA   sing N N 389 
VAL N   H    sing N N 390 
VAL N   H2   sing N N 391 
VAL CA  C    sing N N 392 
VAL CA  CB   sing N N 393 
VAL CA  HA   sing N N 394 
VAL C   O    doub N N 395 
VAL C   OXT  sing N N 396 
VAL CB  CG1  sing N N 397 
VAL CB  CG2  sing N N 398 
VAL CB  HB   sing N N 399 
VAL CG1 HG11 sing N N 400 
VAL CG1 HG12 sing N N 401 
VAL CG1 HG13 sing N N 402 
VAL CG2 HG21 sing N N 403 
VAL CG2 HG22 sing N N 404 
VAL CG2 HG23 sing N N 405 
VAL OXT HXT  sing N N 406 
# 
_pdbx_deposit_group.group_id            G_1002118 
_pdbx_deposit_group.group_description   
;Bromodomain of human ATAD2 screened against the Leeds 3D Fragment Library by X-ray Crystallography at the XChem
facility of Diamond Light Source beamline I04-1
;
_pdbx_deposit_group.group_title         'PanDDA analysis group deposition - Bromodomain of human ATAD2 fragment screening' 
_pdbx_deposit_group.group_type          'changed state' 
# 
_pdbx_entity_instance_feature.ordinal        1 
_pdbx_entity_instance_feature.comp_id        RJJ 
_pdbx_entity_instance_feature.asym_id        ? 
_pdbx_entity_instance_feature.seq_num        ? 
_pdbx_entity_instance_feature.auth_comp_id   RJJ 
_pdbx_entity_instance_feature.auth_asym_id   ? 
_pdbx_entity_instance_feature.auth_seq_num   ? 
_pdbx_entity_instance_feature.feature_type   'SUBJECT OF INVESTIGATION' 
_pdbx_entity_instance_feature.details        ? 
# 
_atom_sites.entry_id                    5QXW 
_atom_sites.fract_transf_matrix[1][1]   0.00460700 
_atom_sites.fract_transf_matrix[1][2]   -0.00651508 
_atom_sites.fract_transf_matrix[1][3]   -0.01198625 
_atom_sites.fract_transf_matrix[2][1]   -0.00863030 
_atom_sites.fract_transf_matrix[2][2]   -0.00086949 
_atom_sites.fract_transf_matrix[2][3]   -0.01149443 
_atom_sites.fract_transf_matrix[3][1]   0.00257907 
_atom_sites.fract_transf_matrix[3][2]   0.00625711 
_atom_sites.fract_transf_matrix[3][3]   -0.00240974 
_atom_sites.fract_transf_vector[1]      0.448527 
_atom_sites.fract_transf_vector[2]      0.598959 
_atom_sites.fract_transf_vector[3]      -0.026504 
# 
loop_
_atom_type.symbol 
C 
N 
O 
S 
# 
loop_
_atom_site.group_PDB 
_atom_site.id 
_atom_site.type_symbol 
_atom_site.label_atom_id 
_atom_site.label_alt_id 
_atom_site.label_comp_id 
_atom_site.label_asym_id 
_atom_site.label_entity_id 
_atom_site.label_seq_id 
_atom_site.pdbx_PDB_ins_code 
_atom_site.Cartn_x 
_atom_site.Cartn_y 
_atom_site.Cartn_z 
_atom_site.occupancy 
_atom_site.B_iso_or_equiv 
_atom_site.pdbx_formal_charge 
_atom_site.auth_seq_id 
_atom_site.auth_comp_id 
_atom_site.auth_asym_id 
_atom_site.auth_atom_id 
_atom_site.pdbx_PDB_model_num 
ATOM   1    N N   . SER A 1 1   ? -18.382 18.211  6.400   1.00 38.83  ? 979  SER A N   1 
ATOM   2    C CA  . SER A 1 1   ? -18.233 19.598  5.922   1.00 44.61  ? 979  SER A CA  1 
ATOM   3    C C   . SER A 1 1   ? -17.388 19.610  4.639   1.00 49.90  ? 979  SER A C   1 
ATOM   4    O O   . SER A 1 1   ? -16.771 18.552  4.303   1.00 39.38  ? 979  SER A O   1 
ATOM   5    C CB  . SER A 1 1   ? -17.618 20.467  6.980   1.00 47.57  ? 979  SER A CB  1 
ATOM   6    O OG  . SER A 1 1   ? -16.270 20.081  7.261   1.00 41.22  ? 979  SER A OG  1 
ATOM   7    N N   . MET A 1 2   ? -17.403 20.740  3.934   1.00 45.56  ? 980  MET A N   1 
ATOM   8    C CA  . MET A 1 2   ? -16.524 21.001  2.769   1.00 51.19  ? 980  MET A CA  1 
ATOM   9    C C   . MET A 1 2   ? -15.071 20.939  3.237   1.00 41.70  ? 980  MET A C   1 
ATOM   10   O O   . MET A 1 2   ? -14.248 20.418  2.501   1.00 37.78  ? 980  MET A O   1 
ATOM   11   C CB  . MET A 1 2   ? -16.781 22.387  2.162   1.00 63.62  ? 980  MET A CB  1 
ATOM   12   C CG  . MET A 1 2   ? -15.755 22.819  1.100   1.00 76.20  ? 980  MET A CG  1 
ATOM   13   S SD  . MET A 1 2   ? -16.075 22.142  -0.563  1.00 103.85 ? 980  MET A SD  1 
ATOM   14   C CE  . MET A 1 2   ? -15.624 20.412  -0.394  1.00 91.82  ? 980  MET A CE  1 
ATOM   15   N N   . GLN A 1 3   ? -14.747 21.499  4.396   1.00 34.82  ? 981  GLN A N   1 
ATOM   16   C CA  . GLN A 1 3   ? -13.355 21.531  4.888   1.00 40.00  ? 981  GLN A CA  1 
ATOM   17   C C   . GLN A 1 3   ? -12.898 20.080  5.101   1.00 30.19  ? 981  GLN A C   1 
ATOM   18   O O   . GLN A 1 3   ? -11.698 19.791  4.855   1.00 28.41  ? 981  GLN A O   1 
ATOM   19   C CB  . GLN A 1 3   ? -13.242 22.388  6.156   1.00 46.23  ? 981  GLN A CB  1 
ATOM   20   C CG  . GLN A 1 3   ? -13.787 23.811  5.964   1.00 61.54  ? 981  GLN A CG  1 
ATOM   21   C CD  . GLN A 1 3   ? -15.252 23.940  6.345   1.00 73.69  ? 981  GLN A CD  1 
ATOM   22   O OE1 . GLN A 1 3   ? -16.180 23.813  5.523   1.00 69.35  ? 981  GLN A OE1 1 
ATOM   23   N NE2 . GLN A 1 3   ? -15.481 24.151  7.633   1.00 82.58  ? 981  GLN A NE2 1 
ATOM   24   N N   . GLU A 1 4   ? -13.763 19.229  5.652   1.00 27.38  ? 982  GLU A N   1 
ATOM   25   C CA  . GLU A 1 4   ? -13.442 17.795  5.866   1.00 25.84  ? 982  GLU A CA  1 
ATOM   26   C C   . GLU A 1 4   ? -13.247 17.105  4.509   1.00 22.86  ? 982  GLU A C   1 
ATOM   27   O O   . GLU A 1 4   ? -12.237 16.286  4.383   1.00 19.69  ? 982  GLU A O   1 
ATOM   28   C CB  . GLU A 1 4   ? -14.467 17.078  6.743   1.00 25.13  ? 982  GLU A CB  1 
ATOM   29   C CG  . GLU A 1 4   ? -14.348 17.487  8.211   1.00 28.00  ? 982  GLU A CG  1 
ATOM   30   C CD  . GLU A 1 4   ? -15.507 17.020  9.072   1.00 33.30  ? 982  GLU A CD  1 
ATOM   31   O OE1 . GLU A 1 4   ? -16.499 16.584  8.458   1.00 33.02  ? 982  GLU A OE1 1 
ATOM   32   O OE2 . GLU A 1 4   ? -15.362 16.971  10.342  1.00 30.39  ? 982  GLU A OE2 1 
ATOM   33   N N   . GLU A 1 5   ? -14.099 17.364  3.505   1.00 21.68  ? 983  GLU A N   1 
ATOM   34   C CA  . GLU A 1 5   ? -13.861 16.773  2.157   1.00 24.54  ? 983  GLU A CA  1 
ATOM   35   C C   . GLU A 1 5   ? -12.521 17.287  1.576   1.00 22.88  ? 983  GLU A C   1 
ATOM   36   O O   . GLU A 1 5   ? -11.849 16.477  0.937   1.00 20.06  ? 983  GLU A O   1 
ATOM   37   C CB  . GLU A 1 5   ? -15.025 17.048  1.182   1.00 31.00  ? 983  GLU A CB  1 
ATOM   38   C CG  . GLU A 1 5   ? -16.286 16.293  1.622   1.00 39.43  ? 983  GLU A CG  1 
ATOM   39   C CD  . GLU A 1 5   ? -16.066 14.825  2.032   1.00 55.35  ? 983  GLU A CD  1 
ATOM   40   O OE1 . GLU A 1 5   ? -15.412 14.093  1.222   1.00 64.44  ? 983  GLU A OE1 1 
ATOM   41   O OE2 . GLU A 1 5   ? -16.491 14.387  3.187   1.00 61.01  ? 983  GLU A OE2 1 
ATOM   42   N N   . ASP A 1 6   ? -12.147 18.555  1.775   1.00 20.42  ? 984  ASP A N   1 
ATOM   43   C CA  . ASP A 1 6   ? -10.828 19.086  1.339   1.00 21.03  ? 984  ASP A CA  1 
ATOM   44   C C   . ASP A 1 6   ? -9.659  18.307  2.029   1.00 18.89  ? 984  ASP A C   1 
ATOM   45   O O   . ASP A 1 6   ? -8.602  18.013  1.329   1.00 17.79  ? 984  ASP A O   1 
ATOM   46   C CB  . ASP A 1 6   ? -10.681 20.600  1.612   1.00 25.13  ? 984  ASP A CB  1 
ATOM   47   C CG  . ASP A 1 6   ? -11.508 21.553  0.723   1.00 28.93  ? 984  ASP A CG  1 
ATOM   48   O OD1 . ASP A 1 6   ? -12.049 21.103  -0.321  1.00 33.89  ? 984  ASP A OD1 1 
ATOM   49   O OD2 . ASP A 1 6   ? -11.622 22.702  1.144   1.00 45.53  ? 984  ASP A OD2 1 
ATOM   50   N N   . THR A 1 7   ? -9.779  17.949  3.298   1.00 16.90  ? 985  THR A N   1 
ATOM   51   C CA  . THR A 1 7   ? -8.770  17.156  4.060   1.00 16.82  ? 985  THR A CA  1 
ATOM   52   C C   . THR A 1 7   ? -8.590  15.799  3.347   1.00 17.62  ? 985  THR A C   1 
ATOM   53   O O   . THR A 1 7   ? -7.436  15.395  3.015   1.00 15.31  ? 985  THR A O   1 
ATOM   54   C CB  . THR A 1 7   ? -9.123  17.040  5.540   1.00 19.04  ? 985  THR A CB  1 
ATOM   55   O OG1 . THR A 1 7   ? -9.187  18.368  6.153   1.00 21.22  ? 985  THR A OG1 1 
ATOM   56   C CG2 . THR A 1 7   ? -8.118  16.189  6.267   1.00 18.52  ? 985  THR A CG2 1 
ATOM   57   N N   . PHE A 1 8   ? -9.696  15.089  3.088   1.00 15.45  ? 986  PHE A N   1 
ATOM   58   C CA  . PHE A 1 8   ? -9.591  13.773  2.415   1.00 16.01  ? 986  PHE A CA  1 
ATOM   59   C C   . PHE A 1 8   ? -9.014  13.882  0.992   1.00 16.35  ? 986  PHE A C   1 
ATOM   60   O O   . PHE A 1 8   ? -8.297  12.934  0.573   1.00 16.05  ? 986  PHE A O   1 
ATOM   61   C CB  . PHE A 1 8   ? -10.891 12.963  2.508   1.00 16.51  ? 986  PHE A CB  1 
ATOM   62   C CG  . PHE A 1 8   ? -11.292 12.516  3.902   1.00 17.65  ? 986  PHE A CG  1 
ATOM   63   C CD1 . PHE A 1 8   ? -10.427 11.908  4.787   1.00 19.06  ? 986  PHE A CD1 1 
ATOM   64   C CD2 . PHE A 1 8   ? -12.600 12.686  4.329   1.00 22.19  ? 986  PHE A CD2 1 
ATOM   65   C CE1 . PHE A 1 8   ? -10.781 11.515  6.072   1.00 20.51  ? 986  PHE A CE1 1 
ATOM   66   C CE2 . PHE A 1 8   ? -12.969 12.276  5.615   1.00 21.44  ? 986  PHE A CE2 1 
ATOM   67   C CZ  . PHE A 1 8   ? -12.093 11.687  6.475   1.00 21.84  ? 986  PHE A CZ  1 
ATOM   68   N N   A ARG A 1 9   ? -9.313  14.959  0.250   0.23 15.90  ? 987  ARG A N   1 
ATOM   69   N N   B ARG A 1 9   ? -9.349  14.949  0.254   0.23 15.49  ? 987  ARG A N   1 
ATOM   70   N N   C ARG A 1 9   ? -9.290  14.957  0.244   0.04 14.88  ? 987  ARG A N   1 
ATOM   71   C CA  A ARG A 1 9   ? -8.775  15.163  -1.121  0.23 17.24  ? 987  ARG A CA  1 
ATOM   72   C CA  B ARG A 1 9   ? -8.781  15.201  -1.091  0.23 16.46  ? 987  ARG A CA  1 
ATOM   73   C CA  C ARG A 1 9   ? -8.750  15.101  -1.138  0.04 14.33  ? 987  ARG A CA  1 
ATOM   74   C C   A ARG A 1 9   ? -7.251  15.354  -1.040  0.23 15.32  ? 987  ARG A C   1 
ATOM   75   C C   B ARG A 1 9   ? -7.256  15.255  -0.956  0.23 14.90  ? 987  ARG A C   1 
ATOM   76   C C   C ARG A 1 9   ? -7.244  15.394  -1.073  0.04 14.16  ? 987  ARG A C   1 
ATOM   77   O O   A ARG A 1 9   ? -6.548  14.835  -1.936  0.23 14.08  ? 987  ARG A O   1 
ATOM   78   O O   B ARG A 1 9   ? -6.568  14.523  -1.699  0.23 13.80  ? 987  ARG A O   1 
ATOM   79   O O   C ARG A 1 9   ? -6.538  14.978  -2.013  0.04 13.95  ? 987  ARG A O   1 
ATOM   80   C CB  A ARG A 1 9   ? -9.440  16.334  -1.851  0.23 19.22  ? 987  ARG A CB  1 
ATOM   81   C CB  B ARG A 1 9   ? -9.302  16.491  -1.728  0.23 17.94  ? 987  ARG A CB  1 
ATOM   82   C CB  C ARG A 1 9   ? -9.484  16.165  -1.961  0.04 13.74  ? 987  ARG A CB  1 
ATOM   83   C CG  A ARG A 1 9   ? -9.316  16.284  -3.368  0.23 22.08  ? 987  ARG A CG  1 
ATOM   84   C CG  B ARG A 1 9   ? -8.735  16.769  -3.111  0.23 19.80  ? 987  ARG A CG  1 
ATOM   85   C CG  C ARG A 1 9   ? -9.225  16.065  -3.461  0.04 13.33  ? 987  ARG A CG  1 
ATOM   86   C CD  A ARG A 1 9   ? -10.220 17.317  -4.045  0.23 24.83  ? 987  ARG A CD  1 
ATOM   87   C CD  B ARG A 1 9   ? -9.751  17.458  -4.001  0.23 22.29  ? 987  ARG A CD  1 
ATOM   88   C CD  C ARG A 1 9   ? -10.069 17.062  -4.232  0.04 12.91  ? 987  ARG A CD  1 
ATOM   89   N NE  A ARG A 1 9   ? -11.595 17.251  -3.572  0.23 27.87  ? 987  ARG A NE  1 
ATOM   90   N NE  B ARG A 1 9   ? -9.289  17.477  -5.375  0.23 22.94  ? 987  ARG A NE  1 
ATOM   91   N NE  C ARG A 1 9   ? -10.116 16.953  -5.687  0.04 12.33  ? 987  ARG A NE  1 
ATOM   92   C CZ  A ARG A 1 9   ? -12.223 18.168  -2.816  0.23 26.98  ? 987  ARG A CZ  1 
ATOM   93   C CZ  B ARG A 1 9   ? -8.509  18.428  -5.896  0.23 21.57  ? 987  ARG A CZ  1 
ATOM   94   C CZ  C ARG A 1 9   ? -9.141  17.306  -6.524  0.04 12.16  ? 987  ARG A CZ  1 
ATOM   95   N NH1 A ARG A 1 9   ? -11.629 19.279  -2.429  0.23 29.20  ? 987  ARG A NH1 1 
ATOM   96   N NH1 B ARG A 1 9   ? -8.131  18.300  -7.152  0.23 25.01  ? 987  ARG A NH1 1 
ATOM   97   N NH1 C ARG A 1 9   ? -9.329  17.208  -7.828  0.04 11.60  ? 987  ARG A NH1 1 
ATOM   98   N NH2 A ARG A 1 9   ? -13.464 17.948  -2.435  0.23 25.82  ? 987  ARG A NH2 1 
ATOM   99   N NH2 B ARG A 1 9   ? -8.053  19.439  -5.164  0.23 18.80  ? 987  ARG A NH2 1 
ATOM   100  N NH2 C ARG A 1 9   ? -7.962  17.690  -6.065  0.04 12.02  ? 987  ARG A NH2 1 
ATOM   101  N N   . GLU A 1 10  ? -6.772  16.084  -0.024  1.00 14.09  ? 988  GLU A N   1 
ATOM   102  C CA  . GLU A 1 10  ? -5.307  16.272  0.181   1.00 13.94  ? 988  GLU A CA  1 
ATOM   103  C C   . GLU A 1 10  ? -4.692  14.882  0.497   1.00 13.33  ? 988  GLU A C   1 
ATOM   104  O O   . GLU A 1 10  ? -3.595  14.557  -0.093  1.00 12.57  ? 988  GLU A O   1 
ATOM   105  C CB  . GLU A 1 10  ? -4.991  17.298  1.253   1.00 14.74  ? 988  GLU A CB  1 
ATOM   106  C CG  . GLU A 1 10  ? -3.506  17.431  1.464   1.00 14.14  ? 988  GLU A CG  1 
ATOM   107  C CD  . GLU A 1 10  ? -2.987  18.658  2.171   1.00 19.73  ? 988  GLU A CD  1 
ATOM   108  O OE1 . GLU A 1 10  ? -1.754  18.676  2.481   1.00 16.70  ? 988  GLU A OE1 1 
ATOM   109  O OE2 . GLU A 1 10  ? -3.821  19.566  2.473   1.00 17.02  ? 988  GLU A OE2 1 
ATOM   110  N N   . LEU A 1 11  ? -5.318  14.074  1.350   1.00 13.31  ? 989  LEU A N   1 
ATOM   111  C CA  . LEU A 1 11  ? -4.818  12.714  1.680   1.00 13.80  ? 989  LEU A CA  1 
ATOM   112  C C   . LEU A 1 11  ? -4.711  11.890  0.383   1.00 13.90  ? 989  LEU A C   1 
ATOM   113  O O   . LEU A 1 11  ? -3.635  11.259  0.112   1.00 13.17  ? 989  LEU A O   1 
ATOM   114  C CB  . LEU A 1 11  ? -5.731  12.022  2.684   1.00 14.59  ? 989  LEU A CB  1 
ATOM   115  C CG  . LEU A 1 11  ? -5.372  10.577  2.958   1.00 15.54  ? 989  LEU A CG  1 
ATOM   116  C CD1 . LEU A 1 11  ? -4.029  10.480  3.639   1.00 16.80  ? 989  LEU A CD1 1 
ATOM   117  C CD2 . LEU A 1 11  ? -6.498  9.868   3.692   1.00 21.05  ? 989  LEU A CD2 1 
ATOM   118  N N   . ARG A 1 12  ? -5.733  11.900  -0.470  1.00 12.58  ? 990  ARG A N   1 
ATOM   119  C CA  . ARG A 1 12  ? -5.657  11.142  -1.762  1.00 12.68  ? 990  ARG A CA  1 
ATOM   120  C C   . ARG A 1 12  ? -4.515  11.627  -2.664  1.00 12.40  ? 990  ARG A C   1 
ATOM   121  O O   . ARG A 1 12  ? -3.790  10.731  -3.267  1.00 11.63  ? 990  ARG A O   1 
ATOM   122  C CB  . ARG A 1 12  ? -7.018  11.176  -2.509  1.00 12.06  ? 990  ARG A CB  1 
ATOM   123  C CG  . ARG A 1 12  ? -8.122  10.495  -1.715  1.00 13.98  ? 990  ARG A CG  1 
ATOM   124  C CD  . ARG A 1 12  ? -9.395  10.281  -2.549  1.00 15.44  ? 990  ARG A CD  1 
ATOM   125  N NE  . ARG A 1 12  ? -9.993  11.498  -3.062  1.00 15.95  ? 990  ARG A NE  1 
ATOM   126  C CZ  . ARG A 1 12  ? -10.915 12.252  -2.395  1.00 16.77  ? 990  ARG A CZ  1 
ATOM   127  N NH1 . ARG A 1 12  ? -11.380 13.382  -2.929  1.00 19.77  ? 990  ARG A NH1 1 
ATOM   128  N NH2 . ARG A 1 12  ? -11.346 11.896  -1.220  1.00 17.36  ? 990  ARG A NH2 1 
ATOM   129  N N   . ILE A 1 13  ? -4.296  12.934  -2.811  1.00 12.58  ? 991  ILE A N   1 
ATOM   130  C CA  . ILE A 1 13  ? -3.201  13.523  -3.637  1.00 12.56  ? 991  ILE A CA  1 
ATOM   131  C C   . ILE A 1 13  ? -1.834  13.010  -3.098  1.00 12.09  ? 991  ILE A C   1 
ATOM   132  O O   . ILE A 1 13  ? -1.012  12.530  -3.890  1.00 12.96  ? 991  ILE A O   1 
ATOM   133  C CB  . ILE A 1 13  ? -3.313  15.041  -3.713  1.00 13.27  ? 991  ILE A CB  1 
ATOM   134  C CG1 . ILE A 1 13  ? -4.565  15.414  -4.537  1.00 15.71  ? 991  ILE A CG1 1 
ATOM   135  C CG2 . ILE A 1 13  ? -2.057  15.592  -4.343  1.00 15.98  ? 991  ILE A CG2 1 
ATOM   136  C CD1 . ILE A 1 13  ? -4.998  16.844  -4.253  1.00 18.37  ? 991  ILE A CD1 1 
ATOM   137  N N   . PHE A 1 14  ? -1.663  13.069  -1.802  1.00 11.89  ? 992  PHE A N   1 
ATOM   138  C CA  . PHE A 1 14  ? -0.442  12.574  -1.106  1.00 12.05  ? 992  PHE A CA  1 
ATOM   139  C C   . PHE A 1 14  ? -0.243  11.083  -1.370  1.00 12.13  ? 992  PHE A C   1 
ATOM   140  O O   . PHE A 1 14  ? 0.879   10.671  -1.824  1.00 12.31  ? 992  PHE A O   1 
ATOM   141  C CB  . PHE A 1 14  ? -0.492  12.860  0.403   1.00 12.87  ? 992  PHE A CB  1 
ATOM   142  C CG  . PHE A 1 14  ? 0.683   12.298  1.178   1.00 13.31  ? 992  PHE A CG  1 
ATOM   143  C CD1 . PHE A 1 14  ? 1.927   12.887  1.082   1.00 15.04  ? 992  PHE A CD1 1 
ATOM   144  C CD2 . PHE A 1 14  ? 0.491   11.210  1.994   1.00 15.52  ? 992  PHE A CD2 1 
ATOM   145  C CE1 . PHE A 1 14  ? 3.013   12.357  1.792   1.00 17.05  ? 992  PHE A CE1 1 
ATOM   146  C CE2 . PHE A 1 14  ? 1.557   10.677  2.703   1.00 18.84  ? 992  PHE A CE2 1 
ATOM   147  C CZ  . PHE A 1 14  ? 2.807   11.270  2.603   1.00 15.12  ? 992  PHE A CZ  1 
ATOM   148  N N   . LEU A 1 15  ? -1.274  10.242  -1.183  1.00 11.84  ? 993  LEU A N   1 
ATOM   149  C CA  . LEU A 1 15  ? -1.154  8.762   -1.377  1.00 11.71  ? 993  LEU A CA  1 
ATOM   150  C C   . LEU A 1 15  ? -0.884  8.421   -2.829  1.00 11.85  ? 993  LEU A C   1 
ATOM   151  O O   . LEU A 1 15  ? -0.097  7.446   -3.115  1.00 12.88  ? 993  LEU A O   1 
ATOM   152  C CB  . LEU A 1 15  ? -2.403  8.064   -0.853  1.00 14.01  ? 993  LEU A CB  1 
ATOM   153  C CG  . LEU A 1 15  ? -2.630  8.173   0.672   1.00 13.74  ? 993  LEU A CG  1 
ATOM   154  C CD1 . LEU A 1 15  ? -3.919  7.439   1.016   1.00 15.93  ? 993  LEU A CD1 1 
ATOM   155  C CD2 . LEU A 1 15  ? -1.441  7.641   1.451   1.00 14.97  ? 993  LEU A CD2 1 
ATOM   156  N N   . ARG A 1 16  ? -1.490  9.097   -3.803  1.00 11.65  ? 994  ARG A N   1 
ATOM   157  C CA  . ARG A 1 16  ? -1.237  8.780   -5.210  1.00 12.18  ? 994  ARG A CA  1 
ATOM   158  C C   . ARG A 1 16  ? 0.221   9.088   -5.568  1.00 14.65  ? 994  ARG A C   1 
ATOM   159  O O   . ARG A 1 16  ? 0.886   8.310   -6.276  1.00 14.26  ? 994  ARG A O   1 
ATOM   160  C CB  . ARG A 1 16  ? -2.055  9.609   -6.209  1.00 16.16  ? 994  ARG A CB  1 
ATOM   161  C CG  . ARG A 1 16  ? -3.527  9.329   -6.229  1.00 19.30  ? 994  ARG A CG  1 
ATOM   162  C CD  . ARG A 1 16  ? -4.186  9.930   -7.522  1.00 18.81  ? 994  ARG A CD  1 
ATOM   163  N NE  . ARG A 1 16  ? -5.597  9.928   -7.279  1.00 20.20  ? 994  ARG A NE  1 
ATOM   164  C CZ  . ARG A 1 16  ? -6.299  10.814  -6.612  1.00 21.09  ? 994  ARG A CZ  1 
ATOM   165  N NH1 . ARG A 1 16  ? -5.873  12.033  -6.290  1.00 19.73  ? 994  ARG A NH1 1 
ATOM   166  N NH2 . ARG A 1 16  ? -7.533  10.494  -6.328  1.00 23.98  ? 994  ARG A NH2 1 
ATOM   167  N N   . ASN A 1 17  ? 0.795   10.153  -5.014  1.00 12.49  ? 995  ASN A N   1 
ATOM   168  C CA  . ASN A 1 17  ? 2.193   10.538  -5.296  1.00 14.05  ? 995  ASN A CA  1 
ATOM   169  C C   . ASN A 1 17  ? 3.151   9.513   -4.667  1.00 11.67  ? 995  ASN A C   1 
ATOM   170  O O   . ASN A 1 17  ? 4.101   9.086   -5.403  1.00 13.19  ? 995  ASN A O   1 
ATOM   171  C CB  . ASN A 1 17  ? 2.484   11.966  -4.827  1.00 14.18  ? 995  ASN A CB  1 
ATOM   172  C CG  . ASN A 1 17  ? 3.966   12.306  -4.973  1.00 16.86  ? 995  ASN A CG  1 
ATOM   173  O OD1 . ASN A 1 17  ? 4.698   12.201  -4.009  1.00 16.97  ? 995  ASN A OD1 1 
ATOM   174  N ND2 . ASN A 1 17  ? 4.365   12.746  -6.155  1.00 17.22  ? 995  ASN A ND2 1 
ATOM   175  N N   . VAL A 1 18  ? 2.954   9.118   -3.423  1.00 12.07  ? 996  VAL A N   1 
ATOM   176  C CA  . VAL A 1 18  ? 3.798   8.042   -2.805  1.00 12.19  ? 996  VAL A CA  1 
ATOM   177  C C   . VAL A 1 18  ? 3.744   6.752   -3.651  1.00 13.00  ? 996  VAL A C   1 
ATOM   178  O O   . VAL A 1 18  ? 4.801   6.135   -3.978  1.00 12.23  ? 996  VAL A O   1 
ATOM   179  C CB  . VAL A 1 18  ? 3.399   7.758   -1.364  1.00 12.71  ? 996  VAL A CB  1 
ATOM   180  C CG1 . VAL A 1 18  ? 4.174   6.576   -0.790  1.00 13.31  ? 996  VAL A CG1 1 
ATOM   181  C CG2 . VAL A 1 18  ? 3.537   9.013   -0.526  1.00 14.69  ? 996  VAL A CG2 1 
ATOM   182  N N   . THR A 1 19  ? 2.526   6.302   -3.974  0.49 12.30  ? 997  THR A N   1 
ATOM   183  C CA  . THR A 1 19  ? 2.284   5.018   -4.688  0.49 12.56  ? 997  THR A CA  1 
ATOM   184  C C   . THR A 1 19  ? 3.006   5.036   -6.049  0.49 13.17  ? 997  THR A C   1 
ATOM   185  O O   . THR A 1 19  ? 3.680   4.016   -6.373  0.49 12.83  ? 997  THR A O   1 
ATOM   186  C CB  . THR A 1 19  ? 0.781   4.724   -4.815  0.49 12.08  ? 997  THR A CB  1 
ATOM   187  O OG1 . THR A 1 19  ? 0.236   4.607   -3.500  0.49 11.76  ? 997  THR A OG1 1 
ATOM   188  C CG2 . THR A 1 19  ? 0.504   3.448   -5.579  0.49 12.54  ? 997  THR A CG2 1 
ATOM   189  N N   . HIS A 1 20  ? 2.898   6.126   -6.817  0.49 13.95  ? 998  HIS A N   1 
ATOM   190  C CA  . HIS A 1 20  ? 3.565   6.266   -8.142  0.49 15.36  ? 998  HIS A CA  1 
ATOM   191  C C   . HIS A 1 20  ? 5.101   6.275   -7.980  0.49 14.62  ? 998  HIS A C   1 
ATOM   192  O O   . HIS A 1 20  ? 5.781   5.661   -8.831  0.49 15.27  ? 998  HIS A O   1 
ATOM   193  C CB  . HIS A 1 20  ? 3.040   7.495   -8.911  0.49 17.82  ? 998  HIS A CB  1 
ATOM   194  C CG  . HIS A 1 20  ? 1.733   7.298   -9.614  0.49 20.57  ? 998  HIS A CG  1 
ATOM   195  N ND1 . HIS A 1 20  ? 1.602   6.508   -10.752 0.49 23.31  ? 998  HIS A ND1 1 
ATOM   196  C CD2 . HIS A 1 20  ? 0.505   7.824   -9.383  0.49 23.54  ? 998  HIS A CD2 1 
ATOM   197  C CE1 . HIS A 1 20  ? 0.351   6.552   -11.165 0.49 23.38  ? 998  HIS A CE1 1 
ATOM   198  N NE2 . HIS A 1 20  ? -0.342  7.344   -10.344 0.49 23.26  ? 998  HIS A NE2 1 
ATOM   199  N N   . ARG A 1 21  ? 5.646   6.927   -6.944  1.00 13.52  ? 999  ARG A N   1 
ATOM   200  C CA  . ARG A 1 21  ? 7.133   6.892   -6.697  1.00 13.98  ? 999  ARG A CA  1 
ATOM   201  C C   . ARG A 1 21  ? 7.580   5.423   -6.462  1.00 15.39  ? 999  ARG A C   1 
ATOM   202  O O   . ARG A 1 21  ? 8.717   5.040   -6.917  1.00 15.78  ? 999  ARG A O   1 
ATOM   203  C CB  . ARG A 1 21  ? 7.545   7.832   -5.601  1.00 13.88  ? 999  ARG A CB  1 
ATOM   204  C CG  . ARG A 1 21  ? 7.407   9.291   -6.057  1.00 16.49  ? 999  ARG A CG  1 
ATOM   205  C CD  . ARG A 1 21  ? 7.216   10.300  -4.923  1.00 16.80  ? 999  ARG A CD  1 
ATOM   206  N NE  . ARG A 1 21  ? 8.363   10.312  -4.073  1.00 17.61  ? 999  ARG A NE  1 
ATOM   207  C CZ  . ARG A 1 21  ? 8.319   10.900  -2.879  1.00 15.72  ? 999  ARG A CZ  1 
ATOM   208  N NH1 . ARG A 1 21  ? 9.379   10.918  -2.134  1.00 15.41  ? 999  ARG A NH1 1 
ATOM   209  N NH2 . ARG A 1 21  ? 7.255   11.570  -2.491  1.00 16.12  ? 999  ARG A NH2 1 
ATOM   210  N N   . LEU A 1 22  ? 6.799   4.616   -5.737  1.00 13.95  ? 1000 LEU A N   1 
ATOM   211  C CA  . LEU A 1 22  ? 7.105   3.159   -5.553  1.00 13.64  ? 1000 LEU A CA  1 
ATOM   212  C C   . LEU A 1 22  ? 7.000   2.439   -6.896  1.00 15.35  ? 1000 LEU A C   1 
ATOM   213  O O   . LEU A 1 22  ? 7.922   1.622   -7.198  1.00 15.52  ? 1000 LEU A O   1 
ATOM   214  C CB  . LEU A 1 22  ? 6.192   2.533   -4.486  1.00 13.73  ? 1000 LEU A CB  1 
ATOM   215  C CG  . LEU A 1 22  ? 6.259   3.162   -3.113  1.00 14.26  ? 1000 LEU A CG  1 
ATOM   216  C CD1 . LEU A 1 22  ? 5.115   2.613   -2.247  1.00 15.77  ? 1000 LEU A CD1 1 
ATOM   217  C CD2 . LEU A 1 22  ? 7.603   2.959   -2.427  1.00 15.66  ? 1000 LEU A CD2 1 
ATOM   218  N N   . ALA A 1 23  ? 5.969   2.702   -7.696  1.00 15.35  ? 1001 ALA A N   1 
ATOM   219  C CA  . ALA A 1 23  ? 5.659   1.926   -8.902  1.00 16.40  ? 1001 ALA A CA  1 
ATOM   220  C C   . ALA A 1 23  ? 6.686   2.206   -10.031 1.00 19.26  ? 1001 ALA A C   1 
ATOM   221  O O   . ALA A 1 23  ? 6.818   1.289   -10.867 1.00 19.83  ? 1001 ALA A O   1 
ATOM   222  C CB  . ALA A 1 23  ? 4.282   2.226   -9.384  1.00 18.31  ? 1001 ALA A CB  1 
ATOM   223  N N   . ILE A 1 24  ? 7.413   3.320   -9.996  1.00 18.18  ? 1002 ILE A N   1 
ATOM   224  C CA  . ILE A 1 24  ? 8.443   3.589   -11.052 1.00 21.26  ? 1002 ILE A CA  1 
ATOM   225  C C   . ILE A 1 24  ? 9.824   3.015   -10.716 1.00 22.99  ? 1002 ILE A C   1 
ATOM   226  O O   . ILE A 1 24  ? 10.720  3.056   -11.583 1.00 23.70  ? 1002 ILE A O   1 
ATOM   227  C CB  . ILE A 1 24  ? 8.545   5.066   -11.448 1.00 21.91  ? 1002 ILE A CB  1 
ATOM   228  C CG1 . ILE A 1 24  ? 9.051   5.933   -10.308 1.00 22.08  ? 1002 ILE A CG1 1 
ATOM   229  C CG2 . ILE A 1 24  ? 7.233   5.573   -11.982 1.00 26.29  ? 1002 ILE A CG2 1 
ATOM   230  C CD1 . ILE A 1 24  ? 9.140   7.457   -10.599 1.00 29.82  ? 1002 ILE A CD1 1 
ATOM   231  N N   . ASP A 1 25  ? 10.006  2.511   -9.493  0.49 20.79  ? 1003 ASP A N   1 
ATOM   232  C CA  . ASP A 1 25  ? 11.297  1.932   -9.050  0.49 20.66  ? 1003 ASP A CA  1 
ATOM   233  C C   . ASP A 1 25  ? 11.463  0.559   -9.714  0.49 19.71  ? 1003 ASP A C   1 
ATOM   234  O O   . ASP A 1 25  ? 10.467  -0.215  -9.793  0.49 17.49  ? 1003 ASP A O   1 
ATOM   235  C CB  . ASP A 1 25  ? 11.387  1.850   -7.525  0.49 21.21  ? 1003 ASP A CB  1 
ATOM   236  C CG  . ASP A 1 25  ? 12.779  1.527   -7.009  0.49 22.78  ? 1003 ASP A CG  1 
ATOM   237  O OD1 . ASP A 1 25  ? 13.259  0.404   -7.271  0.49 23.30  ? 1003 ASP A OD1 1 
ATOM   238  O OD2 . ASP A 1 25  ? 13.363  2.394   -6.334  0.49 22.36  ? 1003 ASP A OD2 1 
ATOM   239  N N   . LYS A 1 26  ? 12.682  0.280   -10.195 0.49 19.67  ? 1004 LYS A N   1 
ATOM   240  C CA  . LYS A 1 26  ? 13.047  -1.021  -10.816 0.49 18.19  ? 1004 LYS A CA  1 
ATOM   241  C C   . LYS A 1 26  ? 12.849  -2.170  -9.822  0.49 17.11  ? 1004 LYS A C   1 
ATOM   242  O O   . LYS A 1 26  ? 12.424  -3.273  -10.250 0.49 16.95  ? 1004 LYS A O   1 
ATOM   243  C CB  . LYS A 1 26  ? 14.504  -0.985  -11.321 0.49 18.20  ? 1004 LYS A CB  1 
ATOM   244  N N   . ARG A 1 27  ? 13.157  -1.962  -8.539  0.49 17.00  ? 1005 ARG A N   1 
ATOM   245  C CA  . ARG A 1 27  ? 13.134  -3.061  -7.536  0.49 17.08  ? 1005 ARG A CA  1 
ATOM   246  C C   . ARG A 1 27  ? 11.706  -3.592  -7.383  0.49 17.32  ? 1005 ARG A C   1 
ATOM   247  O O   . ARG A 1 27  ? 11.584  -4.748  -6.923  0.49 15.68  ? 1005 ARG A O   1 
ATOM   248  C CB  . ARG A 1 27  ? 13.663  -2.611  -6.175  0.49 17.36  ? 1005 ARG A CB  1 
ATOM   249  C CG  . ARG A 1 27  ? 15.167  -2.376  -6.122  0.49 17.70  ? 1005 ARG A CG  1 
ATOM   250  C CD  . ARG A 1 27  ? 15.565  -1.745  -4.804  0.49 18.51  ? 1005 ARG A CD  1 
ATOM   251  N NE  . ARG A 1 27  ? 15.013  -0.404  -4.641  0.49 19.14  ? 1005 ARG A NE  1 
ATOM   252  C CZ  . ARG A 1 27  ? 14.934  0.248   -3.484  0.49 19.60  ? 1005 ARG A CZ  1 
ATOM   253  N NH1 . ARG A 1 27  ? 15.365  -0.313  -2.366  0.49 19.83  ? 1005 ARG A NH1 1 
ATOM   254  N NH2 . ARG A 1 27  ? 14.434  1.469   -3.446  0.49 21.14  ? 1005 ARG A NH2 1 
ATOM   255  N N   . PHE A 1 28  ? 10.685  -2.777  -7.716  1.00 18.52  ? 1006 PHE A N   1 
ATOM   256  C CA  . PHE A 1 28  ? 9.273   -3.083  -7.334  1.00 18.07  ? 1006 PHE A CA  1 
ATOM   257  C C   . PHE A 1 28  ? 8.335   -3.452  -8.477  1.00 19.79  ? 1006 PHE A C   1 
ATOM   258  O O   . PHE A 1 28  ? 7.082   -3.577  -8.269  1.00 17.83  ? 1006 PHE A O   1 
ATOM   259  C CB  . PHE A 1 28  ? 8.792   -1.874  -6.515  1.00 15.24  ? 1006 PHE A CB  1 
ATOM   260  C CG  . PHE A 1 28  ? 9.691   -1.494  -5.371  1.00 16.75  ? 1006 PHE A CG  1 
ATOM   261  C CD1 . PHE A 1 28  ? 10.451  -2.416  -4.618  1.00 15.62  ? 1006 PHE A CD1 1 
ATOM   262  C CD2 . PHE A 1 28  ? 9.725   -0.179  -4.960  1.00 13.82  ? 1006 PHE A CD2 1 
ATOM   263  C CE1 . PHE A 1 28  ? 11.308  -1.987  -3.628  1.00 16.05  ? 1006 PHE A CE1 1 
ATOM   264  C CE2 . PHE A 1 28  ? 10.570  0.260   -3.965  1.00 15.56  ? 1006 PHE A CE2 1 
ATOM   265  C CZ  . PHE A 1 28  ? 11.314  -0.650  -3.230  1.00 15.92  ? 1006 PHE A CZ  1 
ATOM   266  N N   . ARG A 1 29  ? 8.897   -3.685  -9.664  0.49 19.31  ? 1007 ARG A N   1 
ATOM   267  C CA  . ARG A 1 29  ? 8.113   -3.997  -10.887 0.49 20.59  ? 1007 ARG A CA  1 
ATOM   268  C C   . ARG A 1 29  ? 7.158   -5.169  -10.630 0.49 19.72  ? 1007 ARG A C   1 
ATOM   269  O O   . ARG A 1 29  ? 6.023   -5.122  -11.148 0.49 20.62  ? 1007 ARG A O   1 
ATOM   270  C CB  . ARG A 1 29  ? 9.047   -4.281  -12.067 0.49 22.51  ? 1007 ARG A CB  1 
ATOM   271  C CG  . ARG A 1 29  ? 8.448   -3.912  -13.411 0.49 24.18  ? 1007 ARG A CG  1 
ATOM   272  C CD  . ARG A 1 29  ? 9.425   -4.144  -14.547 0.49 26.16  ? 1007 ARG A CD  1 
ATOM   273  N NE  . ARG A 1 29  ? 8.686   -4.039  -15.792 0.49 28.97  ? 1007 ARG A NE  1 
ATOM   274  C CZ  . ARG A 1 29  ? 8.549   -2.940  -16.519 0.49 30.22  ? 1007 ARG A CZ  1 
ATOM   275  N NH1 . ARG A 1 29  ? 7.846   -2.988  -17.637 0.49 32.34  ? 1007 ARG A NH1 1 
ATOM   276  N NH2 . ARG A 1 29  ? 9.127   -1.810  -16.153 0.49 31.52  ? 1007 ARG A NH2 1 
ATOM   277  N N   . VAL A 1 30  ? 7.606   -6.193  -9.899  1.00 18.96  ? 1008 VAL A N   1 
ATOM   278  C CA  . VAL A 1 30  ? 6.807   -7.438  -9.647  1.00 21.39  ? 1008 VAL A CA  1 
ATOM   279  C C   . VAL A 1 30  ? 5.546   -7.129  -8.801  1.00 21.98  ? 1008 VAL A C   1 
ATOM   280  O O   . VAL A 1 30  ? 4.582   -7.859  -8.911  1.00 22.63  ? 1008 VAL A O   1 
ATOM   281  C CB  . VAL A 1 30  ? 7.668   -8.537  -9.009  1.00 24.95  ? 1008 VAL A CB  1 
ATOM   282  C CG1 . VAL A 1 30  ? 8.165   -8.198  -7.608  1.00 27.51  ? 1008 VAL A CG1 1 
ATOM   283  C CG2 . VAL A 1 30  ? 6.971   -9.868  -8.982  1.00 34.75  ? 1008 VAL A CG2 1 
ATOM   284  N N   . PHE A 1 31  ? 5.524   -5.994  -8.107  1.00 19.18  ? 1009 PHE A N   1 
ATOM   285  C CA  . PHE A 1 31  ? 4.392   -5.629  -7.226  1.00 16.70  ? 1009 PHE A CA  1 
ATOM   286  C C   . PHE A 1 31  ? 3.434   -4.651  -7.920  1.00 19.64  ? 1009 PHE A C   1 
ATOM   287  O O   . PHE A 1 31  ? 2.473   -4.193  -7.237  1.00 18.11  ? 1009 PHE A O   1 
ATOM   288  C CB  . PHE A 1 31  ? 4.962   -5.046  -5.927  1.00 16.16  ? 1009 PHE A CB  1 
ATOM   289  C CG  . PHE A 1 31  ? 5.962   -5.916  -5.177  1.00 17.53  ? 1009 PHE A CG  1 
ATOM   290  C CD1 . PHE A 1 31  ? 5.653   -7.210  -4.765  1.00 17.76  ? 1009 PHE A CD1 1 
ATOM   291  C CD2 . PHE A 1 31  ? 7.252   -5.461  -4.959  1.00 19.75  ? 1009 PHE A CD2 1 
ATOM   292  C CE1 . PHE A 1 31  ? 6.595   -8.009  -4.120  1.00 19.19  ? 1009 PHE A CE1 1 
ATOM   293  C CE2 . PHE A 1 31  ? 8.210   -6.261  -4.319  1.00 19.62  ? 1009 PHE A CE2 1 
ATOM   294  C CZ  . PHE A 1 31  ? 7.902   -7.556  -3.938  1.00 18.40  ? 1009 PHE A CZ  1 
ATOM   295  N N   . THR A 1 32  ? 3.626   -4.316  -9.186  1.00 17.50  ? 1010 THR A N   1 
ATOM   296  C CA  . THR A 1 32  ? 2.862   -3.221  -9.845  1.00 19.00  ? 1010 THR A CA  1 
ATOM   297  C C   . THR A 1 32  ? 1.519   -3.666  -10.455 1.00 24.21  ? 1010 THR A C   1 
ATOM   298  O O   . THR A 1 32  ? 0.695   -2.821  -10.731 1.00 26.49  ? 1010 THR A O   1 
ATOM   299  C CB  . THR A 1 32  ? 3.659   -2.491  -10.918 1.00 23.42  ? 1010 THR A CB  1 
ATOM   300  O OG1 . THR A 1 32  ? 4.075   -3.387  -11.969 1.00 21.25  ? 1010 THR A OG1 1 
ATOM   301  C CG2 . THR A 1 32  ? 4.828   -1.765  -10.305 1.00 21.16  ? 1010 THR A CG2 1 
ATOM   302  N N   . LYS A 1 33  ? 1.328   -4.975  -10.644 0.49 24.20  ? 1011 LYS A N   1 
ATOM   303  C CA  . LYS A 1 33  ? 0.105   -5.527  -11.285 0.49 26.16  ? 1011 LYS A CA  1 
ATOM   304  C C   . LYS A 1 33  ? -0.292  -6.807  -10.562 0.49 24.78  ? 1011 LYS A C   1 
ATOM   305  O O   . LYS A 1 33  ? 0.555   -7.462  -9.958  0.49 23.66  ? 1011 LYS A O   1 
ATOM   306  C CB  . LYS A 1 33  ? 0.366   -5.797  -12.772 0.49 29.94  ? 1011 LYS A CB  1 
ATOM   307  C CG  . LYS A 1 33  ? -0.632  -5.170  -13.737 0.49 33.65  ? 1011 LYS A CG  1 
ATOM   308  C CD  . LYS A 1 33  ? -1.073  -6.105  -14.859 0.49 37.73  ? 1011 LYS A CD  1 
ATOM   309  C CE  . LYS A 1 33  ? 0.051   -6.524  -15.786 0.49 40.12  ? 1011 LYS A CE  1 
ATOM   310  N NZ  . LYS A 1 33  ? 0.354   -5.465  -16.780 0.49 42.85  ? 1011 LYS A NZ  1 
ATOM   311  N N   . PRO A 1 34  ? -1.581  -7.211  -10.622 1.00 24.84  ? 1012 PRO A N   1 
ATOM   312  C CA  . PRO A 1 34  ? -2.008  -8.467  -10.005 1.00 26.23  ? 1012 PRO A CA  1 
ATOM   313  C C   . PRO A 1 34  ? -1.310  -9.673  -10.672 1.00 30.54  ? 1012 PRO A C   1 
ATOM   314  O O   . PRO A 1 34  ? -0.896  -9.543  -11.778 1.00 31.47  ? 1012 PRO A O   1 
ATOM   315  C CB  . PRO A 1 34  ? -3.510  -8.550  -10.314 1.00 29.52  ? 1012 PRO A CB  1 
ATOM   316  C CG  . PRO A 1 34  ? -3.912  -7.185  -10.762 1.00 30.25  ? 1012 PRO A CG  1 
ATOM   317  C CD  . PRO A 1 34  ? -2.675  -6.470  -11.294 1.00 26.65  ? 1012 PRO A CD  1 
ATOM   318  N N   . VAL A 1 35  ? -1.188  -10.785 -9.969  1.00 35.01  ? 1013 VAL A N   1 
ATOM   319  C CA  . VAL A 1 35  ? -0.622  -12.067 -10.507 1.00 39.11  ? 1013 VAL A CA  1 
ATOM   320  C C   . VAL A 1 35  ? -1.600  -12.645 -11.552 1.00 45.31  ? 1013 VAL A C   1 
ATOM   321  O O   . VAL A 1 35  ? -2.828  -12.811 -11.253 1.00 46.41  ? 1013 VAL A O   1 
ATOM   322  C CB  . VAL A 1 35  ? -0.359  -13.061 -9.357  1.00 38.16  ? 1013 VAL A CB  1 
ATOM   323  C CG1 . VAL A 1 35  ? 0.104   -14.430 -9.853  1.00 41.42  ? 1013 VAL A CG1 1 
ATOM   324  C CG2 . VAL A 1 35  ? 0.587   -12.504 -8.325  1.00 34.98  ? 1013 VAL A CG2 1 
ATOM   325  N N   . ASP A 1 36  ? -1.090  -12.928 -12.749 1.00 47.17  ? 1014 ASP A N   1 
ATOM   326  C CA  . ASP A 1 36  ? -1.894  -13.522 -13.846 1.00 53.78  ? 1014 ASP A CA  1 
ATOM   327  C C   . ASP A 1 36  ? -2.186  -14.977 -13.467 1.00 52.39  ? 1014 ASP A C   1 
ATOM   328  O O   . ASP A 1 36  ? -1.261  -15.772 -13.328 1.00 52.41  ? 1014 ASP A O   1 
ATOM   329  C CB  . ASP A 1 36  ? -1.193  -13.325 -15.190 1.00 58.41  ? 1014 ASP A CB  1 
ATOM   330  C CG  . ASP A 1 36  ? -2.001  -13.874 -16.352 1.00 65.72  ? 1014 ASP A CG  1 
ATOM   331  O OD1 . ASP A 1 36  ? -3.016  -14.560 -16.095 1.00 57.18  ? 1014 ASP A OD1 1 
ATOM   332  O OD2 . ASP A 1 36  ? -1.605  -13.620 -17.497 1.00 75.61  ? 1014 ASP A OD2 1 
ATOM   333  N N   . PRO A 1 37  ? -3.465  -15.360 -13.229 1.00 58.48  ? 1015 PRO A N   1 
ATOM   334  C CA  . PRO A 1 37  ? -3.793  -16.716 -12.778 1.00 69.14  ? 1015 PRO A CA  1 
ATOM   335  C C   . PRO A 1 37  ? -3.388  -17.797 -13.797 1.00 69.90  ? 1015 PRO A C   1 
ATOM   336  O O   . PRO A 1 37  ? -3.217  -18.936 -13.407 1.00 67.56  ? 1015 PRO A O   1 
ATOM   337  C CB  . PRO A 1 37  ? -5.321  -16.733 -12.598 1.00 64.37  ? 1015 PRO A CB  1 
ATOM   338  C CG  . PRO A 1 37  ? -5.756  -15.281 -12.688 1.00 66.74  ? 1015 PRO A CG  1 
ATOM   339  C CD  . PRO A 1 37  ? -4.669  -14.541 -13.441 1.00 62.46  ? 1015 PRO A CD  1 
ATOM   340  N N   . ASP A 1 38  ? -3.229  -17.413 -15.067 1.00 76.00  ? 1016 ASP A N   1 
ATOM   341  C CA  . ASP A 1 38  ? -2.729  -18.304 -16.147 1.00 88.67  ? 1016 ASP A CA  1 
ATOM   342  C C   . ASP A 1 38  ? -1.261  -18.649 -15.880 1.00 90.54  ? 1016 ASP A C   1 
ATOM   343  O O   . ASP A 1 38  ? -0.935  -19.846 -15.841 1.00 106.93 ? 1016 ASP A O   1 
ATOM   344  C CB  . ASP A 1 38  ? -2.945  -17.685 -17.528 1.00 86.63  ? 1016 ASP A CB  1 
ATOM   345  C CG  . ASP A 1 38  ? -4.419  -17.542 -17.867 1.00 86.98  ? 1016 ASP A CG  1 
ATOM   346  O OD1 . ASP A 1 38  ? -5.257  -18.163 -17.166 1.00 71.14  ? 1016 ASP A OD1 1 
ATOM   347  O OD2 . ASP A 1 38  ? -4.720  -16.795 -18.813 1.00 95.56  ? 1016 ASP A OD2 1 
ATOM   348  N N   . GLU A 1 39  ? -0.411  -17.652 -15.667 1.00 79.15  ? 1017 GLU A N   1 
ATOM   349  C CA  . GLU A 1 39  ? 1.033   -17.893 -15.425 1.00 77.47  ? 1017 GLU A CA  1 
ATOM   350  C C   . GLU A 1 39  ? 1.248   -18.539 -14.047 1.00 68.04  ? 1017 GLU A C   1 
ATOM   351  O O   . GLU A 1 39  ? 2.266   -19.238 -13.892 1.00 67.84  ? 1017 GLU A O   1 
ATOM   352  C CB  . GLU A 1 39  ? 1.813   -16.588 -15.552 1.00 89.19  ? 1017 GLU A CB  1 
ATOM   353  C CG  . GLU A 1 39  ? 1.676   -15.936 -16.913 1.00 103.14 ? 1017 GLU A CG  1 
ATOM   354  C CD  . GLU A 1 39  ? 2.045   -14.464 -16.903 1.00 116.05 ? 1017 GLU A CD  1 
ATOM   355  O OE1 . GLU A 1 39  ? 1.382   -13.669 -17.610 1.00 122.05 ? 1017 GLU A OE1 1 
ATOM   356  O OE2 . GLU A 1 39  ? 2.988   -14.113 -16.169 1.00 120.46 ? 1017 GLU A OE2 1 
ATOM   357  N N   . VAL A 1 40  ? 0.355   -18.315 -13.074 1.00 58.66  ? 1018 VAL A N   1 
ATOM   358  C CA  . VAL A 1 40  ? 0.541   -18.805 -11.672 1.00 55.30  ? 1018 VAL A CA  1 
ATOM   359  C C   . VAL A 1 40  ? -0.809  -19.272 -11.135 1.00 58.20  ? 1018 VAL A C   1 
ATOM   360  O O   . VAL A 1 40  ? -1.429  -18.587 -10.327 1.00 40.28  ? 1018 VAL A O   1 
ATOM   361  C CB  . VAL A 1 40  ? 1.151   -17.714 -10.763 1.00 55.88  ? 1018 VAL A CB  1 
ATOM   362  C CG1 . VAL A 1 40  ? 1.637   -18.283 -9.444  1.00 52.14  ? 1018 VAL A CG1 1 
ATOM   363  C CG2 . VAL A 1 40  ? 2.277   -16.945 -11.439 1.00 57.66  ? 1018 VAL A CG2 1 
ATOM   364  N N   . PRO A 1 41  ? -1.318  -20.459 -11.548 1.00 62.12  ? 1019 PRO A N   1 
ATOM   365  C CA  . PRO A 1 41  ? -2.676  -20.894 -11.169 1.00 51.62  ? 1019 PRO A CA  1 
ATOM   366  C C   . PRO A 1 41  ? -2.830  -21.241 -9.682  1.00 43.92  ? 1019 PRO A C   1 
ATOM   367  O O   . PRO A 1 41  ? -3.893  -21.181 -9.087  1.00 51.45  ? 1019 PRO A O   1 
ATOM   368  C CB  . PRO A 1 41  ? -2.867  -22.146 -12.048 1.00 65.49  ? 1019 PRO A CB  1 
ATOM   369  C CG  . PRO A 1 41  ? -1.453  -22.681 -12.236 1.00 64.96  ? 1019 PRO A CG  1 
ATOM   370  C CD  . PRO A 1 41  ? -0.601  -21.437 -12.386 1.00 64.12  ? 1019 PRO A CD  1 
ATOM   371  N N   . ASP A 1 42  ? -1.705  -21.543 -9.081  1.00 39.98  ? 1020 ASP A N   1 
ATOM   372  C CA  . ASP A 1 42  ? -1.520  -21.881 -7.655  1.00 43.15  ? 1020 ASP A CA  1 
ATOM   373  C C   . ASP A 1 42  ? -1.685  -20.630 -6.742  1.00 35.97  ? 1020 ASP A C   1 
ATOM   374  O O   . ASP A 1 42  ? -1.861  -20.789 -5.509  1.00 34.04  ? 1020 ASP A O   1 
ATOM   375  C CB  . ASP A 1 42  ? -0.092  -22.423 -7.627  1.00 51.08  ? 1020 ASP A CB  1 
ATOM   376  C CG  . ASP A 1 42  ? 0.386   -22.802 -6.263  1.00 54.15  ? 1020 ASP A CG  1 
ATOM   377  O OD1 . ASP A 1 42  ? -0.312  -23.612 -5.636  1.00 67.30  ? 1020 ASP A OD1 1 
ATOM   378  O OD2 . ASP A 1 42  ? 1.432   -22.262 -5.850  1.00 57.92  ? 1020 ASP A OD2 1 
ATOM   379  N N   . TYR A 1 43  ? -1.581  -19.410 -7.289  1.00 34.51  ? 1021 TYR A N   1 
ATOM   380  C CA  . TYR A 1 43  ? -1.366  -18.197 -6.425  1.00 30.04  ? 1021 TYR A CA  1 
ATOM   381  C C   . TYR A 1 43  ? -2.590  -17.999 -5.503  1.00 31.30  ? 1021 TYR A C   1 
ATOM   382  O O   . TYR A 1 43  ? -2.405  -17.937 -4.266  1.00 32.91  ? 1021 TYR A O   1 
ATOM   383  C CB  . TYR A 1 43  ? -1.050  -16.947 -7.250  1.00 32.87  ? 1021 TYR A CB  1 
ATOM   384  C CG  . TYR A 1 43  ? -0.610  -15.775 -6.390  1.00 28.84  ? 1021 TYR A CG  1 
ATOM   385  C CD1 . TYR A 1 43  ? 0.658   -15.726 -5.820  1.00 28.21  ? 1021 TYR A CD1 1 
ATOM   386  C CD2 . TYR A 1 43  ? -1.509  -14.765 -6.062  1.00 32.78  ? 1021 TYR A CD2 1 
ATOM   387  C CE1 . TYR A 1 43  ? 1.043   -14.665 -4.999  1.00 27.04  ? 1021 TYR A CE1 1 
ATOM   388  C CE2 . TYR A 1 43  ? -1.136  -13.703 -5.238  1.00 28.09  ? 1021 TYR A CE2 1 
ATOM   389  C CZ  . TYR A 1 43  ? 0.141   -13.639 -4.731  1.00 26.71  ? 1021 TYR A CZ  1 
ATOM   390  O OH  . TYR A 1 43  ? 0.519   -12.630 -3.889  1.00 25.73  ? 1021 TYR A OH  1 
ATOM   391  N N   . ARG A 1 44  ? -3.782  -18.001 -6.099  1.00 35.74  ? 1022 ARG A N   1 
ATOM   392  C CA  . ARG A 1 44  ? -5.071  -17.684 -5.417  1.00 39.42  ? 1022 ARG A CA  1 
ATOM   393  C C   . ARG A 1 44  ? -5.497  -18.825 -4.487  1.00 42.29  ? 1022 ARG A C   1 
ATOM   394  O O   . ARG A 1 44  ? -6.272  -18.551 -3.587  1.00 49.96  ? 1022 ARG A O   1 
ATOM   395  C CB  . ARG A 1 44  ? -6.119  -17.266 -6.448  1.00 47.32  ? 1022 ARG A CB  1 
ATOM   396  C CG  . ARG A 1 44  ? -6.184  -15.757 -6.617  1.00 58.14  ? 1022 ARG A CG  1 
ATOM   397  C CD  . ARG A 1 44  ? -6.843  -15.244 -7.882  1.00 68.02  ? 1022 ARG A CD  1 
ATOM   398  N NE  . ARG A 1 44  ? -6.313  -13.909 -8.149  1.00 80.01  ? 1022 ARG A NE  1 
ATOM   399  C CZ  . ARG A 1 44  ? -5.122  -13.636 -8.709  1.00 88.78  ? 1022 ARG A CZ  1 
ATOM   400  N NH1 . ARG A 1 44  ? -4.314  -14.606 -9.127  1.00 79.49  ? 1022 ARG A NH1 1 
ATOM   401  N NH2 . ARG A 1 44  ? -4.755  -12.372 -8.868  1.00 85.04  ? 1022 ARG A NH2 1 
ATOM   402  N N   . THR A 1 45  ? -4.902  -20.014 -4.564  1.00 43.19  ? 1023 THR A N   1 
ATOM   403  C CA  . THR A 1 45  ? -5.186  -21.067 -3.561  1.00 47.31  ? 1023 THR A CA  1 
ATOM   404  C C   . THR A 1 45  ? -4.363  -20.777 -2.301  1.00 46.41  ? 1023 THR A C   1 
ATOM   405  O O   . THR A 1 45  ? -4.860  -21.058 -1.178  1.00 40.73  ? 1023 THR A O   1 
ATOM   406  C CB  . THR A 1 45  ? -5.003  -22.483 -4.132  1.00 55.18  ? 1023 THR A CB  1 
ATOM   407  O OG1 . THR A 1 45  ? -3.693  -22.987 -3.846  1.00 58.83  ? 1023 THR A OG1 1 
ATOM   408  C CG2 . THR A 1 45  ? -5.259  -22.534 -5.622  1.00 58.44  ? 1023 THR A CG2 1 
ATOM   409  N N   . VAL A 1 46  ? -3.175  -20.181 -2.431  1.00 33.50  ? 1024 VAL A N   1 
ATOM   410  C CA  . VAL A 1 46  ? -2.298  -19.934 -1.250  1.00 30.09  ? 1024 VAL A CA  1 
ATOM   411  C C   . VAL A 1 46  ? -2.666  -18.569 -0.616  1.00 28.99  ? 1024 VAL A C   1 
ATOM   412  O O   . VAL A 1 46  ? -2.632  -18.420 0.625   1.00 28.32  ? 1024 VAL A O   1 
ATOM   413  C CB  . VAL A 1 46  ? -0.811  -19.943 -1.673  1.00 34.50  ? 1024 VAL A CB  1 
ATOM   414  C CG1 . VAL A 1 46  ? 0.100   -19.680 -0.475  1.00 33.82  ? 1024 VAL A CG1 1 
ATOM   415  C CG2 . VAL A 1 46  ? -0.442  -21.243 -2.384  1.00 42.59  ? 1024 VAL A CG2 1 
ATOM   416  N N   . ILE A 1 47  ? -2.768  -17.574 -1.483  1.00 25.34  ? 1025 ILE A N   1 
ATOM   417  C CA  . ILE A 1 47  ? -2.929  -16.156 -1.065  1.00 24.12  ? 1025 ILE A CA  1 
ATOM   418  C C   . ILE A 1 47  ? -4.429  -15.763 -1.156  1.00 19.85  ? 1025 ILE A C   1 
ATOM   419  O O   . ILE A 1 47  ? -4.976  -15.654 -2.266  1.00 22.79  ? 1025 ILE A O   1 
ATOM   420  C CB  . ILE A 1 47  ? -2.040  -15.232 -1.921  1.00 22.11  ? 1025 ILE A CB  1 
ATOM   421  C CG1 . ILE A 1 47  ? -0.544  -15.567 -1.837  1.00 19.87  ? 1025 ILE A CG1 1 
ATOM   422  C CG2 . ILE A 1 47  ? -2.270  -13.808 -1.486  1.00 20.63  ? 1025 ILE A CG2 1 
ATOM   423  C CD1 . ILE A 1 47  ? 0.012   -15.530 -0.466  1.00 20.72  ? 1025 ILE A CD1 1 
ATOM   424  N N   . LYS A 1 48  ? -4.996  -15.563 0.000   1.00 26.86  ? 1026 LYS A N   1 
ATOM   425  C CA  . LYS A 1 48  ? -6.459  -15.329 0.191   1.00 26.42  ? 1026 LYS A CA  1 
ATOM   426  C C   . LYS A 1 48  ? -6.835  -13.873 -0.064  1.00 27.29  ? 1026 LYS A C   1 
ATOM   427  O O   . LYS A 1 48  ? -7.968  -13.663 -0.534  1.00 26.42  ? 1026 LYS A O   1 
ATOM   428  C CB  . LYS A 1 48  ? -6.805  -15.682 1.637   1.00 31.31  ? 1026 LYS A CB  1 
ATOM   429  C CG  . LYS A 1 48  ? -6.553  -17.147 1.978   1.00 33.68  ? 1026 LYS A CG  1 
ATOM   430  C CD  . LYS A 1 48  ? -7.171  -18.095 0.983   1.00 39.40  ? 1026 LYS A CD  1 
ATOM   431  C CE  . LYS A 1 48  ? -6.886  -19.559 1.247   1.00 42.76  ? 1026 LYS A CE  1 
ATOM   432  N NZ  . LYS A 1 48  ? -7.278  -20.358 0.059   1.00 42.35  ? 1026 LYS A NZ  1 
ATOM   433  N N   . GLU A 1 49  ? -5.929  -12.904 0.144   1.00 22.56  ? 1027 GLU A N   1 
ATOM   434  C CA  . GLU A 1 49  ? -6.260  -11.485 -0.177  1.00 22.43  ? 1027 GLU A CA  1 
ATOM   435  C C   . GLU A 1 49  ? -5.096  -10.870 -0.988  1.00 20.41  ? 1027 GLU A C   1 
ATOM   436  O O   . GLU A 1 49  ? -4.232  -10.220 -0.402  1.00 21.48  ? 1027 GLU A O   1 
ATOM   437  C CB  . GLU A 1 49  ? -6.565  -10.680 1.086   1.00 23.42  ? 1027 GLU A CB  1 
ATOM   438  C CG  . GLU A 1 49  ? -7.160  -9.330  0.743   1.00 21.49  ? 1027 GLU A CG  1 
ATOM   439  C CD  . GLU A 1 49  ? -7.718  -8.432  1.849   1.00 23.76  ? 1027 GLU A CD  1 
ATOM   440  O OE1 . GLU A 1 49  ? -7.509  -8.775  2.984   1.00 25.04  ? 1027 GLU A OE1 1 
ATOM   441  O OE2 . GLU A 1 49  ? -8.319  -7.303  1.456   1.00 24.76  ? 1027 GLU A OE2 1 
ATOM   442  N N   . PRO A 1 50  ? -5.072  -11.079 -2.307  1.00 18.77  ? 1028 PRO A N   1 
ATOM   443  C CA  . PRO A 1 50  ? -4.034  -10.508 -3.168  1.00 19.73  ? 1028 PRO A CA  1 
ATOM   444  C C   . PRO A 1 50  ? -4.059  -8.970  -3.156  1.00 19.81  ? 1028 PRO A C   1 
ATOM   445  O O   . PRO A 1 50  ? -5.178  -8.334  -2.984  1.00 18.75  ? 1028 PRO A O   1 
ATOM   446  C CB  . PRO A 1 50  ? -4.390  -10.957 -4.565  1.00 22.29  ? 1028 PRO A CB  1 
ATOM   447  C CG  . PRO A 1 50  ? -5.326  -12.130 -4.367  1.00 29.17  ? 1028 PRO A CG  1 
ATOM   448  C CD  . PRO A 1 50  ? -6.016  -11.904 -3.065  1.00 22.46  ? 1028 PRO A CD  1 
ATOM   449  N N   . MET A 1 51  ? -2.878  -8.347  -3.305  1.00 18.70  ? 1029 MET A N   1 
ATOM   450  C CA  . MET A 1 51  ? -2.803  -6.861  -3.315  1.00 18.12  ? 1029 MET A CA  1 
ATOM   451  C C   . MET A 1 51  ? -1.556  -6.457  -4.138  1.00 16.76  ? 1029 MET A C   1 
ATOM   452  O O   . MET A 1 51  ? -0.568  -7.259  -4.158  1.00 16.78  ? 1029 MET A O   1 
ATOM   453  C CB  . MET A 1 51  ? -2.761  -6.275  -1.907  1.00 16.32  ? 1029 MET A CB  1 
ATOM   454  C CG  . MET A 1 51  ? -2.949  -4.738  -1.770  1.00 16.30  ? 1029 MET A CG  1 
ATOM   455  S SD  . MET A 1 51  ? -4.350  -4.046  -2.615  1.00 19.42  ? 1029 MET A SD  1 
ATOM   456  C CE  . MET A 1 51  ? -5.672  -4.868  -1.694  1.00 20.71  ? 1029 MET A CE  1 
ATOM   457  N N   . ASP A 1 52  ? -1.678  -5.354  -4.862  1.00 16.90  ? 1030 ASP A N   1 
ATOM   458  C CA  . ASP A 1 52  ? -0.612  -4.831  -5.756  1.00 17.41  ? 1030 ASP A CA  1 
ATOM   459  C C   . ASP A 1 52  ? -0.775  -3.319  -5.881  1.00 18.25  ? 1030 ASP A C   1 
ATOM   460  O O   . ASP A 1 52  ? -1.847  -2.757  -5.485  1.00 17.12  ? 1030 ASP A O   1 
ATOM   461  C CB  . ASP A 1 52  ? -0.681  -5.492  -7.139  1.00 18.33  ? 1030 ASP A CB  1 
ATOM   462  C CG  . ASP A 1 52  ? -1.941  -5.083  -7.899  1.00 22.43  ? 1030 ASP A CG  1 
ATOM   463  O OD1 . ASP A 1 52  ? -3.039  -5.676  -7.650  1.00 25.69  ? 1030 ASP A OD1 1 
ATOM   464  O OD2 . ASP A 1 52  ? -1.877  -4.098  -8.605  1.00 23.68  ? 1030 ASP A OD2 1 
ATOM   465  N N   . LEU A 1 53  ? 0.230   -2.645  -6.434  1.00 16.27  ? 1031 LEU A N   1 
ATOM   466  C CA  . LEU A 1 53  ? 0.211   -1.154  -6.458  1.00 15.97  ? 1031 LEU A CA  1 
ATOM   467  C C   . LEU A 1 53  ? -0.843  -0.564  -7.417  1.00 16.99  ? 1031 LEU A C   1 
ATOM   468  O O   . LEU A 1 53  ? -1.316  0.565   -7.163  1.00 16.00  ? 1031 LEU A O   1 
ATOM   469  C CB  . LEU A 1 53  ? 1.621   -0.590  -6.740  1.00 13.54  ? 1031 LEU A CB  1 
ATOM   470  C CG  . LEU A 1 53  ? 2.709   -0.966  -5.727  1.00 14.86  ? 1031 LEU A CG  1 
ATOM   471  C CD1 . LEU A 1 53  ? 4.087   -0.514  -6.251  1.00 17.85  ? 1031 LEU A CD1 1 
ATOM   472  C CD2 . LEU A 1 53  ? 2.453   -0.341  -4.367  1.00 17.35  ? 1031 LEU A CD2 1 
ATOM   473  N N   A SER A 1 54  ? -1.200  -1.270  -8.502  0.17 17.20  ? 1032 SER A N   1 
ATOM   474  N N   B SER A 1 54  ? -1.204  -1.271  -8.498  0.16 17.29  ? 1032 SER A N   1 
ATOM   475  N N   C SER A 1 54  ? -1.212  -1.268  -8.500  0.16 17.18  ? 1032 SER A N   1 
ATOM   476  C CA  A SER A 1 54  ? -2.299  -0.846  -9.416  0.17 17.83  ? 1032 SER A CA  1 
ATOM   477  C CA  B SER A 1 54  ? -2.299  -0.837  -9.410  0.16 17.95  ? 1032 SER A CA  1 
ATOM   478  C CA  C SER A 1 54  ? -2.304  -0.814  -9.409  0.16 17.75  ? 1032 SER A CA  1 
ATOM   479  C C   A SER A 1 54  ? -3.629  -0.867  -8.650  0.17 17.44  ? 1032 SER A C   1 
ATOM   480  C C   B SER A 1 54  ? -3.629  -0.864  -8.646  0.16 17.54  ? 1032 SER A C   1 
ATOM   481  C C   C SER A 1 54  ? -3.638  -0.866  -8.655  0.16 17.42  ? 1032 SER A C   1 
ATOM   482  O O   A SER A 1 54  ? -4.418  0.113   -8.753  0.17 17.52  ? 1032 SER A O   1 
ATOM   483  O O   B SER A 1 54  ? -4.418  0.114   -8.749  0.16 17.57  ? 1032 SER A O   1 
ATOM   484  O O   C SER A 1 54  ? -4.440  0.102   -8.760  0.16 17.44  ? 1032 SER A O   1 
ATOM   485  C CB  A SER A 1 54  ? -2.360  -1.697  -10.678 0.17 18.43  ? 1032 SER A CB  1 
ATOM   486  C CB  B SER A 1 54  ? -2.363  -1.679  -10.674 0.16 18.67  ? 1032 SER A CB  1 
ATOM   487  C CB  C SER A 1 54  ? -2.347  -1.601  -10.718 0.16 18.36  ? 1032 SER A CB  1 
ATOM   488  O OG  A SER A 1 54  ? -1.339  -1.322  -11.590 0.17 17.91  ? 1032 SER A OG  1 
ATOM   489  O OG  B SER A 1 54  ? -3.318  -1.148  -11.578 0.16 18.36  ? 1032 SER A OG  1 
ATOM   490  O OG  C SER A 1 54  ? -2.862  -2.911  -10.529 0.16 17.76  ? 1032 SER A OG  1 
ATOM   491  N N   . SER A 1 55  ? -3.853  -1.915  -7.857  1.00 17.97  ? 1033 SER A N   1 
ATOM   492  C CA  . SER A 1 55  ? -5.086  -2.047  -7.047  1.00 17.04  ? 1033 SER A CA  1 
ATOM   493  C C   . SER A 1 55  ? -5.078  -0.940  -5.987  1.00 17.69  ? 1033 SER A C   1 
ATOM   494  O O   . SER A 1 55  ? -6.146  -0.399  -5.697  1.00 15.87  ? 1033 SER A O   1 
ATOM   495  C CB  . SER A 1 55  ? -5.291  -3.405  -6.478  1.00 20.01  ? 1033 SER A CB  1 
ATOM   496  O OG  . SER A 1 55  ? -5.366  -4.355  -7.587  1.00 19.95  ? 1033 SER A OG  1 
ATOM   497  N N   . VAL A 1 56  ? -3.924  -0.654  -5.386  1.00 14.54  ? 1034 VAL A N   1 
ATOM   498  C CA  . VAL A 1 56  ? -3.854  0.494   -4.402  1.00 14.45  ? 1034 VAL A CA  1 
ATOM   499  C C   . VAL A 1 56  ? -4.330  1.823   -5.040  1.00 14.04  ? 1034 VAL A C   1 
ATOM   500  O O   . VAL A 1 56  ? -5.113  2.563   -4.384  1.00 14.62  ? 1034 VAL A O   1 
ATOM   501  C CB  . VAL A 1 56  ? -2.450  0.533   -3.728  1.00 14.25  ? 1034 VAL A CB  1 
ATOM   502  C CG1 . VAL A 1 56  ? -2.214  1.799   -2.900  1.00 15.87  ? 1034 VAL A CG1 1 
ATOM   503  C CG2 . VAL A 1 56  ? -2.271  -0.662  -2.833  1.00 16.02  ? 1034 VAL A CG2 1 
ATOM   504  N N   . ILE A 1 57  ? -3.863  2.154   -6.251  0.49 14.60  ? 1035 ILE A N   1 
ATOM   505  C CA  . ILE A 1 57  ? -4.300  3.384   -6.983  0.49 15.83  ? 1035 ILE A CA  1 
ATOM   506  C C   . ILE A 1 57  ? -5.827  3.345   -7.160  0.49 15.79  ? 1035 ILE A C   1 
ATOM   507  O O   . ILE A 1 57  ? -6.497  4.374   -6.895  0.49 15.04  ? 1035 ILE A O   1 
ATOM   508  C CB  . ILE A 1 57  ? -3.588  3.543   -8.340  0.49 17.32  ? 1035 ILE A CB  1 
ATOM   509  C CG1 . ILE A 1 57  ? -2.095  3.826   -8.166  0.49 17.79  ? 1035 ILE A CG1 1 
ATOM   510  C CG2 . ILE A 1 57  ? -4.273  4.615   -9.175  0.49 17.81  ? 1035 ILE A CG2 1 
ATOM   511  C CD1 . ILE A 1 57  ? -1.786  5.185   -7.581  0.49 18.23  ? 1035 ILE A CD1 1 
ATOM   512  N N   . SER A 1 58  ? -6.367  2.207   -7.609  1.00 15.87  ? 1036 SER A N   1 
ATOM   513  C CA  . SER A 1 58  ? -7.847  2.042   -7.744  1.00 15.86  ? 1036 SER A CA  1 
ATOM   514  C C   . SER A 1 58  ? -8.561  2.343   -6.421  1.00 14.84  ? 1036 SER A C   1 
ATOM   515  O O   . SER A 1 58  ? -9.590  3.083   -6.433  1.00 16.76  ? 1036 SER A O   1 
ATOM   516  C CB  . SER A 1 58  ? -8.264  0.664   -8.266  1.00 17.96  ? 1036 SER A CB  1 
ATOM   517  O OG  . SER A 1 58  ? -7.802  0.558   -9.580  1.00 22.14  ? 1036 SER A OG  1 
ATOM   518  N N   . LYS A 1 59  ? -8.055  1.814   -5.307  1.00 14.86  ? 1037 LYS A N   1 
ATOM   519  C CA  . LYS A 1 59  ? -8.664  2.001   -3.979  1.00 14.38  ? 1037 LYS A CA  1 
ATOM   520  C C   . LYS A 1 59  ? -8.579  3.463   -3.509  1.00 15.52  ? 1037 LYS A C   1 
ATOM   521  O O   . LYS A 1 59  ? -9.598  4.007   -2.985  1.00 14.26  ? 1037 LYS A O   1 
ATOM   522  C CB  . LYS A 1 59  ? -8.093  1.017   -2.964  1.00 13.89  ? 1037 LYS A CB  1 
ATOM   523  C CG  . LYS A 1 59  ? -8.455  -0.447  -3.195  1.00 15.06  ? 1037 LYS A CG  1 
ATOM   524  C CD  . LYS A 1 59  ? -7.971  -1.348  -2.110  1.00 14.92  ? 1037 LYS A CD  1 
ATOM   525  C CE  . LYS A 1 59  ? -8.585  -1.088  -0.760  1.00 17.44  ? 1037 LYS A CE  1 
ATOM   526  N NZ  . LYS A 1 59  ? -8.318  -2.134  0.253   1.00 19.32  ? 1037 LYS A NZ  1 
ATOM   527  N N   . ILE A 1 60  ? -7.478  4.162   -3.824  1.00 15.64  ? 1038 ILE A N   1 
ATOM   528  C CA  . ILE A 1 60  ? -7.407  5.619   -3.494  1.00 13.81  ? 1038 ILE A CA  1 
ATOM   529  C C   . ILE A 1 60  ? -8.540  6.338   -4.228  1.00 13.92  ? 1038 ILE A C   1 
ATOM   530  O O   . ILE A 1 60  ? -9.266  7.156   -3.589  1.00 15.62  ? 1038 ILE A O   1 
ATOM   531  C CB  . ILE A 1 60  ? -6.024  6.234   -3.862  1.00 14.82  ? 1038 ILE A CB  1 
ATOM   532  C CG1 . ILE A 1 60  ? -4.903  5.557   -3.075  1.00 15.31  ? 1038 ILE A CG1 1 
ATOM   533  C CG2 . ILE A 1 60  ? -6.108  7.759   -3.685  1.00 15.29  ? 1038 ILE A CG2 1 
ATOM   534  C CD1 . ILE A 1 60  ? -3.484  5.883   -3.603  1.00 17.12  ? 1038 ILE A CD1 1 
ATOM   535  N N   . ASP A 1 61  ? -8.703  6.078   -5.519  1.00 14.98  ? 1039 ASP A N   1 
ATOM   536  C CA  . ASP A 1 61  ? -9.659  6.761   -6.392  1.00 17.05  ? 1039 ASP A CA  1 
ATOM   537  C C   . ASP A 1 61  ? -11.101 6.409   -5.969  1.00 19.84  ? 1039 ASP A C   1 
ATOM   538  O O   . ASP A 1 61  ? -11.967 7.254   -6.211  1.00 22.87  ? 1039 ASP A O   1 
ATOM   539  C CB  . ASP A 1 61  ? -9.369  6.429   -7.847  1.00 19.79  ? 1039 ASP A CB  1 
ATOM   540  C CG  . ASP A 1 61  ? -8.091  7.054   -8.396  1.00 26.54  ? 1039 ASP A CG  1 
ATOM   541  O OD1 . ASP A 1 61  ? -7.508  7.908   -7.696  1.00 25.38  ? 1039 ASP A OD1 1 
ATOM   542  O OD2 . ASP A 1 61  ? -7.656  6.653   -9.480  1.00 22.57  ? 1039 ASP A OD2 1 
ATOM   543  N N   . LEU A 1 62  ? -11.340 5.248   -5.362  1.00 18.12  ? 1040 LEU A N   1 
ATOM   544  C CA  . LEU A 1 62  ? -12.690 4.822   -4.887  1.00 17.85  ? 1040 LEU A CA  1 
ATOM   545  C C   . LEU A 1 62  ? -12.941 5.353   -3.478  1.00 19.67  ? 1040 LEU A C   1 
ATOM   546  O O   . LEU A 1 62  ? -13.948 4.993   -2.825  1.00 19.21  ? 1040 LEU A O   1 
ATOM   547  C CB  . LEU A 1 62  ? -12.730 3.274   -4.923  1.00 16.74  ? 1040 LEU A CB  1 
ATOM   548  C CG  . LEU A 1 62  ? -12.826 2.613   -6.275  1.00 19.60  ? 1040 LEU A CG  1 
ATOM   549  C CD1 . LEU A 1 62  ? -12.597 1.112   -6.127  1.00 21.67  ? 1040 LEU A CD1 1 
ATOM   550  C CD2 . LEU A 1 62  ? -14.202 2.864   -6.938  1.00 21.69  ? 1040 LEU A CD2 1 
ATOM   551  N N   . HIS A 1 63  ? -12.035 6.170   -2.908  1.00 18.35  ? 1041 HIS A N   1 
ATOM   552  C CA  . HIS A 1 63  ? -12.180 6.712   -1.547  1.00 17.05  ? 1041 HIS A CA  1 
ATOM   553  C C   . HIS A 1 63  ? -12.200 5.628   -0.478  1.00 21.70  ? 1041 HIS A C   1 
ATOM   554  O O   . HIS A 1 63  ? -12.856 5.789   0.579   1.00 20.31  ? 1041 HIS A O   1 
ATOM   555  C CB  . HIS A 1 63  ? -13.403 7.692   -1.449  1.00 19.16  ? 1041 HIS A CB  1 
ATOM   556  C CG  . HIS A 1 63  ? -13.429 8.812   -2.411  1.00 19.30  ? 1041 HIS A CG  1 
ATOM   557  N ND1 . HIS A 1 63  ? -14.238 9.900   -2.189  1.00 22.91  ? 1041 HIS A ND1 1 
ATOM   558  C CD2 . HIS A 1 63  ? -12.683 9.116   -3.499  1.00 20.95  ? 1041 HIS A CD2 1 
ATOM   559  C CE1 . HIS A 1 63  ? -14.084 10.744  -3.192  1.00 19.38  ? 1041 HIS A CE1 1 
ATOM   560  N NE2 . HIS A 1 63  ? -13.097 10.332  -4.023  1.00 24.24  ? 1041 HIS A NE2 1 
ATOM   561  N N   . LYS A 1 64  ? -11.412 4.558   -0.623  1.00 17.23  ? 1042 LYS A N   1 
ATOM   562  C CA  . LYS A 1 64  ? -11.347 3.500   0.356   1.00 17.93  ? 1042 LYS A CA  1 
ATOM   563  C C   . LYS A 1 64  ? -10.481 3.891   1.545   1.00 19.13  ? 1042 LYS A C   1 
ATOM   564  O O   . LYS A 1 64  ? -10.585 3.177   2.554   1.00 18.70  ? 1042 LYS A O   1 
ATOM   565  C CB  . LYS A 1 64  ? -10.842 2.198   -0.261  1.00 17.55  ? 1042 LYS A CB  1 
ATOM   566  C CG  . LYS A 1 64  ? -11.639 1.628   -1.423  1.00 24.07  ? 1042 LYS A CG  1 
ATOM   567  C CD  . LYS A 1 64  ? -12.829 0.883   -1.053  1.00 28.24  ? 1042 LYS A CD  1 
ATOM   568  C CE  . LYS A 1 64  ? -13.396 0.081   -2.234  1.00 28.27  ? 1042 LYS A CE  1 
ATOM   569  N NZ  . LYS A 1 64  ? -14.383 -0.912  -1.754  1.00 34.22  ? 1042 LYS A NZ  1 
ATOM   570  N N   . TYR A 1 65  ? -9.462  4.759   1.367   1.00 17.05  ? 1043 TYR A N   1 
ATOM   571  C CA  . TYR A 1 65  ? -8.551  5.106   2.467   1.00 15.71  ? 1043 TYR A CA  1 
ATOM   572  C C   . TYR A 1 65  ? -8.918  6.486   3.016   1.00 18.28  ? 1043 TYR A C   1 
ATOM   573  O O   . TYR A 1 65  ? -8.923  7.474   2.260   1.00 20.72  ? 1043 TYR A O   1 
ATOM   574  C CB  . TYR A 1 65  ? -7.100  5.167   1.943   1.00 16.46  ? 1043 TYR A CB  1 
ATOM   575  C CG  . TYR A 1 65  ? -6.610  3.905   1.242   1.00 14.85  ? 1043 TYR A CG  1 
ATOM   576  C CD1 . TYR A 1 65  ? -6.534  2.699   1.901   1.00 16.58  ? 1043 TYR A CD1 1 
ATOM   577  C CD2 . TYR A 1 65  ? -6.183  3.940   -0.059  1.00 15.32  ? 1043 TYR A CD2 1 
ATOM   578  C CE1 . TYR A 1 65  ? -6.036  1.540   1.273   1.00 15.28  ? 1043 TYR A CE1 1 
ATOM   579  C CE2 . TYR A 1 65  ? -5.742  2.796   -0.719  1.00 14.52  ? 1043 TYR A CE2 1 
ATOM   580  C CZ  . TYR A 1 65  ? -5.643  1.591   -0.064  1.00 15.63  ? 1043 TYR A CZ  1 
ATOM   581  O OH  . TYR A 1 65  ? -5.192  0.436   -0.701  1.00 16.17  ? 1043 TYR A OH  1 
ATOM   582  N N   A LEU A 1 66  ? -9.224  6.542   4.314   0.14 18.26  ? 1044 LEU A N   1 
ATOM   583  N N   B LEU A 1 66  ? -9.239  6.555   4.305   0.23 18.09  ? 1044 LEU A N   1 
ATOM   584  N N   C LEU A 1 66  ? -9.224  6.542   4.314   0.14 18.26  ? 1044 LEU A N   1 
ATOM   585  C CA  A LEU A 1 66  ? -9.527  7.795   5.065   0.14 18.24  ? 1044 LEU A CA  1 
ATOM   586  C CA  B LEU A 1 66  ? -9.499  7.843   5.013   0.23 17.89  ? 1044 LEU A CA  1 
ATOM   587  C CA  C LEU A 1 66  ? -9.527  7.795   5.065   0.14 18.24  ? 1044 LEU A CA  1 
ATOM   588  C C   A LEU A 1 66  ? -8.363  8.151   5.993   0.14 17.90  ? 1044 LEU A C   1 
ATOM   589  C C   B LEU A 1 66  ? -8.308  8.210   5.894   0.23 17.81  ? 1044 LEU A C   1 
ATOM   590  C C   C LEU A 1 66  ? -8.363  8.151   5.993   0.14 17.90  ? 1044 LEU A C   1 
ATOM   591  O O   A LEU A 1 66  ? -8.422  9.229   6.611   0.14 17.91  ? 1044 LEU A O   1 
ATOM   592  O O   B LEU A 1 66  ? -8.263  9.381   6.317   0.23 16.65  ? 1044 LEU A O   1 
ATOM   593  O O   C LEU A 1 66  ? -8.422  9.229   6.611   0.14 17.91  ? 1044 LEU A O   1 
ATOM   594  C CB  A LEU A 1 66  ? -10.826 7.601   5.855   0.14 19.77  ? 1044 LEU A CB  1 
ATOM   595  C CB  B LEU A 1 66  ? -10.794 7.738   5.827   0.23 19.88  ? 1044 LEU A CB  1 
ATOM   596  C CB  C LEU A 1 66  ? -10.826 7.601   5.855   0.14 19.77  ? 1044 LEU A CB  1 
ATOM   597  C CG  A LEU A 1 66  ? -12.050 7.228   5.020   0.14 20.65  ? 1044 LEU A CG  1 
ATOM   598  C CG  B LEU A 1 66  ? -12.073 8.036   5.045   0.23 20.62  ? 1044 LEU A CG  1 
ATOM   599  C CG  C LEU A 1 66  ? -12.050 7.228   5.020   0.14 20.65  ? 1044 LEU A CG  1 
ATOM   600  C CD1 A LEU A 1 66  ? -13.315 7.264   5.866   0.14 21.95  ? 1044 LEU A CD1 1 
ATOM   601  C CD1 B LEU A 1 66  ? -12.412 6.898   4.094   0.23 21.28  ? 1044 LEU A CD1 1 
ATOM   602  C CD1 C LEU A 1 66  ? -13.315 7.264   5.866   0.14 21.95  ? 1044 LEU A CD1 1 
ATOM   603  C CD2 A LEU A 1 66  ? -12.193 8.146   3.811   0.14 20.36  ? 1044 LEU A CD2 1 
ATOM   604  C CD2 B LEU A 1 66  ? -13.237 8.281   5.987   0.23 22.17  ? 1044 LEU A CD2 1 
ATOM   605  C CD2 C LEU A 1 66  ? -12.193 8.146   3.811   0.14 20.36  ? 1044 LEU A CD2 1 
ATOM   606  N N   . THR A 1 67  ? -7.329  7.302   6.073   1.00 17.15  ? 1045 THR A N   1 
ATOM   607  C CA  . THR A 1 67  ? -6.148  7.561   6.902   1.00 15.55  ? 1045 THR A CA  1 
ATOM   608  C C   . THR A 1 67  ? -4.880  6.960   6.248   1.00 17.06  ? 1045 THR A C   1 
ATOM   609  O O   . THR A 1 67  ? -5.042  5.998   5.491   1.00 15.46  ? 1045 THR A O   1 
ATOM   610  C CB  . THR A 1 67  ? -6.238  7.000   8.317   1.00 18.52  ? 1045 THR A CB  1 
ATOM   611  O OG1 . THR A 1 67  ? -6.153  5.573   8.403   1.00 17.93  ? 1045 THR A OG1 1 
ATOM   612  C CG2 . THR A 1 67  ? -7.519  7.398   9.025   1.00 21.58  ? 1045 THR A CG2 1 
ATOM   613  N N   . VAL A 1 68  ? -3.710  7.447   6.597   1.00 15.20  ? 1046 VAL A N   1 
ATOM   614  C CA  . VAL A 1 68  ? -2.433  6.812   6.091   1.00 15.20  ? 1046 VAL A CA  1 
ATOM   615  C C   . VAL A 1 68  ? -2.310  5.438   6.738   1.00 16.03  ? 1046 VAL A C   1 
ATOM   616  O O   . VAL A 1 68  ? -1.692  4.492   6.170   1.00 17.82  ? 1046 VAL A O   1 
ATOM   617  C CB  . VAL A 1 68  ? -1.208  7.734   6.316   1.00 17.83  ? 1046 VAL A CB  1 
ATOM   618  C CG1 . VAL A 1 68  ? 0.044   7.135   5.708   1.00 20.54  ? 1046 VAL A CG1 1 
ATOM   619  C CG2 . VAL A 1 68  ? -1.415  9.118   5.659   1.00 20.28  ? 1046 VAL A CG2 1 
ATOM   620  N N   . LYS A 1 69  ? -2.769  5.260   7.994   1.00 18.78  ? 1047 LYS A N   1 
ATOM   621  C CA  . LYS A 1 69  ? -2.769  3.932   8.641   1.00 21.33  ? 1047 LYS A CA  1 
ATOM   622  C C   . LYS A 1 69  ? -3.475  2.862   7.782   1.00 19.47  ? 1047 LYS A C   1 
ATOM   623  O O   . LYS A 1 69  ? -2.872  1.731   7.596   1.00 21.33  ? 1047 LYS A O   1 
ATOM   624  C CB  . LYS A 1 69  ? -3.307  4.078   10.079  1.00 26.87  ? 1047 LYS A CB  1 
ATOM   625  C CG  . LYS A 1 69  ? -3.217  2.832   10.925  1.00 41.29  ? 1047 LYS A CG  1 
ATOM   626  C CD  . LYS A 1 69  ? -3.584  3.086   12.413  1.00 48.53  ? 1047 LYS A CD  1 
ATOM   627  C CE  . LYS A 1 69  ? -2.408  3.556   13.245  1.00 58.36  ? 1047 LYS A CE  1 
ATOM   628  N NZ  . LYS A 1 69  ? -2.531  4.977   13.645  1.00 68.58  ? 1047 LYS A NZ  1 
ATOM   629  N N   A ASP A 1 70  ? -4.633  3.151   7.200   0.24 18.29  ? 1048 ASP A N   1 
ATOM   630  N N   B ASP A 1 70  ? -4.683  3.190   7.286   0.13 19.13  ? 1048 ASP A N   1 
ATOM   631  N N   C ASP A 1 70  ? -4.683  3.190   7.286   0.13 19.13  ? 1048 ASP A N   1 
ATOM   632  C CA  A ASP A 1 70  ? -5.369  2.154   6.382   0.24 18.28  ? 1048 ASP A CA  1 
ATOM   633  C CA  B ASP A 1 70  ? -5.495  2.388   6.326   0.13 18.81  ? 1048 ASP A CA  1 
ATOM   634  C CA  C ASP A 1 70  ? -5.495  2.388   6.326   0.13 18.81  ? 1048 ASP A CA  1 
ATOM   635  C C   A ASP A 1 70  ? -4.630  1.926   5.039   0.24 16.95  ? 1048 ASP A C   1 
ATOM   636  C C   B ASP A 1 70  ? -4.577  1.962   5.161   0.13 17.65  ? 1048 ASP A C   1 
ATOM   637  C C   C ASP A 1 70  ? -4.577  1.962   5.161   0.13 17.65  ? 1048 ASP A C   1 
ATOM   638  O O   A ASP A 1 70  ? -4.702  0.804   4.490   0.24 15.59  ? 1048 ASP A O   1 
ATOM   639  O O   B ASP A 1 70  ? -4.446  0.751   4.903   0.13 17.23  ? 1048 ASP A O   1 
ATOM   640  O O   C ASP A 1 70  ? -4.446  0.751   4.903   0.13 17.23  ? 1048 ASP A O   1 
ATOM   641  C CB  A ASP A 1 70  ? -6.835  2.553   6.233   0.24 19.16  ? 1048 ASP A CB  1 
ATOM   642  C CB  B ASP A 1 70  ? -6.706  3.157   5.754   0.13 20.10  ? 1048 ASP A CB  1 
ATOM   643  C CB  C ASP A 1 70  ? -6.706  3.157   5.754   0.13 20.10  ? 1048 ASP A CB  1 
ATOM   644  C CG  A ASP A 1 70  ? -7.660  2.338   7.497   0.24 19.63  ? 1048 ASP A CG  1 
ATOM   645  C CG  B ASP A 1 70  ? -7.925  3.372   6.656   0.13 21.29  ? 1048 ASP A CG  1 
ATOM   646  C CG  C ASP A 1 70  ? -7.925  3.372   6.656   0.13 21.29  ? 1048 ASP A CG  1 
ATOM   647  O OD1 A ASP A 1 70  ? -7.106  1.853   8.513   0.24 20.05  ? 1048 ASP A OD1 1 
ATOM   648  O OD1 B ASP A 1 70  ? -7.886  2.919   7.832   0.13 23.03  ? 1048 ASP A OD1 1 
ATOM   649  O OD1 C ASP A 1 70  ? -7.886  2.919   7.832   0.13 23.03  ? 1048 ASP A OD1 1 
ATOM   650  O OD2 A ASP A 1 70  ? -8.834  2.700   7.465   0.24 19.45  ? 1048 ASP A OD2 1 
ATOM   651  O OD2 B ASP A 1 70  ? -8.937  3.993   6.164   0.13 21.85  ? 1048 ASP A OD2 1 
ATOM   652  O OD2 C ASP A 1 70  ? -8.937  3.993   6.164   0.13 21.85  ? 1048 ASP A OD2 1 
ATOM   653  N N   . TYR A 1 71  ? -3.954  2.940   4.498   1.00 16.20  ? 1049 TYR A N   1 
ATOM   654  C CA  . TYR A 1 71  ? -3.092  2.722   3.306   1.00 14.55  ? 1049 TYR A CA  1 
ATOM   655  C C   . TYR A 1 71  ? -1.890  1.785   3.647   1.00 14.35  ? 1049 TYR A C   1 
ATOM   656  O O   . TYR A 1 71  ? -1.552  0.803   2.881   1.00 14.48  ? 1049 TYR A O   1 
ATOM   657  C CB  . TYR A 1 71  ? -2.599  4.081   2.827   1.00 13.58  ? 1049 TYR A CB  1 
ATOM   658  C CG  . TYR A 1 71  ? -1.508  4.040   1.788   1.00 12.69  ? 1049 TYR A CG  1 
ATOM   659  C CD1 . TYR A 1 71  ? -1.801  3.972   0.438   1.00 12.12  ? 1049 TYR A CD1 1 
ATOM   660  C CD2 . TYR A 1 71  ? -0.161  4.137   2.157   1.00 12.93  ? 1049 TYR A CD2 1 
ATOM   661  C CE1 . TYR A 1 71  ? -0.816  4.026   -0.535  1.00 11.89  ? 1049 TYR A CE1 1 
ATOM   662  C CE2 . TYR A 1 71  ? 0.846   4.173   1.179   1.00 12.10  ? 1049 TYR A CE2 1 
ATOM   663  C CZ  . TYR A 1 71  ? 0.535   4.080   -0.171  1.00 13.15  ? 1049 TYR A CZ  1 
ATOM   664  O OH  . TYR A 1 71  ? 1.499   4.152   -1.144  1.00 12.95  ? 1049 TYR A OH  1 
ATOM   665  N N   . LEU A 1 72  ? -1.232  2.040   4.761   1.00 14.86  ? 1050 LEU A N   1 
ATOM   666  C CA  . LEU A 1 72  ? -0.031  1.246   5.174   1.00 16.01  ? 1050 LEU A CA  1 
ATOM   667  C C   . LEU A 1 72  ? -0.443  -0.191  5.488   1.00 17.69  ? 1050 LEU A C   1 
ATOM   668  O O   . LEU A 1 72  ? 0.403   -1.125  5.277   1.00 15.76  ? 1050 LEU A O   1 
ATOM   669  C CB  . LEU A 1 72  ? 0.756   1.895   6.302   1.00 17.57  ? 1050 LEU A CB  1 
ATOM   670  C CG  . LEU A 1 72  ? 1.558   3.134   5.951   1.00 19.06  ? 1050 LEU A CG  1 
ATOM   671  C CD1 . LEU A 1 72  ? 2.112   3.752   7.210   1.00 21.96  ? 1050 LEU A CD1 1 
ATOM   672  C CD2 . LEU A 1 72  ? 2.656   2.897   4.917   1.00 19.14  ? 1050 LEU A CD2 1 
ATOM   673  N N   . ARG A 1 73  ? -1.673  -0.488  5.870   1.00 16.49  ? 1051 ARG A N   1 
ATOM   674  C CA  . ARG A 1 73  ? -2.088  -1.893  6.056   1.00 17.61  ? 1051 ARG A CA  1 
ATOM   675  C C   . ARG A 1 73  ? -2.108  -2.625  4.701   1.00 15.93  ? 1051 ARG A C   1 
ATOM   676  O O   . ARG A 1 73  ? -1.731  -3.870  4.682   1.00 16.29  ? 1051 ARG A O   1 
ATOM   677  C CB  . ARG A 1 73  ? -3.498  -1.976  6.683   1.00 22.19  ? 1051 ARG A CB  1 
ATOM   678  C CG  . ARG A 1 73  ? -3.570  -1.570  8.144   1.00 32.56  ? 1051 ARG A CG  1 
ATOM   679  C CD  . ARG A 1 73  ? -5.034  -1.769  8.643   1.00 42.27  ? 1051 ARG A CD  1 
ATOM   680  N NE  . ARG A 1 73  ? -5.686  -0.588  9.222   1.00 59.06  ? 1051 ARG A NE  1 
ATOM   681  C CZ  . ARG A 1 73  ? -5.554  -0.154  10.482  1.00 70.41  ? 1051 ARG A CZ  1 
ATOM   682  N NH1 . ARG A 1 73  ? -4.770  -0.793  11.342  1.00 70.80  ? 1051 ARG A NH1 1 
ATOM   683  N NH2 . ARG A 1 73  ? -6.211  0.934   10.871  1.00 76.49  ? 1051 ARG A NH2 1 
ATOM   684  N N   . ASP A 1 74  ? -2.435  -1.946  3.586   1.00 14.85  ? 1052 ASP A N   1 
ATOM   685  C CA  . ASP A 1 74  ? -2.355  -2.566  2.236   1.00 13.90  ? 1052 ASP A CA  1 
ATOM   686  C C   . ASP A 1 74  ? -0.863  -2.689  1.777   1.00 14.24  ? 1052 ASP A C   1 
ATOM   687  O O   . ASP A 1 74  ? -0.548  -3.732  1.098   1.00 14.54  ? 1052 ASP A O   1 
ATOM   688  C CB  . ASP A 1 74  ? -3.255  -1.887  1.218   1.00 15.23  ? 1052 ASP A CB  1 
ATOM   689  C CG  . ASP A 1 74  ? -4.713  -2.421  1.274   1.00 18.38  ? 1052 ASP A CG  1 
ATOM   690  O OD1 . ASP A 1 74  ? -4.922  -3.528  1.911   1.00 18.12  ? 1052 ASP A OD1 1 
ATOM   691  O OD2 . ASP A 1 74  ? -5.582  -1.779  0.612   1.00 17.86  ? 1052 ASP A OD2 1 
ATOM   692  N N   . ILE A 1 75  ? -0.003  -1.717  2.072   1.00 13.86  ? 1053 ILE A N   1 
ATOM   693  C CA  . ILE A 1 75  ? 1.480   -1.899  1.794   1.00 14.29  ? 1053 ILE A CA  1 
ATOM   694  C C   . ILE A 1 75  ? 2.009   -3.124  2.572   1.00 15.48  ? 1053 ILE A C   1 
ATOM   695  O O   . ILE A 1 75  ? 2.680   -4.009  1.954   1.00 16.35  ? 1053 ILE A O   1 
ATOM   696  C CB  . ILE A 1 75  ? 2.304   -0.640  2.123   1.00 16.39  ? 1053 ILE A CB  1 
ATOM   697  C CG1 . ILE A 1 75  ? 1.850   0.565   1.292   1.00 16.99  ? 1053 ILE A CG1 1 
ATOM   698  C CG2 . ILE A 1 75  ? 3.801   -0.914  1.958   1.00 17.95  ? 1053 ILE A CG2 1 
ATOM   699  C CD1 . ILE A 1 75  ? 1.863   0.414   -0.192  1.00 18.05  ? 1053 ILE A CD1 1 
ATOM   700  N N   . ASP A 1 76  ? 1.637   -3.278  3.858   1.00 14.22  ? 1054 ASP A N   1 
ATOM   701  C CA  . ASP A 1 76  ? 1.990   -4.449  4.684   1.00 16.14  ? 1054 ASP A CA  1 
ATOM   702  C C   . ASP A 1 76  ? 1.488   -5.745  4.064   1.00 16.84  ? 1054 ASP A C   1 
ATOM   703  O O   . ASP A 1 76  ? 2.276   -6.745  4.112   1.00 17.65  ? 1054 ASP A O   1 
ATOM   704  C CB  . ASP A 1 76  ? 1.444   -4.317  6.107   1.00 17.24  ? 1054 ASP A CB  1 
ATOM   705  C CG  . ASP A 1 76  ? 2.018   -3.274  7.020   1.00 22.79  ? 1054 ASP A CG  1 
ATOM   706  O OD1 . ASP A 1 76  ? 3.101   -2.772  6.784   1.00 23.29  ? 1054 ASP A OD1 1 
ATOM   707  O OD2 . ASP A 1 76  ? 1.338   -3.064  8.082   1.00 27.37  ? 1054 ASP A OD2 1 
ATOM   708  N N   . LEU A 1 77  ? 0.281   -5.767  3.472   1.00 14.53  ? 1055 LEU A N   1 
ATOM   709  C CA  . LEU A 1 77  ? -0.326  -6.971  2.855   1.00 15.34  ? 1055 LEU A CA  1 
ATOM   710  C C   . LEU A 1 77  ? 0.449   -7.347  1.562   1.00 16.68  ? 1055 LEU A C   1 
ATOM   711  O O   . LEU A 1 77  ? 0.779   -8.567  1.379   1.00 16.33  ? 1055 LEU A O   1 
ATOM   712  C CB  . LEU A 1 77  ? -1.794  -6.671  2.540   1.00 16.70  ? 1055 LEU A CB  1 
ATOM   713  C CG  . LEU A 1 77  ? -2.615  -7.785  1.899   1.00 19.26  ? 1055 LEU A CG  1 
ATOM   714  C CD1 . LEU A 1 77  ? -2.635  -9.059  2.789   1.00 20.79  ? 1055 LEU A CD1 1 
ATOM   715  C CD2 . LEU A 1 77  ? -4.048  -7.255  1.606   1.00 19.62  ? 1055 LEU A CD2 1 
ATOM   716  N N   . ILE A 1 78  ? 0.878   -6.376  0.761   1.00 16.66  ? 1056 ILE A N   1 
ATOM   717  C CA  . ILE A 1 78  ? 1.739   -6.658  -0.429  1.00 15.82  ? 1056 ILE A CA  1 
ATOM   718  C C   . ILE A 1 78  ? 2.990   -7.394  0.054   1.00 16.56  ? 1056 ILE A C   1 
ATOM   719  O O   . ILE A 1 78  ? 3.360   -8.474  -0.580  1.00 17.16  ? 1056 ILE A O   1 
ATOM   720  C CB  . ILE A 1 78  ? 2.095   -5.379  -1.219  1.00 17.07  ? 1056 ILE A CB  1 
ATOM   721  C CG1 . ILE A 1 78  ? 0.847   -4.750  -1.826  1.00 15.70  ? 1056 ILE A CG1 1 
ATOM   722  C CG2 . ILE A 1 78  ? 3.138   -5.666  -2.326  1.00 17.47  ? 1056 ILE A CG2 1 
ATOM   723  C CD1 . ILE A 1 78  ? 1.054   -3.396  -2.599  1.00 16.52  ? 1056 ILE A CD1 1 
ATOM   724  N N   . CYS A 1 79  ? 3.624   -6.878  1.095   1.00 15.09  ? 1057 CYS A N   1 
ATOM   725  C CA  . CYS A 1 79  ? 4.901   -7.414  1.638   1.00 18.98  ? 1057 CYS A CA  1 
ATOM   726  C C   . CYS A 1 79  ? 4.647   -8.818  2.242   1.00 21.09  ? 1057 CYS A C   1 
ATOM   727  O O   . CYS A 1 79  ? 5.322   -9.854  1.859   1.00 18.91  ? 1057 CYS A O   1 
ATOM   728  C CB  . CYS A 1 79  ? 5.493   -6.480  2.649   1.00 19.61  ? 1057 CYS A CB  1 
ATOM   729  S SG  . CYS A 1 79  ? 7.068   -7.080  3.351   1.00 22.06  ? 1057 CYS A SG  1 
ATOM   730  N N   . SER A 1 80  ? 3.652   -8.940  3.131   1.00 17.39  ? 1058 SER A N   1 
ATOM   731  C CA  . SER A 1 80  ? 3.419   -10.266 3.782   1.00 19.27  ? 1058 SER A CA  1 
ATOM   732  C C   . SER A 1 80  ? 3.007   -11.330 2.753   1.00 17.67  ? 1058 SER A C   1 
ATOM   733  O O   . SER A 1 80  ? 3.487   -12.515 2.931   1.00 19.82  ? 1058 SER A O   1 
ATOM   734  C CB  . SER A 1 80  ? 2.471   -10.167 4.994   1.00 23.45  ? 1058 SER A CB  1 
ATOM   735  O OG  . SER A 1 80  ? 1.242   -9.692  4.594   1.00 27.04  ? 1058 SER A OG  1 
ATOM   736  N N   . ASN A 1 81  ? 2.184   -11.051 1.748   1.00 16.84  ? 1059 ASN A N   1 
ATOM   737  C CA  . ASN A 1 81  ? 1.813   -11.964 0.656   1.00 16.12  ? 1059 ASN A CA  1 
ATOM   738  C C   . ASN A 1 81  ? 3.106   -12.493 -0.047  1.00 21.57  ? 1059 ASN A C   1 
ATOM   739  O O   . ASN A 1 81  ? 3.228   -13.717 -0.307  1.00 18.50  ? 1059 ASN A O   1 
ATOM   740  C CB  . ASN A 1 81  ? 0.843   -11.374 -0.352  1.00 16.24  ? 1059 ASN A CB  1 
ATOM   741  C CG  . ASN A 1 81  ? -0.596  -11.194 0.190   1.00 16.34  ? 1059 ASN A CG  1 
ATOM   742  O OD1 . ASN A 1 81  ? -0.920  -11.716 1.268   1.00 18.60  ? 1059 ASN A OD1 1 
ATOM   743  N ND2 . ASN A 1 81  ? -1.410  -10.450 -0.559  1.00 18.01  ? 1059 ASN A ND2 1 
ATOM   744  N N   . ALA A 1 82  ? 4.056   -11.617 -0.365  1.00 18.35  ? 1060 ALA A N   1 
ATOM   745  C CA  . ALA A 1 82  ? 5.327   -12.044 -1.030  1.00 18.33  ? 1060 ALA A CA  1 
ATOM   746  C C   . ALA A 1 82  ? 6.122   -12.958 -0.090  1.00 18.87  ? 1060 ALA A C   1 
ATOM   747  O O   . ALA A 1 82  ? 6.700   -13.973 -0.588  1.00 23.69  ? 1060 ALA A O   1 
ATOM   748  C CB  . ALA A 1 82  ? 6.097   -10.784 -1.440  1.00 18.52  ? 1060 ALA A CB  1 
ATOM   749  N N   . LEU A 1 83  ? 6.217   -12.648 1.181   1.00 18.61  ? 1061 LEU A N   1 
ATOM   750  C CA  . LEU A 1 83  ? 6.973   -13.448 2.172   1.00 21.01  ? 1061 LEU A CA  1 
ATOM   751  C C   . LEU A 1 83  ? 6.353   -14.843 2.317   1.00 25.71  ? 1061 LEU A C   1 
ATOM   752  O O   . LEU A 1 83  ? 7.129   -15.869 2.429   1.00 24.19  ? 1061 LEU A O   1 
ATOM   753  C CB  . LEU A 1 83  ? 7.095   -12.796 3.530   1.00 23.03  ? 1061 LEU A CB  1 
ATOM   754  C CG  . LEU A 1 83  ? 7.703   -11.398 3.577   1.00 26.76  ? 1061 LEU A CG  1 
ATOM   755  C CD1 . LEU A 1 83  ? 7.823   -10.874 4.977   1.00 28.84  ? 1061 LEU A CD1 1 
ATOM   756  C CD2 . LEU A 1 83  ? 9.019   -11.304 2.849   1.00 29.05  ? 1061 LEU A CD2 1 
ATOM   757  N N   A GLU A 1 84  ? 5.013   -14.912 2.318   0.14 24.18  ? 1062 GLU A N   1 
ATOM   758  N N   B GLU A 1 84  ? 5.019   -14.927 2.281   0.23 23.60  ? 1062 GLU A N   1 
ATOM   759  N N   C GLU A 1 84  ? 5.013   -14.912 2.318   0.14 24.18  ? 1062 GLU A N   1 
ATOM   760  C CA  A GLU A 1 84  ? 4.228   -16.169 2.482   0.14 24.84  ? 1062 GLU A CA  1 
ATOM   761  C CA  B GLU A 1 84  ? 4.283   -16.201 2.507   0.23 24.18  ? 1062 GLU A CA  1 
ATOM   762  C CA  C GLU A 1 84  ? 4.228   -16.169 2.482   0.14 24.84  ? 1062 GLU A CA  1 
ATOM   763  C C   A GLU A 1 84  ? 4.375   -17.046 1.234   0.14 23.51  ? 1062 GLU A C   1 
ATOM   764  C C   B GLU A 1 84  ? 4.316   -17.059 1.230   0.23 23.00  ? 1062 GLU A C   1 
ATOM   765  C C   C GLU A 1 84  ? 4.375   -17.046 1.234   0.14 23.51  ? 1062 GLU A C   1 
ATOM   766  O O   A GLU A 1 84  ? 4.649   -18.253 1.403   0.14 25.12  ? 1062 GLU A O   1 
ATOM   767  O O   B GLU A 1 84  ? 4.480   -18.284 1.365   0.23 25.31  ? 1062 GLU A O   1 
ATOM   768  O O   C GLU A 1 84  ? 4.649   -18.253 1.403   0.14 25.12  ? 1062 GLU A O   1 
ATOM   769  C CB  A GLU A 1 84  ? 2.745   -15.875 2.754   0.14 26.48  ? 1062 GLU A CB  1 
ATOM   770  C CB  B GLU A 1 84  ? 2.880   -15.894 3.060   0.23 25.56  ? 1062 GLU A CB  1 
ATOM   771  C CB  C GLU A 1 84  ? 2.745   -15.875 2.754   0.14 26.48  ? 1062 GLU A CB  1 
ATOM   772  C CG  A GLU A 1 84  ? 1.886   -17.126 2.889   0.14 27.90  ? 1062 GLU A CG  1 
ATOM   773  C CG  B GLU A 1 84  ? 2.927   -15.313 4.466   0.23 27.02  ? 1062 GLU A CG  1 
ATOM   774  C CG  C GLU A 1 84  ? 1.886   -17.126 2.889   0.14 27.90  ? 1062 GLU A CG  1 
ATOM   775  C CD  A GLU A 1 84  ? 0.403   -16.894 3.177   0.14 30.75  ? 1062 GLU A CD  1 
ATOM   776  C CD  B GLU A 1 84  ? 1.659   -14.666 5.024   0.23 29.68  ? 1062 GLU A CD  1 
ATOM   777  C CD  C GLU A 1 84  ? 0.403   -16.894 3.177   0.14 30.75  ? 1062 GLU A CD  1 
ATOM   778  O OE1 A GLU A 1 84  ? -0.354  -17.882 3.217   0.14 32.63  ? 1062 GLU A OE1 1 
ATOM   779  O OE1 B GLU A 1 84  ? 0.623   -14.685 4.343   0.23 29.00  ? 1062 GLU A OE1 1 
ATOM   780  O OE1 C GLU A 1 84  ? -0.354  -17.882 3.217   0.14 32.63  ? 1062 GLU A OE1 1 
ATOM   781  O OE2 A GLU A 1 84  ? 0.005   -15.732 3.358   0.14 28.89  ? 1062 GLU A OE2 1 
ATOM   782  O OE2 B GLU A 1 84  ? 1.721   -14.124 6.151   0.23 32.50  ? 1062 GLU A OE2 1 
ATOM   783  O OE2 C GLU A 1 84  ? 0.005   -15.732 3.358   0.14 28.89  ? 1062 GLU A OE2 1 
ATOM   784  N N   . TYR A 1 85  ? 4.202   -16.471 0.038   1.00 21.84  ? 1063 TYR A N   1 
ATOM   785  C CA  . TYR A 1 85  ? 4.148   -17.225 -1.215  1.00 21.96  ? 1063 TYR A CA  1 
ATOM   786  C C   . TYR A 1 85  ? 5.590   -17.658 -1.615  1.00 26.03  ? 1063 TYR A C   1 
ATOM   787  O O   . TYR A 1 85  ? 5.677   -18.648 -2.377  1.00 22.39  ? 1063 TYR A O   1 
ATOM   788  C CB  . TYR A 1 85  ? 3.537   -16.510 -2.401  1.00 22.77  ? 1063 TYR A CB  1 
ATOM   789  C CG  . TYR A 1 85  ? 3.272   -17.401 -3.587  1.00 27.91  ? 1063 TYR A CG  1 
ATOM   790  C CD1 . TYR A 1 85  ? 2.242   -18.349 -3.543  1.00 31.10  ? 1063 TYR A CD1 1 
ATOM   791  C CD2 . TYR A 1 85  ? 4.022   -17.312 -4.756  1.00 32.07  ? 1063 TYR A CD2 1 
ATOM   792  C CE1 . TYR A 1 85  ? 1.978   -19.173 -4.634  1.00 33.15  ? 1063 TYR A CE1 1 
ATOM   793  C CE2 . TYR A 1 85  ? 3.815   -18.180 -5.816  1.00 34.37  ? 1063 TYR A CE2 1 
ATOM   794  C CZ  . TYR A 1 85  ? 2.794   -19.111 -5.758  1.00 37.49  ? 1063 TYR A CZ  1 
ATOM   795  O OH  . TYR A 1 85  ? 2.522   -19.888 -6.856  1.00 45.15  ? 1063 TYR A OH  1 
ATOM   796  N N   . ASN A 1 86  ? 6.630   -16.978 -1.129  1.00 22.18  ? 1064 ASN A N   1 
ATOM   797  C CA  . ASN A 1 86  ? 8.036   -17.218 -1.658  1.00 24.01  ? 1064 ASN A CA  1 
ATOM   798  C C   . ASN A 1 86  ? 8.954   -17.465 -0.478  1.00 20.39  ? 1064 ASN A C   1 
ATOM   799  O O   . ASN A 1 86  ? 9.864   -16.665 -0.149  1.00 23.04  ? 1064 ASN A O   1 
ATOM   800  C CB  . ASN A 1 86  ? 8.488   -16.041 -2.544  1.00 24.20  ? 1064 ASN A CB  1 
ATOM   801  C CG  . ASN A 1 86  ? 7.600   -15.738 -3.721  1.00 24.99  ? 1064 ASN A CG  1 
ATOM   802  O OD1 . ASN A 1 86  ? 7.627   -16.398 -4.775  1.00 25.65  ? 1064 ASN A OD1 1 
ATOM   803  N ND2 . ASN A 1 86  ? 6.750   -14.709 -3.598  1.00 22.10  ? 1064 ASN A ND2 1 
ATOM   804  N N   . PRO A 1 87  ? 8.745   -18.520 0.344   1.00 22.28  ? 1065 PRO A N   1 
ATOM   805  C CA  . PRO A 1 87  ? 9.453   -18.655 1.601   1.00 21.75  ? 1065 PRO A CA  1 
ATOM   806  C C   . PRO A 1 87  ? 10.777  -19.483 1.632   1.00 24.67  ? 1065 PRO A C   1 
ATOM   807  O O   . PRO A 1 87  ? 11.370  -19.601 2.698   1.00 27.00  ? 1065 PRO A O   1 
ATOM   808  C CB  . PRO A 1 87  ? 8.444   -19.457 2.429   1.00 26.75  ? 1065 PRO A CB  1 
ATOM   809  C CG  . PRO A 1 87  ? 7.800   -20.349 1.412   1.00 25.63  ? 1065 PRO A CG  1 
ATOM   810  C CD  . PRO A 1 87  ? 7.774   -19.607 0.115   1.00 27.35  ? 1065 PRO A CD  1 
ATOM   811  N N   . ASP A 1 88  ? 11.203  -19.977 0.481   1.00 24.79  ? 1066 ASP A N   1 
ATOM   812  C CA  . ASP A 1 88  ? 12.294  -21.014 0.381   1.00 25.03  ? 1066 ASP A CA  1 
ATOM   813  C C   . ASP A 1 88  ? 13.690  -20.378 0.320   1.00 30.67  ? 1066 ASP A C   1 
ATOM   814  O O   . ASP A 1 88  ? 13.794  -19.120 0.181   1.00 22.41  ? 1066 ASP A O   1 
ATOM   815  C CB  . ASP A 1 88  ? 12.015  -21.857 -0.850  1.00 27.19  ? 1066 ASP A CB  1 
ATOM   816  C CG  . ASP A 1 88  ? 10.767  -22.735 -0.693  1.00 35.59  ? 1066 ASP A CG  1 
ATOM   817  O OD1 . ASP A 1 88  ? 10.325  -22.961 0.492   1.00 35.49  ? 1066 ASP A OD1 1 
ATOM   818  O OD2 . ASP A 1 88  ? 10.257  -23.180 -1.731  1.00 41.79  ? 1066 ASP A OD2 1 
ATOM   819  N N   . ARG A 1 89  ? 14.773  -21.188 0.406   1.00 25.69  ? 1067 ARG A N   1 
ATOM   820  C CA  . ARG A 1 89  ? 16.175  -20.650 0.446   1.00 24.22  ? 1067 ARG A CA  1 
ATOM   821  C C   . ARG A 1 89  ? 16.660  -20.307 -0.967  1.00 22.30  ? 1067 ARG A C   1 
ATOM   822  O O   . ARG A 1 89  ? 17.748  -19.707 -1.098  1.00 27.22  ? 1067 ARG A O   1 
ATOM   823  C CB  . ARG A 1 89  ? 17.172  -21.609 1.134   1.00 26.99  ? 1067 ARG A CB  1 
ATOM   824  C CG  . ARG A 1 89  ? 17.489  -22.915 0.391   1.00 33.05  ? 1067 ARG A CG  1 
ATOM   825  C CD  . ARG A 1 89  ? 18.942  -22.991 -0.166  1.00 26.12  ? 1067 ARG A CD  1 
ATOM   826  N NE  . ARG A 1 89  ? 20.003  -22.084 0.344   1.00 30.70  ? 1067 ARG A NE  1 
ATOM   827  C CZ  . ARG A 1 89  ? 20.944  -21.422 -0.449  1.00 30.39  ? 1067 ARG A CZ  1 
ATOM   828  N NH1 . ARG A 1 89  ? 21.960  -20.668 0.075   1.00 21.84  ? 1067 ARG A NH1 1 
ATOM   829  N NH2 . ARG A 1 89  ? 20.804  -21.555 -1.763  1.00 23.93  ? 1067 ARG A NH2 1 
ATOM   830  N N   . ASP A 1 90  ? 15.960  -20.703 -1.983  1.00 21.64  ? 1068 ASP A N   1 
ATOM   831  C CA  . ASP A 1 90  ? 16.510  -20.507 -3.330  1.00 26.64  ? 1068 ASP A CA  1 
ATOM   832  C C   . ASP A 1 90  ? 16.562  -19.021 -3.712  1.00 26.20  ? 1068 ASP A C   1 
ATOM   833  O O   . ASP A 1 90  ? 15.827  -18.173 -3.155  1.00 23.00  ? 1068 ASP A O   1 
ATOM   834  C CB  . ASP A 1 90  ? 15.771  -21.226 -4.415  1.00 31.19  ? 1068 ASP A CB  1 
ATOM   835  C CG  . ASP A 1 90  ? 14.374  -20.774 -4.617  1.00 39.07  ? 1068 ASP A CG  1 
ATOM   836  O OD1 . ASP A 1 90  ? 13.536  -21.218 -3.813  1.00 62.02  ? 1068 ASP A OD1 1 
ATOM   837  O OD2 . ASP A 1 90  ? 14.157  -19.973 -5.572  1.00 48.59  ? 1068 ASP A OD2 1 
ATOM   838  N N   . PRO A 1 91  ? 17.496  -18.687 -4.609  1.00 22.99  ? 1069 PRO A N   1 
ATOM   839  C CA  . PRO A 1 91  ? 17.775  -17.283 -4.901  1.00 20.65  ? 1069 PRO A CA  1 
ATOM   840  C C   . PRO A 1 91  ? 16.551  -16.517 -5.438  1.00 19.09  ? 1069 PRO A C   1 
ATOM   841  O O   . PRO A 1 91  ? 16.480  -15.292 -5.183  1.00 18.52  ? 1069 PRO A O   1 
ATOM   842  C CB  . PRO A 1 91  ? 18.900  -17.298 -5.956  1.00 22.30  ? 1069 PRO A CB  1 
ATOM   843  C CG  . PRO A 1 91  ? 19.489  -18.689 -5.889  1.00 28.19  ? 1069 PRO A CG  1 
ATOM   844  C CD  . PRO A 1 91  ? 18.450  -19.613 -5.286  1.00 26.60  ? 1069 PRO A CD  1 
ATOM   845  N N   . GLY A 1 92  ? 15.690  -17.124 -6.250  1.00 18.72  ? 1070 GLY A N   1 
ATOM   846  C CA  . GLY A 1 92  ? 14.518  -16.407 -6.795  1.00 21.31  ? 1070 GLY A CA  1 
ATOM   847  C C   . GLY A 1 92  ? 13.598  -15.982 -5.662  1.00 21.98  ? 1070 GLY A C   1 
ATOM   848  O O   . GLY A 1 92  ? 13.139  -14.787 -5.645  1.00 20.95  ? 1070 GLY A O   1 
ATOM   849  N N   . ASP A 1 93  ? 13.349  -16.884 -4.712  1.00 21.87  ? 1071 ASP A N   1 
ATOM   850  C CA  . ASP A 1 93  ? 12.526  -16.562 -3.503  1.00 22.58  ? 1071 ASP A CA  1 
ATOM   851  C C   . ASP A 1 93  ? 13.241  -15.504 -2.660  1.00 21.47  ? 1071 ASP A C   1 
ATOM   852  O O   . ASP A 1 93  ? 12.591  -14.512 -2.160  1.00 20.64  ? 1071 ASP A O   1 
ATOM   853  C CB  . ASP A 1 93  ? 12.177  -17.766 -2.629  1.00 22.27  ? 1071 ASP A CB  1 
ATOM   854  C CG  . ASP A 1 93  ? 11.093  -18.695 -3.207  1.00 26.21  ? 1071 ASP A CG  1 
ATOM   855  O OD1 . ASP A 1 93  ? 10.836  -18.647 -4.442  1.00 27.39  ? 1071 ASP A OD1 1 
ATOM   856  O OD2 . ASP A 1 93  ? 10.445  -19.395 -2.380  1.00 25.51  ? 1071 ASP A OD2 1 
ATOM   857  N N   . ARG A 1 94  ? 14.554  -15.619 -2.447  1.00 17.41  ? 1072 ARG A N   1 
ATOM   858  C CA  . ARG A 1 94  ? 15.256  -14.668 -1.556  1.00 20.06  ? 1072 ARG A CA  1 
ATOM   859  C C   . ARG A 1 94  ? 15.201  -13.256 -2.194  1.00 17.05  ? 1072 ARG A C   1 
ATOM   860  O O   . ARG A 1 94  ? 15.161  -12.264 -1.389  1.00 18.75  ? 1072 ARG A O   1 
ATOM   861  C CB  . ARG A 1 94  ? 16.680  -15.145 -1.241  1.00 21.09  ? 1072 ARG A CB  1 
ATOM   862  C CG  . ARG A 1 94  ? 16.674  -16.244 -0.174  1.00 24.15  ? 1072 ARG A CG  1 
ATOM   863  C CD  . ARG A 1 94  ? 18.038  -16.732 0.233   1.00 30.52  ? 1072 ARG A CD  1 
ATOM   864  N NE  . ARG A 1 94  ? 18.016  -17.667 1.384   1.00 32.85  ? 1072 ARG A NE  1 
ATOM   865  C CZ  . ARG A 1 94  ? 19.037  -18.496 1.707   1.00 45.41  ? 1072 ARG A CZ  1 
ATOM   866  N NH1 . ARG A 1 94  ? 20.120  -18.547 0.944   1.00 49.64  ? 1072 ARG A NH1 1 
ATOM   867  N NH2 . ARG A 1 94  ? 18.982  -19.264 2.788   1.00 42.16  ? 1072 ARG A NH2 1 
ATOM   868  N N   . LEU A 1 95  ? 15.304  -13.176 -3.510  1.00 17.61  ? 1073 LEU A N   1 
ATOM   869  C CA  . LEU A 1 95  ? 15.353  -11.884 -4.229  1.00 17.33  ? 1073 LEU A CA  1 
ATOM   870  C C   . LEU A 1 95  ? 13.969  -11.199 -4.050  1.00 18.20  ? 1073 LEU A C   1 
ATOM   871  O O   . LEU A 1 95  ? 13.940  -9.987  -3.673  1.00 16.49  ? 1073 LEU A O   1 
ATOM   872  C CB  . LEU A 1 95  ? 15.656  -12.034 -5.697  1.00 16.20  ? 1073 LEU A CB  1 
ATOM   873  C CG  . LEU A 1 95  ? 15.656  -10.779 -6.570  1.00 15.17  ? 1073 LEU A CG  1 
ATOM   874  C CD1 . LEU A 1 95  ? 16.617  -9.718  -6.081  1.00 16.40  ? 1073 LEU A CD1 1 
ATOM   875  C CD2 . LEU A 1 95  ? 15.898  -11.128 -8.008  1.00 20.10  ? 1073 LEU A CD2 1 
ATOM   876  N N   A ILE A 1 96  ? 12.872  -11.934 -4.267  0.15 18.12  ? 1074 ILE A N   1 
ATOM   877  N N   B ILE A 1 96  ? 12.863  -11.917 -4.247  0.21 17.31  ? 1074 ILE A N   1 
ATOM   878  N N   C ILE A 1 96  ? 12.872  -11.934 -4.267  0.15 18.12  ? 1074 ILE A N   1 
ATOM   879  C CA  A ILE A 1 96  ? 11.482  -11.387 -4.099  0.15 18.39  ? 1074 ILE A CA  1 
ATOM   880  C CA  B ILE A 1 96  ? 11.509  -11.273 -4.111  0.21 16.75  ? 1074 ILE A CA  1 
ATOM   881  C CA  C ILE A 1 96  ? 11.482  -11.387 -4.099  0.15 18.39  ? 1074 ILE A CA  1 
ATOM   882  C C   A ILE A 1 96  ? 11.285  -10.908 -2.655  0.15 18.48  ? 1074 ILE A C   1 
ATOM   883  C C   B ILE A 1 96  ? 11.241  -10.907 -2.641  0.21 17.57  ? 1074 ILE A C   1 
ATOM   884  C C   C ILE A 1 96  ? 11.285  -10.908 -2.655  0.15 18.48  ? 1074 ILE A C   1 
ATOM   885  O O   A ILE A 1 96  ? 10.753  -9.778  -2.466  0.15 18.48  ? 1074 ILE A O   1 
ATOM   886  O O   B ILE A 1 96  ? 10.630  -9.815  -2.403  0.21 17.03  ? 1074 ILE A O   1 
ATOM   887  O O   C ILE A 1 96  ? 10.753  -9.778  -2.466  0.15 18.48  ? 1074 ILE A O   1 
ATOM   888  C CB  A ILE A 1 96  ? 10.405  -12.413 -4.509  0.15 19.26  ? 1074 ILE A CB  1 
ATOM   889  C CB  B ILE A 1 96  ? 10.392  -12.132 -4.740  0.21 16.80  ? 1074 ILE A CB  1 
ATOM   890  C CB  C ILE A 1 96  ? 10.405  -12.413 -4.509  0.15 19.26  ? 1074 ILE A CB  1 
ATOM   891  C CG1 A ILE A 1 96  ? 10.466  -12.760 -5.997  0.15 19.67  ? 1074 ILE A CG1 1 
ATOM   892  C CG1 B ILE A 1 96  ? 9.110   -11.311 -4.944  0.21 16.08  ? 1074 ILE A CG1 1 
ATOM   893  C CG1 C ILE A 1 96  ? 10.466  -12.760 -5.997  0.15 19.67  ? 1074 ILE A CG1 1 
ATOM   894  C CG2 A ILE A 1 96  ? 9.020   -11.902 -4.127  0.15 19.22  ? 1074 ILE A CG2 1 
ATOM   895  C CG2 B ILE A 1 96  ? 10.152  -13.373 -3.902  0.21 16.73  ? 1074 ILE A CG2 1 
ATOM   896  C CG2 C ILE A 1 96  ? 9.020   -11.902 -4.127  0.15 19.22  ? 1074 ILE A CG2 1 
ATOM   897  C CD1 A ILE A 1 96  ? 9.653   -13.973 -6.370  0.15 21.00  ? 1074 ILE A CD1 1 
ATOM   898  C CD1 B ILE A 1 96  ? 8.086   -11.951 -5.848  0.21 17.39  ? 1074 ILE A CD1 1 
ATOM   899  C CD1 C ILE A 1 96  ? 9.653   -13.973 -6.370  0.15 21.00  ? 1074 ILE A CD1 1 
ATOM   900  N N   . ARG A 1 97  ? 11.684  -11.721 -1.667  1.00 18.09  ? 1075 ARG A N   1 
ATOM   901  C CA  . ARG A 1 97  ? 11.576  -11.356 -0.221  1.00 19.54  ? 1075 ARG A CA  1 
ATOM   902  C C   . ARG A 1 97  ? 12.357  -10.061 0.051   1.00 22.37  ? 1075 ARG A C   1 
ATOM   903  O O   . ARG A 1 97  ? 11.844  -9.155  0.810   1.00 18.16  ? 1075 ARG A O   1 
ATOM   904  C CB  . ARG A 1 97  ? 11.927  -12.464 0.777   1.00 19.75  ? 1075 ARG A CB  1 
ATOM   905  C CG  . ARG A 1 97  ? 11.004  -13.674 0.636   1.00 20.95  ? 1075 ARG A CG  1 
ATOM   906  C CD  . ARG A 1 97  ? 11.045  -14.452 1.915   1.00 23.35  ? 1075 ARG A CD  1 
ATOM   907  N NE  . ARG A 1 97  ? 12.335  -14.869 2.402   1.00 26.19  ? 1075 ARG A NE  1 
ATOM   908  C CZ  . ARG A 1 97  ? 12.982  -15.953 1.932   1.00 25.99  ? 1075 ARG A CZ  1 
ATOM   909  N NH1 . ARG A 1 97  ? 12.486  -16.663 0.945   1.00 24.36  ? 1075 ARG A NH1 1 
ATOM   910  N NH2 . ARG A 1 97  ? 14.133  -16.297 2.466   1.00 28.11  ? 1075 ARG A NH2 1 
ATOM   911  N N   . HIS A 1 98  ? 13.605  -9.947  -0.442  1.00 16.64  ? 1076 HIS A N   1 
ATOM   912  C CA  . HIS A 1 98  ? 14.400  -8.732  -0.226  1.00 17.43  ? 1076 HIS A CA  1 
ATOM   913  C C   . HIS A 1 98  ? 13.674  -7.495  -0.831  1.00 14.24  ? 1076 HIS A C   1 
ATOM   914  O O   . HIS A 1 98  ? 13.702  -6.384  -0.122  1.00 17.19  ? 1076 HIS A O   1 
ATOM   915  C CB  . HIS A 1 98  ? 15.842  -8.898  -0.751  1.00 16.42  ? 1076 HIS A CB  1 
ATOM   916  C CG  . HIS A 1 98  ? 16.802  -7.817  -0.348  1.00 18.63  ? 1076 HIS A CG  1 
ATOM   917  N ND1 . HIS A 1 98  ? 17.050  -6.660  -1.114  1.00 20.39  ? 1076 HIS A ND1 1 
ATOM   918  C CD2 . HIS A 1 98  ? 17.571  -7.706  0.747   1.00 21.16  ? 1076 HIS A CD2 1 
ATOM   919  C CE1 . HIS A 1 98  ? 17.927  -5.897  -0.455  1.00 21.41  ? 1076 HIS A CE1 1 
ATOM   920  N NE2 . HIS A 1 98  ? 18.258  -6.518  0.702   1.00 19.73  ? 1076 HIS A NE2 1 
ATOM   921  N N   . ARG A 1 99  ? 13.138  -7.639  -2.021  1.00 15.83  ? 1077 ARG A N   1 
ATOM   922  C CA  . ARG A 1 99  ? 12.430  -6.553  -2.740  1.00 15.09  ? 1077 ARG A CA  1 
ATOM   923  C C   . ARG A 1 99  ? 11.170  -6.191  -1.945  1.00 16.67  ? 1077 ARG A C   1 
ATOM   924  O O   . ARG A 1 99  ? 10.872  -4.986  -1.851  1.00 15.51  ? 1077 ARG A O   1 
ATOM   925  C CB  . ARG A 1 99  ? 12.160  -6.946  -4.172  1.00 16.38  ? 1077 ARG A CB  1 
ATOM   926  C CG  . ARG A 1 99  ? 13.413  -6.997  -5.058  1.00 17.60  ? 1077 ARG A CG  1 
ATOM   927  C CD  . ARG A 1 99  ? 13.102  -7.610  -6.367  1.00 18.20  ? 1077 ARG A CD  1 
ATOM   928  N NE  . ARG A 1 99  ? 14.170  -7.334  -7.328  1.00 18.34  ? 1077 ARG A NE  1 
ATOM   929  C CZ  . ARG A 1 99  ? 14.221  -7.785  -8.571  1.00 18.48  ? 1077 ARG A CZ  1 
ATOM   930  N NH1 . ARG A 1 99  ? 13.299  -8.576  -9.031  1.00 20.15  ? 1077 ARG A NH1 1 
ATOM   931  N NH2 . ARG A 1 99  ? 15.223  -7.451  -9.370  1.00 23.91  ? 1077 ARG A NH2 1 
ATOM   932  N N   . ALA A 1 100 ? 10.442  -7.182  -1.440  1.00 16.47  ? 1078 ALA A N   1 
ATOM   933  C CA  . ALA A 1 100 ? 9.176   -6.929  -0.684  1.00 17.71  ? 1078 ALA A CA  1 
ATOM   934  C C   . ALA A 1 100 ? 9.517   -6.137  0.576   1.00 18.98  ? 1078 ALA A C   1 
ATOM   935  O O   . ALA A 1 100 ? 8.764   -5.133  0.925   1.00 18.27  ? 1078 ALA A O   1 
ATOM   936  C CB  . ALA A 1 100 ? 8.469   -8.250  -0.379  1.00 19.66  ? 1078 ALA A CB  1 
ATOM   937  N N   . CYS A 1 101 ? 10.564  -6.497  1.322   1.00 17.68  ? 1079 CYS A N   1 
ATOM   938  C CA  . CYS A 1 101 ? 10.997  -5.782  2.527   1.00 18.50  ? 1079 CYS A CA  1 
ATOM   939  C C   . CYS A 1 101 ? 11.455  -4.356  2.184   1.00 18.64  ? 1079 CYS A C   1 
ATOM   940  O O   . CYS A 1 101 ? 11.149  -3.410  2.958   1.00 17.95  ? 1079 CYS A O   1 
ATOM   941  C CB  . CYS A 1 101 ? 12.055  -6.536  3.303   1.00 22.58  ? 1079 CYS A CB  1 
ATOM   942  S SG  . CYS A 1 101 ? 11.350  -8.011  4.106   1.00 27.98  ? 1079 CYS A SG  1 
ATOM   943  N N   . ALA A 1 102 ? 12.136  -4.192  1.063   1.00 19.17  ? 1080 ALA A N   1 
ATOM   944  C CA  . ALA A 1 102 ? 12.591  -2.856  0.576   1.00 18.71  ? 1080 ALA A CA  1 
ATOM   945  C C   . ALA A 1 102 ? 11.358  -1.999  0.203   1.00 16.95  ? 1080 ALA A C   1 
ATOM   946  O O   . ALA A 1 102 ? 11.376  -0.760  0.513   1.00 16.53  ? 1080 ALA A O   1 
ATOM   947  C CB  . ALA A 1 102 ? 13.528  -2.983  -0.609  1.00 17.30  ? 1080 ALA A CB  1 
ATOM   948  N N   . LEU A 1 103 ? 10.340  -2.577  -0.413  1.00 15.84  ? 1081 LEU A N   1 
ATOM   949  C CA  . LEU A 1 103 ? 9.094   -1.802  -0.767  1.00 16.28  ? 1081 LEU A CA  1 
ATOM   950  C C   . LEU A 1 103 ? 8.488   -1.276  0.541   1.00 16.09  ? 1081 LEU A C   1 
ATOM   951  O O   . LEU A 1 103 ? 8.146   -0.023  0.646   1.00 15.72  ? 1081 LEU A O   1 
ATOM   952  C CB  . LEU A 1 103 ? 8.104   -2.724  -1.499  1.00 16.76  ? 1081 LEU A CB  1 
ATOM   953  C CG  . LEU A 1 103 ? 6.722   -2.077  -1.667  1.00 20.87  ? 1081 LEU A CG  1 
ATOM   954  C CD1 . LEU A 1 103 ? 6.815   -1.078  -2.751  1.00 21.75  ? 1081 LEU A CD1 1 
ATOM   955  C CD2 . LEU A 1 103 ? 5.698   -3.150  -1.964  1.00 27.72  ? 1081 LEU A CD2 1 
ATOM   956  N N   . ARG A 1 104 ? 8.308   -2.125  1.547   1.00 16.52  ? 1082 ARG A N   1 
ATOM   957  C CA  . ARG A 1 104 ? 7.690   -1.711  2.832   1.00 18.26  ? 1082 ARG A CA  1 
ATOM   958  C C   . ARG A 1 104 ? 8.548   -0.683  3.568   1.00 17.77  ? 1082 ARG A C   1 
ATOM   959  O O   . ARG A 1 104 ? 8.038   0.385   3.958   1.00 16.42  ? 1082 ARG A O   1 
ATOM   960  C CB  . ARG A 1 104 ? 7.457   -2.952  3.662   1.00 19.10  ? 1082 ARG A CB  1 
ATOM   961  C CG  . ARG A 1 104 ? 6.824   -2.664  5.014   1.00 23.57  ? 1082 ARG A CG  1 
ATOM   962  C CD  . ARG A 1 104 ? 6.828   -3.890  5.948   1.00 34.22  ? 1082 ARG A CD  1 
ATOM   963  N NE  . ARG A 1 104 ? 8.290   -3.794  6.232   1.00 61.10  ? 1082 ARG A NE  1 
ATOM   964  C CZ  . ARG A 1 104 ? 9.206   -4.768  6.395   1.00 62.24  ? 1082 ARG A CZ  1 
ATOM   965  N NH1 . ARG A 1 104 ? 10.470  -4.431  6.553   1.00 54.67  ? 1082 ARG A NH1 1 
ATOM   966  N NH2 . ARG A 1 104 ? 8.877   -6.050  6.439   1.00 80.89  ? 1082 ARG A NH2 1 
ATOM   967  N N   . ASP A 1 105 ? 9.861   -0.885  3.658   1.00 17.40  ? 1083 ASP A N   1 
ATOM   968  C CA  . ASP A 1 105 ? 10.763  0.097   4.311   1.00 18.09  ? 1083 ASP A CA  1 
ATOM   969  C C   . ASP A 1 105 ? 10.769  1.469   3.587   1.00 15.38  ? 1083 ASP A C   1 
ATOM   970  O O   . ASP A 1 105 ? 10.783  2.556   4.336   1.00 16.47  ? 1083 ASP A O   1 
ATOM   971  C CB  . ASP A 1 105 ? 12.189  -0.456  4.467   1.00 19.91  ? 1083 ASP A CB  1 
ATOM   972  C CG  . ASP A 1 105 ? 12.331  -1.629  5.448   1.00 25.77  ? 1083 ASP A CG  1 
ATOM   973  O OD1 . ASP A 1 105 ? 11.403  -1.959  6.205   1.00 25.90  ? 1083 ASP A OD1 1 
ATOM   974  O OD2 . ASP A 1 105 ? 13.362  -2.316  5.328   1.00 29.51  ? 1083 ASP A OD2 1 
ATOM   975  N N   . THR A 1 106 ? 10.730  1.465   2.265   1.00 15.37  ? 1084 THR A N   1 
ATOM   976  C CA  . THR A 1 106 ? 10.726  2.673   1.434   1.00 16.02  ? 1084 THR A CA  1 
ATOM   977  C C   . THR A 1 106 ? 9.403   3.441   1.708   1.00 15.63  ? 1084 THR A C   1 
ATOM   978  O O   . THR A 1 106 ? 9.431   4.724   1.936   1.00 15.27  ? 1084 THR A O   1 
ATOM   979  C CB  . THR A 1 106 ? 11.019  2.367   -0.022  1.00 17.01  ? 1084 THR A CB  1 
ATOM   980  O OG1 . THR A 1 106 ? 12.309  1.757   -0.236  1.00 16.74  ? 1084 THR A OG1 1 
ATOM   981  C CG2 . THR A 1 106 ? 10.957  3.628   -0.851  1.00 17.21  ? 1084 THR A CG2 1 
ATOM   982  N N   . ALA A 1 107 ? 8.273   2.756   1.662   1.00 14.32  ? 1085 ALA A N   1 
ATOM   983  C CA  . ALA A 1 107 ? 6.953   3.427   1.915   1.00 13.94  ? 1085 ALA A CA  1 
ATOM   984  C C   . ALA A 1 107 ? 6.957   4.084   3.298   1.00 13.96  ? 1085 ALA A C   1 
ATOM   985  O O   . ALA A 1 107 ? 6.573   5.280   3.476   1.00 15.38  ? 1085 ALA A O   1 
ATOM   986  C CB  . ALA A 1 107 ? 5.820   2.421   1.817   1.00 13.44  ? 1085 ALA A CB  1 
ATOM   987  N N   . TYR A 1 108 ? 7.331   3.340   4.343   1.00 14.55  ? 1086 TYR A N   1 
ATOM   988  C CA  . TYR A 1 108 ? 7.394   3.894   5.719   1.00 16.12  ? 1086 TYR A CA  1 
ATOM   989  C C   . TYR A 1 108 ? 8.390   5.064   5.808   1.00 16.09  ? 1086 TYR A C   1 
ATOM   990  O O   . TYR A 1 108 ? 8.059   6.036   6.536   1.00 17.06  ? 1086 TYR A O   1 
ATOM   991  C CB  . TYR A 1 108 ? 7.645   2.775   6.756   1.00 16.89  ? 1086 TYR A CB  1 
ATOM   992  C CG  . TYR A 1 108 ? 6.469   1.942   7.170   1.00 17.57  ? 1086 TYR A CG  1 
ATOM   993  C CD1 . TYR A 1 108 ? 5.981   0.922   6.372   1.00 17.64  ? 1086 TYR A CD1 1 
ATOM   994  C CD2 . TYR A 1 108 ? 5.770   2.199   8.349   1.00 20.38  ? 1086 TYR A CD2 1 
ATOM   995  C CE1 . TYR A 1 108 ? 4.909   0.122   6.770   1.00 18.94  ? 1086 TYR A CE1 1 
ATOM   996  C CE2 . TYR A 1 108 ? 4.716   1.412   8.755   1.00 21.22  ? 1086 TYR A CE2 1 
ATOM   997  C CZ  . TYR A 1 108 ? 4.286   0.351   7.977   1.00 20.71  ? 1086 TYR A CZ  1 
ATOM   998  O OH  . TYR A 1 108 ? 3.204   -0.412  8.351   1.00 22.75  ? 1086 TYR A OH  1 
ATOM   999  N N   . ALA A 1 109 ? 9.534   5.039   5.105   1.00 16.24  ? 1087 ALA A N   1 
ATOM   1000 C CA  . ALA A 1 109 ? 10.527  6.118   5.184   1.00 17.92  ? 1087 ALA A CA  1 
ATOM   1001 C C   . ALA A 1 109 ? 10.005  7.400   4.505   1.00 16.58  ? 1087 ALA A C   1 
ATOM   1002 O O   . ALA A 1 109 ? 10.192  8.545   5.062   1.00 17.17  ? 1087 ALA A O   1 
ATOM   1003 C CB  . ALA A 1 109 ? 11.830  5.694   4.573   1.00 20.36  ? 1087 ALA A CB  1 
ATOM   1004 N N   . ILE A 1 110 ? 9.330   7.262   3.373   1.00 14.79  ? 1088 ILE A N   1 
ATOM   1005 C CA  . ILE A 1 110 ? 8.720   8.440   2.692   1.00 13.81  ? 1088 ILE A CA  1 
ATOM   1006 C C   . ILE A 1 110 ? 7.684   9.033   3.629   1.00 13.77  ? 1088 ILE A C   1 
ATOM   1007 O O   . ILE A 1 110 ? 7.661   10.312  3.787   1.00 16.09  ? 1088 ILE A O   1 
ATOM   1008 C CB  . ILE A 1 110 ? 8.125   8.046   1.320   1.00 14.57  ? 1088 ILE A CB  1 
ATOM   1009 C CG1 . ILE A 1 110 ? 9.193   7.623   0.318   1.00 16.34  ? 1088 ILE A CG1 1 
ATOM   1010 C CG2 . ILE A 1 110 ? 7.283   9.216   0.737   1.00 14.84  ? 1088 ILE A CG2 1 
ATOM   1011 C CD1 . ILE A 1 110 ? 8.654   7.077   -0.960  1.00 17.01  ? 1088 ILE A CD1 1 
ATOM   1012 N N   . ILE A 1 111 ? 6.808   8.208   4.188   1.00 15.18  ? 1089 ILE A N   1 
ATOM   1013 C CA  . ILE A 1 111 ? 5.756   8.710   5.101   1.00 16.66  ? 1089 ILE A CA  1 
ATOM   1014 C C   . ILE A 1 111 ? 6.391   9.350   6.349   1.00 20.35  ? 1089 ILE A C   1 
ATOM   1015 O O   . ILE A 1 111 ? 5.982   10.457  6.751   1.00 17.96  ? 1089 ILE A O   1 
ATOM   1016 C CB  . ILE A 1 111 ? 4.703   7.628   5.353   1.00 19.84  ? 1089 ILE A CB  1 
ATOM   1017 C CG1 . ILE A 1 111 ? 3.822   7.513   4.098   1.00 22.58  ? 1089 ILE A CG1 1 
ATOM   1018 C CG2 . ILE A 1 111 ? 3.953   7.876   6.660   1.00 24.42  ? 1089 ILE A CG2 1 
ATOM   1019 C CD1 . ILE A 1 111 ? 3.122   6.197   3.955   1.00 32.30  ? 1089 ILE A CD1 1 
ATOM   1020 N N   . LYS A 1 112 ? 7.410   8.755   6.918   1.00 18.51  ? 1090 LYS A N   1 
ATOM   1021 C CA  . LYS A 1 112 ? 8.085   9.390   8.102   1.00 22.97  ? 1090 LYS A CA  1 
ATOM   1022 C C   . LYS A 1 112 ? 8.655   10.774  7.759   1.00 21.94  ? 1090 LYS A C   1 
ATOM   1023 O O   . LYS A 1 112 ? 8.488   11.695  8.596   1.00 24.83  ? 1090 LYS A O   1 
ATOM   1024 C CB  . LYS A 1 112 ? 9.176   8.461   8.669   1.00 25.49  ? 1090 LYS A CB  1 
ATOM   1025 C CG  . LYS A 1 112 ? 9.821   9.056   9.931   1.00 34.78  ? 1090 LYS A CG  1 
ATOM   1026 C CD  . LYS A 1 112 ? 10.901  8.212   10.546  1.00 44.77  ? 1090 LYS A CD  1 
ATOM   1027 C CE  . LYS A 1 112 ? 11.263  8.641   11.964  1.00 51.50  ? 1090 LYS A CE  1 
ATOM   1028 N NZ  . LYS A 1 112 ? 12.346  7.778   12.493  1.00 61.25  ? 1090 LYS A NZ  1 
ATOM   1029 N N   . GLU A 1 113 ? 9.255   11.012  6.598   1.00 19.66  ? 1091 GLU A N   1 
ATOM   1030 C CA  . GLU A 1 113 ? 9.892   12.284  6.219   1.00 22.21  ? 1091 GLU A CA  1 
ATOM   1031 C C   . GLU A 1 113 ? 8.818   13.283  5.756   1.00 22.88  ? 1091 GLU A C   1 
ATOM   1032 O O   . GLU A 1 113 ? 9.077   14.484  5.885   1.00 25.28  ? 1091 GLU A O   1 
ATOM   1033 C CB  . GLU A 1 113 ? 10.892  12.148  5.079   1.00 27.57  ? 1091 GLU A CB  1 
ATOM   1034 C CG  . GLU A 1 113 ? 12.175  11.407  5.428   1.00 42.74  ? 1091 GLU A CG  1 
ATOM   1035 C CD  . GLU A 1 113 ? 13.290  11.575  4.394   1.00 58.16  ? 1091 GLU A CD  1 
ATOM   1036 O OE1 . GLU A 1 113 ? 13.013  11.427  3.160   1.00 53.58  ? 1091 GLU A OE1 1 
ATOM   1037 O OE2 . GLU A 1 113 ? 14.447  11.855  4.818   1.00 77.60  ? 1091 GLU A OE2 1 
ATOM   1038 N N   . GLU A 1 114 ? 7.720   12.843  5.129   1.00 15.36  ? 1092 GLU A N   1 
ATOM   1039 C CA  . GLU A 1 114 ? 6.864   13.781  4.347   1.00 15.70  ? 1092 GLU A CA  1 
ATOM   1040 C C   . GLU A 1 114 ? 5.406   13.916  4.853   1.00 16.02  ? 1092 GLU A C   1 
ATOM   1041 O O   . GLU A 1 114 ? 4.748   14.888  4.404   1.00 18.66  ? 1092 GLU A O   1 
ATOM   1042 C CB  . GLU A 1 114 ? 6.785   13.366  2.868   1.00 15.57  ? 1092 GLU A CB  1 
ATOM   1043 C CG  . GLU A 1 114 ? 8.191   13.294  2.218   1.00 15.72  ? 1092 GLU A CG  1 
ATOM   1044 C CD  . GLU A 1 114 ? 8.235   12.884  0.765   1.00 19.07  ? 1092 GLU A CD  1 
ATOM   1045 O OE1 . GLU A 1 114 ? 7.225   13.035  0.065   1.00 17.23  ? 1092 GLU A OE1 1 
ATOM   1046 O OE2 . GLU A 1 114 ? 9.322   12.450  0.293   1.00 17.15  ? 1092 GLU A OE2 1 
ATOM   1047 N N   . LEU A 1 115 ? 4.919   13.058  5.718   1.00 15.31  ? 1093 LEU A N   1 
ATOM   1048 C CA  . LEU A 1 115 ? 3.563   13.167  6.320   1.00 15.90  ? 1093 LEU A CA  1 
ATOM   1049 C C   . LEU A 1 115 ? 3.650   13.987  7.605   1.00 19.92  ? 1093 LEU A C   1 
ATOM   1050 O O   . LEU A 1 115 ? 4.326   13.586  8.542   1.00 21.21  ? 1093 LEU A O   1 
ATOM   1051 C CB  . LEU A 1 115 ? 3.033   11.763  6.595   1.00 18.47  ? 1093 LEU A CB  1 
ATOM   1052 C CG  . LEU A 1 115 ? 1.738   11.701  7.428   1.00 22.80  ? 1093 LEU A CG  1 
ATOM   1053 C CD1 . LEU A 1 115 ? 0.610   12.299  6.650   1.00 21.30  ? 1093 LEU A CD1 1 
ATOM   1054 C CD2 . LEU A 1 115 ? 1.428   10.277  7.890   1.00 24.34  ? 1093 LEU A CD2 1 
ATOM   1055 N N   . ASP A 1 116 ? 2.934   15.085  7.716   1.00 18.12  ? 1094 ASP A N   1 
ATOM   1056 C CA  . ASP A 1 116 ? 2.808   15.778  9.028   1.00 20.76  ? 1094 ASP A CA  1 
ATOM   1057 C C   . ASP A 1 116 ? 1.941   14.962  9.994   1.00 18.59  ? 1094 ASP A C   1 
ATOM   1058 O O   . ASP A 1 116 ? 0.796   14.573  9.643   1.00 16.93  ? 1094 ASP A O   1 
ATOM   1059 C CB  . ASP A 1 116 ? 2.262   17.160  8.743   1.00 22.06  ? 1094 ASP A CB  1 
ATOM   1060 C CG  . ASP A 1 116 ? 2.311   18.048  9.975   1.00 27.20  ? 1094 ASP A CG  1 
ATOM   1061 O OD1 . ASP A 1 116 ? 1.778   17.656  11.009  1.00 31.74  ? 1094 ASP A OD1 1 
ATOM   1062 O OD2 . ASP A 1 116 ? 2.866   19.143  9.858   1.00 25.21  ? 1094 ASP A OD2 1 
ATOM   1063 N N   A GLU A 1 117 ? 2.455   14.703  11.197  0.15 19.50  ? 1095 GLU A N   1 
ATOM   1064 N N   B GLU A 1 117 ? 2.451   14.709  11.204  0.19 18.16  ? 1095 GLU A N   1 
ATOM   1065 N N   C GLU A 1 117 ? 2.455   14.703  11.197  0.15 19.50  ? 1095 GLU A N   1 
ATOM   1066 C CA  A GLU A 1 117 ? 1.759   13.903  12.243  0.15 21.31  ? 1095 GLU A CA  1 
ATOM   1067 C CA  B GLU A 1 117 ? 1.764   13.886  12.238  0.19 19.27  ? 1095 GLU A CA  1 
ATOM   1068 C CA  C GLU A 1 117 ? 1.759   13.903  12.243  0.15 21.31  ? 1095 GLU A CA  1 
ATOM   1069 C C   A GLU A 1 117 ? 0.396   14.523  12.570  0.15 19.24  ? 1095 GLU A C   1 
ATOM   1070 C C   B GLU A 1 117 ? 0.412   14.523  12.600  0.19 17.97  ? 1095 GLU A C   1 
ATOM   1071 C C   C GLU A 1 117 ? 0.396   14.523  12.570  0.15 19.24  ? 1095 GLU A C   1 
ATOM   1072 O O   A GLU A 1 117 ? -0.543  13.761  12.852  0.15 17.89  ? 1095 GLU A O   1 
ATOM   1073 O O   B GLU A 1 117 ? -0.519  13.764  12.910  0.19 16.59  ? 1095 GLU A O   1 
ATOM   1074 O O   C GLU A 1 117 ? -0.543  13.761  12.852  0.15 17.89  ? 1095 GLU A O   1 
ATOM   1075 C CB  A GLU A 1 117 ? 2.602   13.813  13.516  0.15 25.13  ? 1095 GLU A CB  1 
ATOM   1076 C CB  B GLU A 1 117 ? 2.644   13.663  13.482  0.19 21.43  ? 1095 GLU A CB  1 
ATOM   1077 C CB  C GLU A 1 117 ? 2.602   13.813  13.516  0.15 25.13  ? 1095 GLU A CB  1 
ATOM   1078 C CG  A GLU A 1 117 ? 3.819   12.926  13.367  0.15 28.96  ? 1095 GLU A CG  1 
ATOM   1079 C CG  B GLU A 1 117 ? 3.041   14.937  14.215  0.19 22.84  ? 1095 GLU A CG  1 
ATOM   1080 C CG  C GLU A 1 117 ? 3.819   12.926  13.367  0.15 28.96  ? 1095 GLU A CG  1 
ATOM   1081 C CD  A GLU A 1 117 ? 4.544   12.654  14.672  0.15 32.77  ? 1095 GLU A CD  1 
ATOM   1082 C CD  B GLU A 1 117 ? 4.046   14.784  15.358  0.19 25.83  ? 1095 GLU A CD  1 
ATOM   1083 C CD  C GLU A 1 117 ? 4.544   12.654  14.672  0.15 32.77  ? 1095 GLU A CD  1 
ATOM   1084 O OE1 A GLU A 1 117 ? 4.004   13.029  15.746  0.15 33.75  ? 1095 GLU A OE1 1 
ATOM   1085 O OE1 B GLU A 1 117 ? 5.099   14.150  15.157  0.19 27.92  ? 1095 GLU A OE1 1 
ATOM   1086 O OE1 C GLU A 1 117 ? 4.004   13.029  15.746  0.15 33.75  ? 1095 GLU A OE1 1 
ATOM   1087 O OE2 A GLU A 1 117 ? 5.647   12.074  14.608  0.15 37.65  ? 1095 GLU A OE2 1 
ATOM   1088 O OE2 B GLU A 1 117 ? 3.779   15.316  16.449  0.19 29.55  ? 1095 GLU A OE2 1 
ATOM   1089 O OE2 C GLU A 1 117 ? 5.647   12.074  14.608  0.15 37.65  ? 1095 GLU A OE2 1 
ATOM   1090 N N   . ASP A 1 118 ? 0.296   15.855  12.545  1.00 18.58  ? 1096 ASP A N   1 
ATOM   1091 C CA  . ASP A 1 118 ? -0.984  16.546  12.879  1.00 18.50  ? 1096 ASP A CA  1 
ATOM   1092 C C   . ASP A 1 118 ? -2.012  16.344  11.744  1.00 16.76  ? 1096 ASP A C   1 
ATOM   1093 O O   . ASP A 1 118 ? -3.240  16.341  11.980  1.00 16.96  ? 1096 ASP A O   1 
ATOM   1094 C CB  . ASP A 1 118 ? -0.755  18.017  13.230  1.00 19.98  ? 1096 ASP A CB  1 
ATOM   1095 C CG  . ASP A 1 118 ? -0.021  18.214  14.577  1.00 22.94  ? 1096 ASP A CG  1 
ATOM   1096 O OD1 . ASP A 1 118 ? -0.057  17.319  15.419  1.00 24.57  ? 1096 ASP A OD1 1 
ATOM   1097 O OD2 . ASP A 1 118 ? 0.676   19.187  14.652  1.00 28.68  ? 1096 ASP A OD2 1 
ATOM   1098 N N   . PHE A 1 119 ? -1.556  16.226  10.489  1.00 15.62  ? 1097 PHE A N   1 
ATOM   1099 C CA  . PHE A 1 119 ? -2.458  15.928  9.341   1.00 15.09  ? 1097 PHE A CA  1 
ATOM   1100 C C   . PHE A 1 119 ? -3.034  14.522  9.522   1.00 16.76  ? 1097 PHE A C   1 
ATOM   1101 O O   . PHE A 1 119 ? -4.253  14.363  9.364   1.00 15.32  ? 1097 PHE A O   1 
ATOM   1102 C CB  . PHE A 1 119 ? -1.719  16.142  8.009   1.00 14.85  ? 1097 PHE A CB  1 
ATOM   1103 C CG  . PHE A 1 119 ? -2.580  15.872  6.793   1.00 14.62  ? 1097 PHE A CG  1 
ATOM   1104 C CD1 . PHE A 1 119 ? -3.395  16.856  6.267   1.00 15.49  ? 1097 PHE A CD1 1 
ATOM   1105 C CD2 . PHE A 1 119 ? -2.696  14.589  6.300   1.00 15.16  ? 1097 PHE A CD2 1 
ATOM   1106 C CE1 . PHE A 1 119 ? -4.242  16.582  5.209   1.00 16.72  ? 1097 PHE A CE1 1 
ATOM   1107 C CE2 . PHE A 1 119 ? -3.533  14.305  5.230   1.00 14.16  ? 1097 PHE A CE2 1 
ATOM   1108 C CZ  . PHE A 1 119 ? -4.300  15.307  4.702   1.00 14.26  ? 1097 PHE A CZ  1 
ATOM   1109 N N   . GLU A 1 120 ? -2.218  13.510  9.818   1.00 14.78  ? 1098 GLU A N   1 
ATOM   1110 C CA  . GLU A 1 120 ? -2.736  12.159  10.037  1.00 16.73  ? 1098 GLU A CA  1 
ATOM   1111 C C   . GLU A 1 120 ? -3.712  12.144  11.252  1.00 18.47  ? 1098 GLU A C   1 
ATOM   1112 O O   . GLU A 1 120 ? -4.776  11.520  11.150  1.00 17.58  ? 1098 GLU A O   1 
ATOM   1113 C CB  . GLU A 1 120 ? -1.580  11.213  10.301  1.00 18.02  ? 1098 GLU A CB  1 
ATOM   1114 C CG  . GLU A 1 120 ? -1.996  9.827   10.639  1.00 17.05  ? 1098 GLU A CG  1 
ATOM   1115 C CD  . GLU A 1 120 ? -2.811  8.998   9.653   1.00 19.08  ? 1098 GLU A CD  1 
ATOM   1116 O OE1 . GLU A 1 120 ? -2.972  9.452   8.521   1.00 19.59  ? 1098 GLU A OE1 1 
ATOM   1117 O OE2 . GLU A 1 120 ? -3.304  7.891   10.057  1.00 21.50  ? 1098 GLU A OE2 1 
ATOM   1118 N N   . GLN A 1 121 ? -3.390  12.862  12.325  1.00 17.80  ? 1099 GLN A N   1 
ATOM   1119 C CA  . GLN A 1 121 ? -4.274  12.887  13.542  1.00 17.40  ? 1099 GLN A CA  1 
ATOM   1120 C C   . GLN A 1 121 ? -5.637  13.467  13.153  1.00 16.35  ? 1099 GLN A C   1 
ATOM   1121 O O   . GLN A 1 121 ? -6.676  12.873  13.571  1.00 18.38  ? 1099 GLN A O   1 
ATOM   1122 C CB  . GLN A 1 121 ? -3.565  13.635  14.665  1.00 19.14  ? 1099 GLN A CB  1 
ATOM   1123 C CG  . GLN A 1 121 ? -4.366  13.569  15.963  1.00 21.95  ? 1099 GLN A CG  1 
ATOM   1124 C CD  . GLN A 1 121 ? -4.425  12.172  16.516  1.00 28.43  ? 1099 GLN A CD  1 
ATOM   1125 O OE1 . GLN A 1 121 ? -3.471  11.403  16.385  1.00 28.17  ? 1099 GLN A OE1 1 
ATOM   1126 N NE2 . GLN A 1 121 ? -5.560  11.812  17.096  1.00 26.34  ? 1099 GLN A NE2 1 
ATOM   1127 N N   . LEU A 1 122 ? -5.670  14.524  12.313  1.00 17.16  ? 1100 LEU A N   1 
ATOM   1128 C CA  . LEU A 1 122 ? -6.927  15.127  11.825  1.00 17.12  ? 1100 LEU A CA  1 
ATOM   1129 C C   . LEU A 1 122 ? -7.726  14.086  11.033  1.00 20.35  ? 1100 LEU A C   1 
ATOM   1130 O O   . LEU A 1 122 ? -8.948  13.898  11.272  1.00 17.28  ? 1100 LEU A O   1 
ATOM   1131 C CB  . LEU A 1 122 ? -6.678  16.396  11.022  1.00 16.47  ? 1100 LEU A CB  1 
ATOM   1132 C CG  . LEU A 1 122 ? -7.899  17.047  10.405  1.00 18.35  ? 1100 LEU A CG  1 
ATOM   1133 C CD1 . LEU A 1 122 ? -8.997  17.409  11.434  1.00 21.50  ? 1100 LEU A CD1 1 
ATOM   1134 C CD2 . LEU A 1 122 ? -7.522  18.237  9.559   1.00 20.02  ? 1100 LEU A CD2 1 
ATOM   1135 N N   . CYS A 1 123 ? -7.091  13.388  10.078  1.00 17.01  ? 1101 CYS A N   1 
ATOM   1136 C CA  . CYS A 1 123 ? -7.826  12.345  9.283   1.00 17.35  ? 1101 CYS A CA  1 
ATOM   1137 C C   . CYS A 1 123 ? -8.453  11.310  10.246  1.00 18.45  ? 1101 CYS A C   1 
ATOM   1138 O O   . CYS A 1 123 ? -9.612  10.906  9.973   1.00 19.36  ? 1101 CYS A O   1 
ATOM   1139 C CB  . CYS A 1 123 ? -6.864  11.682  8.288   1.00 16.67  ? 1101 CYS A CB  1 
ATOM   1140 S SG  . CYS A 1 123 ? -6.325  12.737  6.923   1.00 17.40  ? 1101 CYS A SG  1 
ATOM   1141 N N   . GLU A 1 124 ? -7.721  10.840  11.243  1.00 17.56  ? 1102 GLU A N   1 
ATOM   1142 C CA  . GLU A 1 124 ? -8.133  9.752   12.175  1.00 20.71  ? 1102 GLU A CA  1 
ATOM   1143 C C   . GLU A 1 124 ? -9.361  10.251  12.974  1.00 23.95  ? 1102 GLU A C   1 
ATOM   1144 O O   . GLU A 1 124 ? -10.370 9.485   13.190  1.00 22.18  ? 1102 GLU A O   1 
ATOM   1145 C CB  . GLU A 1 124 ? -6.956  9.313   13.030  1.00 20.67  ? 1102 GLU A CB  1 
ATOM   1146 C CG  . GLU A 1 124 ? -5.874  8.434   12.318  1.00 25.25  ? 1102 GLU A CG  1 
ATOM   1147 C CD  . GLU A 1 124 ? -4.673  7.941   13.141  1.00 30.26  ? 1102 GLU A CD  1 
ATOM   1148 O OE1 . GLU A 1 124 ? -4.830  7.858   14.357  1.00 33.72  ? 1102 GLU A OE1 1 
ATOM   1149 O OE2 . GLU A 1 124 ? -3.550  7.594   12.562  1.00 28.51  ? 1102 GLU A OE2 1 
ATOM   1150 N N   . GLU A 1 125 ? -9.353  11.535  13.382  1.00 22.13  ? 1103 GLU A N   1 
ATOM   1151 C CA  . GLU A 1 125 ? -10.477 12.170  14.145  1.00 21.40  ? 1103 GLU A CA  1 
ATOM   1152 C C   . GLU A 1 125 ? -11.711 12.355  13.261  1.00 24.95  ? 1103 GLU A C   1 
ATOM   1153 O O   . GLU A 1 125 ? -12.844 12.045  13.755  1.00 29.56  ? 1103 GLU A O   1 
ATOM   1154 C CB  . GLU A 1 125 ? -9.971  13.422  14.932  1.00 18.32  ? 1103 GLU A CB  1 
ATOM   1155 C CG  . GLU A 1 125 ? -9.017  13.086  16.044  1.00 19.27  ? 1103 GLU A CG  1 
ATOM   1156 C CD  . GLU A 1 125 ? -8.479  14.177  16.976  1.00 18.57  ? 1103 GLU A CD  1 
ATOM   1157 O OE1 . GLU A 1 125 ? -8.961  15.330  16.820  1.00 21.13  ? 1103 GLU A OE1 1 
ATOM   1158 O OE2 . GLU A 1 125 ? -7.551  13.877  17.778  1.00 23.64  ? 1103 GLU A OE2 1 
ATOM   1159 N N   . ILE A 1 126 ? -11.616 12.745  11.991  1.00 21.32  ? 1104 ILE A N   1 
ATOM   1160 C CA  . ILE A 1 126 ? -12.777 12.846  11.099  1.00 22.69  ? 1104 ILE A CA  1 
ATOM   1161 C C   . ILE A 1 126 ? -13.306 11.404  10.916  1.00 27.62  ? 1104 ILE A C   1 
ATOM   1162 O O   . ILE A 1 126 ? -14.514 11.212  11.082  1.00 31.27  ? 1104 ILE A O   1 
ATOM   1163 C CB  . ILE A 1 126 ? -12.451 13.542  9.787   1.00 21.72  ? 1104 ILE A CB  1 
ATOM   1164 C CG1 . ILE A 1 126 ? -11.808 14.928  9.957   1.00 23.53  ? 1104 ILE A CG1 1 
ATOM   1165 C CG2 . ILE A 1 126 ? -13.670 13.570  8.892   1.00 22.22  ? 1104 ILE A CG2 1 
ATOM   1166 C CD1 . ILE A 1 126 ? -11.220 15.470  8.692   1.00 22.07  ? 1104 ILE A CD1 1 
ATOM   1167 N N   . GLN A 1 127 ? -12.446 10.415  10.612  1.00 28.11  ? 1105 GLN A N   1 
ATOM   1168 C CA  . GLN A 1 127 ? -12.848 8.973   10.401  1.00 29.80  ? 1105 GLN A CA  1 
ATOM   1169 C C   . GLN A 1 127 ? -13.661 8.440   11.619  1.00 34.06  ? 1105 GLN A C   1 
ATOM   1170 O O   . GLN A 1 127 ? -14.774 7.900   11.424  1.00 32.66  ? 1105 GLN A O   1 
ATOM   1171 C CB  . GLN A 1 127 ? -11.637 8.070   10.116  1.00 29.31  ? 1105 GLN A CB  1 
ATOM   1172 C CG  . GLN A 1 127 ? -11.966 6.573   10.069  1.00 34.12  ? 1105 GLN A CG  1 
ATOM   1173 C CD  . GLN A 1 127 ? -10.749 5.696   9.842   1.00 35.77  ? 1105 GLN A CD  1 
ATOM   1174 O OE1 . GLN A 1 127 ? -9.845  5.619   10.683  1.00 34.81  ? 1105 GLN A OE1 1 
ATOM   1175 N NE2 . GLN A 1 127 ? -10.730 4.977   8.721   1.00 38.52  ? 1105 GLN A NE2 1 
ATOM   1176 N N   A GLU A 1 128 ? -13.112 8.587   12.828  0.15 35.35  ? 1106 GLU A N   1 
ATOM   1177 N N   B GLU A 1 128 ? -13.131 8.624   12.831  0.20 33.66  ? 1106 GLU A N   1 
ATOM   1178 N N   C GLU A 1 128 ? -13.112 8.587   12.828  0.15 35.35  ? 1106 GLU A N   1 
ATOM   1179 C CA  A GLU A 1 128 ? -13.750 8.181   14.113  0.15 38.84  ? 1106 GLU A CA  1 
ATOM   1180 C CA  B GLU A 1 128 ? -13.744 8.161   14.110  0.20 36.42  ? 1106 GLU A CA  1 
ATOM   1181 C CA  C GLU A 1 128 ? -13.750 8.181   14.113  0.15 38.84  ? 1106 GLU A CA  1 
ATOM   1182 C C   A GLU A 1 128 ? -15.126 8.843   14.258  0.15 41.31  ? 1106 GLU A C   1 
ATOM   1183 C C   B GLU A 1 128 ? -15.062 8.901   14.388  0.20 40.24  ? 1106 GLU A C   1 
ATOM   1184 C C   C GLU A 1 128 ? -15.126 8.843   14.258  0.15 41.31  ? 1106 GLU A C   1 
ATOM   1185 O O   A GLU A 1 128 ? -16.052 8.183   14.781  0.15 42.52  ? 1106 GLU A O   1 
ATOM   1186 O O   B GLU A 1 128 ? -15.873 8.355   15.179  0.20 41.78  ? 1106 GLU A O   1 
ATOM   1187 O O   C GLU A 1 128 ? -16.052 8.183   14.781  0.15 42.52  ? 1106 GLU A O   1 
ATOM   1188 C CB  A GLU A 1 128 ? -12.853 8.557   15.290  0.15 40.62  ? 1106 GLU A CB  1 
ATOM   1189 C CB  B GLU A 1 128 ? -12.771 8.348   15.275  0.20 36.37  ? 1106 GLU A CB  1 
ATOM   1190 C CB  C GLU A 1 128 ? -12.853 8.557   15.290  0.15 40.62  ? 1106 GLU A CB  1 
ATOM   1191 C CG  A GLU A 1 128 ? -11.937 7.433   15.729  0.15 43.67  ? 1106 GLU A CG  1 
ATOM   1192 C CG  B GLU A 1 128 ? -13.374 8.004   16.630  0.20 38.55  ? 1106 GLU A CG  1 
ATOM   1193 C CG  C GLU A 1 128 ? -11.937 7.433   15.729  0.15 43.67  ? 1106 GLU A CG  1 
ATOM   1194 C CD  A GLU A 1 128 ? -10.542 7.882   16.128  0.15 47.30  ? 1106 GLU A CD  1 
ATOM   1195 C CD  B GLU A 1 128 ? -13.818 6.558   16.800  0.20 38.75  ? 1106 GLU A CD  1 
ATOM   1196 C CD  C GLU A 1 128 ? -10.542 7.882   16.128  0.15 47.30  ? 1106 GLU A CD  1 
ATOM   1197 O OE1 A GLU A 1 128 ? -10.359 9.092   16.365  0.15 49.80  ? 1106 GLU A OE1 1 
ATOM   1198 O OE1 B GLU A 1 128 ? -14.716 6.306   17.633  0.20 39.55  ? 1106 GLU A OE1 1 
ATOM   1199 O OE1 C GLU A 1 128 ? -10.359 9.092   16.365  0.15 49.80  ? 1106 GLU A OE1 1 
ATOM   1200 O OE2 A GLU A 1 128 ? -9.641  7.024   16.181  0.15 50.59  ? 1106 GLU A OE2 1 
ATOM   1201 O OE2 B GLU A 1 128 ? -13.265 5.685   16.105  0.20 38.93  ? 1106 GLU A OE2 1 
ATOM   1202 O OE2 C GLU A 1 128 ? -9.641  7.024   16.181  0.15 50.59  ? 1106 GLU A OE2 1 
ATOM   1203 N N   . SER A 1 129 ? -15.257 10.092  13.804  1.00 42.10  ? 1107 SER A N   1 
ATOM   1204 C CA  . SER A 1 129 ? -16.514 10.884  13.933  1.00 45.58  ? 1107 SER A CA  1 
ATOM   1205 C C   . SER A 1 129 ? -17.632 10.378  13.009  1.00 50.33  ? 1107 SER A C   1 
ATOM   1206 O O   . SER A 1 129 ? -18.763 10.843  13.219  1.00 54.75  ? 1107 SER A O   1 
ATOM   1207 C CB  . SER A 1 129 ? -16.273 12.361  13.683  1.00 42.60  ? 1107 SER A CB  1 
ATOM   1208 O OG  . SER A 1 129 ? -16.530 12.698  12.316  1.00 40.91  ? 1107 SER A OG  1 
ATOM   1209 N N   . ARG A 1 130 ? -17.365 9.543   11.997  1.00 47.35  ? 1108 ARG A N   1 
ATOM   1210 C CA  . ARG A 1 130 ? -18.363 9.248   10.923  1.00 54.41  ? 1108 ARG A CA  1 
ATOM   1211 C C   . ARG A 1 130 ? -19.235 8.049   11.321  1.00 61.69  ? 1108 ARG A C   1 
ATOM   1212 O O   . ARG A 1 130 ? -18.935 7.259   12.224  1.00 61.43  ? 1108 ARG A O   1 
ATOM   1213 C CB  . ARG A 1 130 ? -17.698 8.993   9.562   1.00 55.48  ? 1108 ARG A CB  1 
ATOM   1214 C CG  . ARG A 1 130 ? -16.825 10.156  9.110   1.00 56.71  ? 1108 ARG A CG  1 
ATOM   1215 C CD  . ARG A 1 130 ? -16.982 10.595  7.674   1.00 57.05  ? 1108 ARG A CD  1 
ATOM   1216 N NE  . ARG A 1 130 ? -16.905 12.063  7.544   1.00 54.00  ? 1108 ARG A NE  1 
ATOM   1217 C CZ  . ARG A 1 130 ? -16.687 12.699  6.391   1.00 48.50  ? 1108 ARG A CZ  1 
ATOM   1218 N NH1 . ARG A 1 130 ? -16.541 12.004  5.270   1.00 69.55  ? 1108 ARG A NH1 1 
ATOM   1219 N NH2 . ARG A 1 130 ? -16.629 14.016  6.331   1.00 42.19  ? 1108 ARG A NH2 1 
ATOM   1220 O OXT . ARG A 1 130 ? -20.292 7.872   10.694  1.00 67.95  ? 1108 ARG A OXT 1 
HETATM 1221 S S   . SO4 B 2 .   ? 21.531  -21.999 3.505   1.00 31.10  ? 1201 SO4 A S   1 
HETATM 1222 O O1  . SO4 B 2 .   ? 22.177  -23.209 3.224   1.00 34.98  ? 1201 SO4 A O1  1 
HETATM 1223 O O2  . SO4 B 2 .   ? 20.272  -22.045 2.829   1.00 27.68  ? 1201 SO4 A O2  1 
HETATM 1224 O O3  . SO4 B 2 .   ? 21.514  -21.758 4.882   1.00 26.39  ? 1201 SO4 A O3  1 
HETATM 1225 O O4  . SO4 B 2 .   ? 22.232  -20.849 2.924   1.00 43.86  ? 1201 SO4 A O4  1 
HETATM 1226 S S   . SO4 C 2 .   ? -12.686 -3.436  0.954   0.50 66.23  ? 1202 SO4 A S   1 
HETATM 1227 O O1  . SO4 C 2 .   ? -13.680 -3.850  1.890   0.50 79.00  ? 1202 SO4 A O1  1 
HETATM 1228 O O2  . SO4 C 2 .   ? -11.606 -4.384  0.917   0.50 61.06  ? 1202 SO4 A O2  1 
HETATM 1229 O O3  . SO4 C 2 .   ? -12.152 -2.130  1.352   0.50 61.82  ? 1202 SO4 A O3  1 
HETATM 1230 O O4  . SO4 C 2 .   ? -13.267 -3.304  -0.361  0.50 61.37  ? 1202 SO4 A O4  1 
HETATM 1231 C C1  . EDO D 3 .   ? 0.710   15.119  4.254   1.00 31.54  ? 1203 EDO A C1  1 
HETATM 1232 O O1  . EDO D 3 .   ? 1.146   16.012  5.301   1.00 25.90  ? 1203 EDO A O1  1 
HETATM 1233 C C2  . EDO D 3 .   ? -0.470  15.659  3.451   1.00 22.15  ? 1203 EDO A C2  1 
HETATM 1234 O O2  . EDO D 3 .   ? -0.109  16.699  2.550   1.00 22.57  ? 1203 EDO A O2  1 
HETATM 1235 C C1  . EDO E 3 .   ? 5.868   17.719  5.669   1.00 58.19  ? 1204 EDO A C1  1 
HETATM 1236 O O1  . EDO E 3 .   ? 5.869   19.129  5.878   1.00 65.55  ? 1204 EDO A O1  1 
HETATM 1237 C C2  . EDO E 3 .   ? 5.592   16.940  6.916   1.00 60.26  ? 1204 EDO A C2  1 
HETATM 1238 O O2  . EDO E 3 .   ? 6.714   16.624  7.754   1.00 56.73  ? 1204 EDO A O2  1 
HETATM 1239 C C1  . EDO F 3 .   ? -9.507  -2.237  -6.569  1.00 33.55  ? 1205 EDO A C1  1 
HETATM 1240 O O1  . EDO F 3 .   ? -9.376  -3.240  -5.568  1.00 33.52  ? 1205 EDO A O1  1 
HETATM 1241 C C2  . EDO F 3 .   ? -10.907 -2.053  -7.156  1.00 33.03  ? 1205 EDO A C2  1 
HETATM 1242 O O2  . EDO F 3 .   ? -11.249 -3.208  -7.867  1.00 36.40  ? 1205 EDO A O2  1 
HETATM 1243 C C10 . RJJ G 4 .   ? 1.014   3.217   -10.324 0.49 25.07  ? 1206 RJJ A C10 1 
HETATM 1244 C C13 . RJJ G 4 .   ? 1.153   0.872   -11.907 0.49 25.88  ? 1206 RJJ A C13 1 
HETATM 1245 C C15 . RJJ G 4 .   ? 6.746   2.474   -15.161 0.49 45.92  ? 1206 RJJ A C15 1 
HETATM 1246 C C17 . RJJ G 4 .   ? 8.937   1.935   -14.984 0.49 45.87  ? 1206 RJJ A C17 1 
HETATM 1247 C C01 . RJJ G 4 .   ? 4.914   -0.276  -18.113 0.49 42.68  ? 1206 RJJ A C01 1 
HETATM 1248 C C02 . RJJ G 4 .   ? 4.033   0.187   -16.964 0.49 44.87  ? 1206 RJJ A C02 1 
HETATM 1249 C C03 . RJJ G 4 .   ? 4.769   0.836   -15.733 0.49 44.48  ? 1206 RJJ A C03 1 
HETATM 1250 C C04 . RJJ G 4 .   ? 3.766   1.814   -15.045 0.49 41.73  ? 1206 RJJ A C04 1 
HETATM 1251 C C07 . RJJ G 4 .   ? 1.522   2.321   -14.042 0.49 31.33  ? 1206 RJJ A C07 1 
HETATM 1252 C C08 . RJJ G 4 .   ? 1.317   2.151   -12.494 0.49 28.12  ? 1206 RJJ A C08 1 
HETATM 1253 C C09 . RJJ G 4 .   ? 1.230   3.318   -11.697 0.49 25.85  ? 1206 RJJ A C09 1 
HETATM 1254 C C11 . RJJ G 4 .   ? 0.857   1.931   -9.719  0.49 25.08  ? 1206 RJJ A C11 1 
HETATM 1255 C C12 . RJJ G 4 .   ? 0.926   0.766   -10.528 0.49 25.22  ? 1206 RJJ A C12 1 
HETATM 1256 C C14 . RJJ G 4 .   ? 5.972   1.677   -16.254 0.49 45.55  ? 1206 RJJ A C14 1 
HETATM 1257 C C18 . RJJ G 4 .   ? 7.416   0.472   -14.158 0.49 47.31  ? 1206 RJJ A C18 1 
HETATM 1258 C C19 . RJJ G 4 .   ? 5.993   0.143   -13.698 0.49 45.83  ? 1206 RJJ A C19 1 
HETATM 1259 N N06 . RJJ G 4 .   ? 2.439   1.358   -14.654 0.49 36.43  ? 1206 RJJ A N06 1 
HETATM 1260 N N16 . RJJ G 4 .   ? 7.684   1.755   -14.495 0.49 46.66  ? 1206 RJJ A N16 1 
HETATM 1261 N N20 . RJJ G 4 .   ? 5.094   -0.230  -14.812 0.49 45.65  ? 1206 RJJ A N20 1 
HETATM 1262 O O05 . RJJ G 4 .   ? 4.044   2.935   -14.833 0.49 43.65  ? 1206 RJJ A O05 1 
HETATM 1263 C C1  . EDO H 3 .   ? 8.280   -0.876  -20.230 0.49 56.30  ? 1207 EDO A C1  1 
HETATM 1264 O O1  . EDO H 3 .   ? 7.233   -0.013  -19.848 0.49 55.98  ? 1207 EDO A O1  1 
HETATM 1265 C C2  . EDO H 3 .   ? 9.490   -0.716  -19.387 0.49 55.87  ? 1207 EDO A C2  1 
HETATM 1266 O O2  . EDO H 3 .   ? 9.309   0.166   -18.292 0.49 55.28  ? 1207 EDO A O2  1 
HETATM 1267 O O   . HOH I 5 .   ? -14.311 12.641  0.624   1.00 46.53  ? 1301 HOH A O   1 
HETATM 1268 O O   . HOH I 5 .   ? 1.956   -23.199 -4.089  1.00 53.53  ? 1302 HOH A O   1 
HETATM 1269 O O   . HOH I 5 .   ? 10.800  -23.349 2.515   1.00 55.72  ? 1303 HOH A O   1 
HETATM 1270 O O   . HOH I 5 .   ? 23.924  -22.278 2.481   1.00 63.17  ? 1304 HOH A O   1 
HETATM 1271 O O   . HOH I 5 .   ? -6.286  -9.939  4.570   1.00 33.93  ? 1305 HOH A O   1 
HETATM 1272 O O   . HOH I 5 .   ? -7.180  18.687  -9.274  1.00 33.99  ? 1306 HOH A O   1 
HETATM 1273 O O   . HOH I 5 .   ? -15.597 20.752  9.459   1.00 64.12  ? 1307 HOH A O   1 
HETATM 1274 O O   . HOH I 5 .   ? 15.657  -19.777 -7.429  1.00 44.20  ? 1308 HOH A O   1 
HETATM 1275 O O   . HOH I 5 .   ? 8.899   -21.161 -3.105  1.00 38.05  ? 1309 HOH A O   1 
HETATM 1276 O O   . HOH I 5 .   ? 11.620  12.477  1.212   1.00 33.87  ? 1310 HOH A O   1 
HETATM 1277 O O   . HOH I 5 .   ? 14.432  2.837   -1.342  1.00 28.54  ? 1311 HOH A O   1 
HETATM 1278 O O   . HOH I 5 .   ? 0.406   -13.061 8.007   1.00 99.07  ? 1312 HOH A O   1 
HETATM 1279 O O   . HOH I 5 .   ? -13.539 15.524  -3.139  1.00 50.10  ? 1313 HOH A O   1 
HETATM 1280 O O   . HOH I 5 .   ? 4.644   -19.800 3.415   1.00 42.99  ? 1314 HOH A O   1 
HETATM 1281 O O   . HOH I 5 .   ? -15.849 15.293  12.196  1.00 39.22  ? 1315 HOH A O   1 
HETATM 1282 O O   . HOH I 5 .   ? -9.175  -6.893  -0.916  1.00 27.18  ? 1316 HOH A O   1 
HETATM 1283 O O   . HOH I 5 .   ? 0.160   -1.256  9.457   1.00 63.43  ? 1317 HOH A O   1 
HETATM 1284 O O   . HOH I 5 .   ? -13.608 12.367  16.181  1.00 34.91  ? 1318 HOH A O   1 
HETATM 1285 O O   . HOH I 5 .   ? -13.723 -5.312  -1.913  1.00 23.21  ? 1319 HOH A O   1 
HETATM 1286 O O   . HOH I 5 .   ? -8.837  20.120  -2.792  0.50 42.25  ? 1320 HOH A O   1 
HETATM 1287 O O   . HOH I 5 .   ? -9.619  6.587   13.089  1.00 40.01  ? 1321 HOH A O   1 
HETATM 1288 O O   . HOH I 5 .   ? 3.054   -12.105 -3.596  1.00 26.99  ? 1322 HOH A O   1 
HETATM 1289 O O   . HOH I 5 .   ? -11.700 10.864  17.741  1.00 42.64  ? 1323 HOH A O   1 
HETATM 1290 O O   . HOH I 5 .   ? 14.480  -23.362 -2.641  1.00 51.53  ? 1324 HOH A O   1 
HETATM 1291 O O   . HOH I 5 .   ? -0.230  -12.184 3.755   1.00 26.89  ? 1325 HOH A O   1 
HETATM 1292 O O   . HOH I 5 .   ? -13.103 -4.796  -6.894  1.00 32.64  ? 1326 HOH A O   1 
HETATM 1293 O O   . HOH I 5 .   ? 10.965  6.337   -7.375  1.00 31.83  ? 1327 HOH A O   1 
HETATM 1294 O O   . HOH I 5 .   ? -7.091  4.415   10.579  1.00 33.20  ? 1328 HOH A O   1 
HETATM 1295 O O   . HOH I 5 .   ? -12.656 4.210   7.091   1.00 51.45  ? 1329 HOH A O   1 
HETATM 1296 O O   . HOH I 5 .   ? 13.551  8.984   4.016   1.00 72.22  ? 1330 HOH A O   1 
HETATM 1297 O O   . HOH I 5 .   ? 1.716   -1.133  -15.186 0.49 37.89  ? 1331 HOH A O   1 
HETATM 1298 O O   . HOH I 5 .   ? -8.773  4.640   -10.789 1.00 34.53  ? 1332 HOH A O   1 
HETATM 1299 O O   . HOH I 5 .   ? -0.406  -10.165 -3.561  1.00 21.50  ? 1333 HOH A O   1 
HETATM 1300 O O   . HOH I 5 .   ? -6.562  -1.095  4.550   1.00 35.34  ? 1334 HOH A O   1 
HETATM 1301 O O   . HOH I 5 .   ? 14.139  -4.832  5.726   1.00 49.77  ? 1335 HOH A O   1 
HETATM 1302 O O   . HOH I 5 .   ? -5.580  7.760   -10.739 1.00 39.17  ? 1336 HOH A O   1 
HETATM 1303 O O   . HOH I 5 .   ? 10.096  -1.094  -13.774 0.49 28.70  ? 1337 HOH A O   1 
HETATM 1304 O O   . HOH I 5 .   ? 4.222   -13.180 6.101   1.00 55.25  ? 1338 HOH A O   1 
HETATM 1305 O O   . HOH I 5 .   ? 18.807  -14.088 -4.632  1.00 26.98  ? 1339 HOH A O   1 
HETATM 1306 O O   . HOH I 5 .   ? -3.497  -8.077  -6.557  1.00 25.62  ? 1340 HOH A O   1 
HETATM 1307 O O   . HOH I 5 .   ? 3.613   12.779  -1.624  1.00 31.22  ? 1341 HOH A O   1 
HETATM 1308 O O   . HOH I 5 .   ? -1.858  -5.884  6.460   1.00 27.09  ? 1342 HOH A O   1 
HETATM 1309 O O   . HOH I 5 .   ? 1.748   -9.617  -12.270 1.00 59.14  ? 1343 HOH A O   1 
HETATM 1310 O O   . HOH I 5 .   ? -7.392  -4.594  1.840   1.00 25.64  ? 1344 HOH A O   1 
HETATM 1311 O O   . HOH I 5 .   ? -0.994  15.113  16.649  1.00 36.86  ? 1345 HOH A O   1 
HETATM 1312 O O   . HOH I 5 .   ? -6.976  19.909  6.067   1.00 34.34  ? 1346 HOH A O   1 
HETATM 1313 O O   . HOH I 5 .   ? 8.326   -1.019  -11.225 0.49 25.98  ? 1347 HOH A O   1 
HETATM 1314 O O   . HOH I 5 .   ? 3.645   20.356  7.567   1.00 43.18  ? 1348 HOH A O   1 
HETATM 1315 O O   . HOH I 5 .   ? 16.592  0.696   -0.166  1.00 45.92  ? 1349 HOH A O   1 
HETATM 1316 O O   . HOH I 5 .   ? 11.558  2.502   6.936   1.00 29.78  ? 1350 HOH A O   1 
HETATM 1317 O O   . HOH I 5 .   ? -7.800  12.550  20.132  1.00 38.95  ? 1351 HOH A O   1 
HETATM 1318 O O   . HOH I 5 .   ? -9.588  -15.772 -1.108  1.00 35.34  ? 1352 HOH A O   1 
HETATM 1319 O O   . HOH I 5 .   ? 1.871   -7.752  -5.263  1.00 21.50  ? 1353 HOH A O   1 
HETATM 1320 O O   . HOH I 5 .   ? -11.249 16.627  16.095  1.00 21.46  ? 1354 HOH A O   1 
HETATM 1321 O O   . HOH I 5 .   ? -4.218  -22.473 1.068   1.00 43.96  ? 1355 HOH A O   1 
HETATM 1322 O O   . HOH I 5 .   ? -17.607 13.590  9.713   1.00 45.59  ? 1356 HOH A O   1 
HETATM 1323 O O   . HOH I 5 .   ? -0.807  12.966  -6.595  1.00 13.52  ? 1357 HOH A O   1 
HETATM 1324 O O   . HOH I 5 .   ? 1.870   16.480  0.655   1.00 16.45  ? 1358 HOH A O   1 
HETATM 1325 O O   . HOH I 5 .   ? 19.122  -23.211 -3.174  1.00 29.56  ? 1359 HOH A O   1 
HETATM 1326 O O   . HOH I 5 .   ? -7.664  -11.829 -6.953  1.00 66.55  ? 1360 HOH A O   1 
HETATM 1327 O O   . HOH I 5 .   ? 2.706   -9.425  -3.084  1.00 21.81  ? 1361 HOH A O   1 
HETATM 1328 O O   . HOH I 5 .   ? -2.965  7.473   -11.195 0.49 36.97  ? 1362 HOH A O   1 
HETATM 1329 O O   . HOH I 5 .   ? -13.146 2.479   3.325   1.00 44.25  ? 1363 HOH A O   1 
HETATM 1330 O O   . HOH I 5 .   ? -8.747  -18.440 -2.353  1.00 68.61  ? 1364 HOH A O   1 
HETATM 1331 O O   . HOH I 5 .   ? -11.866 18.267  -8.155  1.00 54.90  ? 1365 HOH A O   1 
HETATM 1332 O O   . HOH I 5 .   ? 11.190  -17.654 4.667   1.00 46.19  ? 1366 HOH A O   1 
HETATM 1333 O O   . HOH I 5 .   ? -7.437  -15.538 -3.545  1.00 52.70  ? 1367 HOH A O   1 
HETATM 1334 O O   . HOH I 5 .   ? 2.878   -3.224  10.389  1.00 42.40  ? 1368 HOH A O   1 
HETATM 1335 O O   . HOH I 5 .   ? -16.439 0.835   -2.422  1.00 48.54  ? 1369 HOH A O   1 
HETATM 1336 O O   . HOH I 5 .   ? -1.188  19.929  4.897   1.00 21.70  ? 1370 HOH A O   1 
HETATM 1337 O O   . HOH I 5 .   ? -15.210 6.873   1.604   1.00 53.54  ? 1371 HOH A O   1 
HETATM 1338 O O   . HOH I 5 .   ? -0.113  -8.042  6.392   1.00 30.89  ? 1372 HOH A O   1 
HETATM 1339 O O   . HOH I 5 .   ? -16.146 3.277   -2.665  1.00 49.12  ? 1373 HOH A O   1 
HETATM 1340 O O   . HOH I 5 .   ? -9.480  -1.076  2.565   1.00 41.88  ? 1374 HOH A O   1 
HETATM 1341 O O   . HOH I 5 .   ? 1.524   18.783  5.207   1.00 45.09  ? 1375 HOH A O   1 
HETATM 1342 O O   . HOH I 5 .   ? -18.934 16.345  4.389   1.00 55.77  ? 1376 HOH A O   1 
HETATM 1343 O O   . HOH I 5 .   ? 4.326   16.303  2.022   1.00 21.34  ? 1377 HOH A O   1 
HETATM 1344 O O   . HOH I 5 .   ? -7.311  -2.136  -10.191 1.00 42.82  ? 1378 HOH A O   1 
HETATM 1345 O O   . HOH I 5 .   ? -2.839  -20.511 2.486   1.00 53.19  ? 1379 HOH A O   1 
HETATM 1346 O O   . HOH I 5 .   ? -1.951  10.196  14.339  1.00 46.70  ? 1380 HOH A O   1 
HETATM 1347 O O   . HOH I 5 .   ? -13.087 14.348  -0.447  1.00 27.97  ? 1381 HOH A O   1 
HETATM 1348 O O   . HOH I 5 .   ? 1.731   -12.871 -12.901 1.00 48.47  ? 1382 HOH A O   1 
HETATM 1349 O O   . HOH I 5 .   ? 11.652  9.381   -2.812  1.00 43.40  ? 1383 HOH A O   1 
HETATM 1350 O O   . HOH I 5 .   ? 4.821   -13.516 -5.296  1.00 36.66  ? 1384 HOH A O   1 
HETATM 1351 O O   . HOH I 5 .   ? 16.099  -18.466 3.322   1.00 31.20  ? 1385 HOH A O   1 
HETATM 1352 O O   . HOH I 5 .   ? 15.384  -5.316  1.924   1.00 29.23  ? 1386 HOH A O   1 
HETATM 1353 O O   . HOH I 5 .   ? 6.534   -15.831 -7.364  1.00 46.46  ? 1387 HOH A O   1 
HETATM 1354 O O   . HOH I 5 .   ? -11.202 -2.767  -3.406  1.00 31.63  ? 1388 HOH A O   1 
HETATM 1355 O O   . HOH I 5 .   ? -3.477  -12.872 1.866   1.00 21.44  ? 1389 HOH A O   1 
HETATM 1356 O O   . HOH I 5 .   ? 5.060   15.763  11.801  1.00 36.38  ? 1390 HOH A O   1 
HETATM 1357 O O   . HOH I 5 .   ? 9.026   -16.085 4.582   1.00 36.51  ? 1391 HOH A O   1 
HETATM 1358 O O   . HOH I 5 .   ? 8.060   -19.218 -5.170  1.00 44.97  ? 1392 HOH A O   1 
HETATM 1359 O O   . HOH I 5 .   ? 19.927  -18.250 -2.295  1.00 22.77  ? 1393 HOH A O   1 
HETATM 1360 O O   . HOH I 5 .   ? 15.856  1.228   -8.226  1.00 57.64  ? 1394 HOH A O   1 
HETATM 1361 O O   . HOH I 5 .   ? 12.209  8.525   7.129   1.00 41.53  ? 1395 HOH A O   1 
HETATM 1362 O O   . HOH I 5 .   ? 2.433   20.264  12.483  1.00 39.87  ? 1396 HOH A O   1 
HETATM 1363 O O   . HOH I 5 .   ? 10.164  -0.140  8.077   1.00 45.34  ? 1397 HOH A O   1 
HETATM 1364 O O   . HOH I 5 .   ? -2.019  -9.136  -14.413 1.00 59.74  ? 1398 HOH A O   1 
HETATM 1365 O O   . HOH I 5 .   ? 12.829  -13.302 -8.112  1.00 48.83  ? 1399 HOH A O   1 
HETATM 1366 O O   . HOH I 5 .   ? 1.505   -8.707  -7.521  1.00 33.45  ? 1400 HOH A O   1 
HETATM 1367 O O   . HOH I 5 .   ? -5.109  -4.428  4.659   1.00 36.18  ? 1401 HOH A O   1 
HETATM 1368 O O   . HOH I 5 .   ? -3.940  -17.809 -9.106  1.00 44.51  ? 1402 HOH A O   1 
HETATM 1369 O O   . HOH I 5 .   ? -0.923  -4.669  8.990   1.00 36.51  ? 1403 HOH A O   1 
HETATM 1370 O O   . HOH I 5 .   ? 11.184  -10.231 -7.881  1.00 47.28  ? 1404 HOH A O   1 
HETATM 1371 O O   . HOH I 5 .   ? 12.978  -5.029  -12.537 1.00 49.29  ? 1405 HOH A O   1 
HETATM 1372 O O   . HOH I 5 .   ? -13.346 23.342  -1.714  1.00 71.87  ? 1406 HOH A O   1 
HETATM 1373 O O   . HOH I 5 .   ? 14.528  2.526   -10.636 1.00 36.12  ? 1407 HOH A O   1 
HETATM 1374 O O   . HOH I 5 .   ? 14.059  -20.177 3.761   1.00 46.06  ? 1408 HOH A O   1 
HETATM 1375 O O   . HOH I 5 .   ? -5.724  -3.552  -10.842 1.00 42.31  ? 1409 HOH A O   1 
HETATM 1376 O O   . HOH I 5 .   ? -0.274  10.979  13.868  1.00 42.55  ? 1410 HOH A O   1 
HETATM 1377 O O   . HOH I 5 .   ? -12.175 9.159   -8.467  1.00 36.82  ? 1411 HOH A O   1 
HETATM 1378 O O   . HOH I 5 .   ? 10.930  9.280   -5.135  1.00 32.95  ? 1412 HOH A O   1 
HETATM 1379 O O   . HOH I 5 .   ? 20.648  -19.596 6.715   1.00 57.61  ? 1413 HOH A O   1 
HETATM 1380 O O   . HOH I 5 .   ? -8.830  6.885   -0.662  1.00 16.97  ? 1414 HOH A O   1 
HETATM 1381 O O   . HOH I 5 .   ? 10.508  -6.502  -9.334  1.00 21.75  ? 1415 HOH A O   1 
HETATM 1382 O O   . HOH I 5 .   ? -10.953 9.456   0.436   1.00 20.16  ? 1416 HOH A O   1 
HETATM 1383 O O   . HOH I 5 .   ? 0.069   20.732  1.338   1.00 15.03  ? 1417 HOH A O   1 
HETATM 1384 O O   . HOH I 5 .   ? -1.008  0.378   9.488   1.00 46.60  ? 1418 HOH A O   1 
HETATM 1385 O O   . HOH I 5 .   ? 1.092   0.852   10.046  1.00 45.85  ? 1419 HOH A O   1 
HETATM 1386 O O   . HOH I 5 .   ? 6.610   5.690   9.145   1.00 40.54  ? 1420 HOH A O   1 
HETATM 1387 O O   . HOH I 5 .   ? -15.931 0.335   0.503   1.00 51.53  ? 1421 HOH A O   1 
HETATM 1388 O O   . HOH I 5 .   ? -2.739  8.959   17.982  1.00 64.24  ? 1422 HOH A O   1 
HETATM 1389 O O   . HOH I 5 .   ? 14.996  -2.664  2.792   1.00 58.32  ? 1423 HOH A O   1 
HETATM 1390 O O   . HOH I 5 .   ? -13.614 -3.873  4.954   1.00 44.93  ? 1424 HOH A O   1 
HETATM 1391 O O   . HOH I 5 .   ? -10.982 19.415  8.415   1.00 35.68  ? 1425 HOH A O   1 
HETATM 1392 O O   . HOH I 5 .   ? -10.716 3.368   -9.282  1.00 30.51  ? 1426 HOH A O   1 
HETATM 1393 O O   . HOH I 5 .   ? 10.762  -17.183 -7.150  1.00 59.53  ? 1427 HOH A O   1 
HETATM 1394 O O   . HOH I 5 .   ? 19.089  -24.531 4.211   1.00 42.74  ? 1428 HOH A O   1 
HETATM 1395 O O   . HOH I 5 .   ? 4.165   5.023   -11.614 0.49 33.22  ? 1429 HOH A O   1 
HETATM 1396 O O   . HOH I 5 .   ? 6.602   -20.585 -4.610  1.00 49.79  ? 1430 HOH A O   1 
HETATM 1397 O O   . HOH I 5 .   ? -17.939 18.417  11.337  1.00 56.31  ? 1431 HOH A O   1 
HETATM 1398 O O   . HOH I 5 .   ? -9.477  0.558   3.888   1.00 40.17  ? 1432 HOH A O   1 
HETATM 1399 O O   . HOH I 5 .   ? 14.061  -24.068 1.449   1.00 30.84  ? 1433 HOH A O   1 
HETATM 1400 O O   . HOH I 5 .   ? 3.420   -7.122  -11.769 1.00 62.72  ? 1434 HOH A O   1 
HETATM 1401 O O   . HOH I 5 .   ? 17.236  -2.878  -2.315  1.00 23.30  ? 1435 HOH A O   1 
HETATM 1402 O O   . HOH I 5 .   ? 4.353   -6.980  6.509   1.00 35.89  ? 1436 HOH A O   1 
HETATM 1403 O O   . HOH I 5 .   ? 19.163  -22.283 6.960   1.00 61.47  ? 1437 HOH A O   1 
HETATM 1404 O O   . HOH I 5 .   ? -3.083  -15.467 2.556   1.00 30.15  ? 1438 HOH A O   1 
HETATM 1405 O O   . HOH I 5 .   ? 5.115   10.682  -8.491  1.00 77.25  ? 1439 HOH A O   1 
HETATM 1406 O O   . HOH I 5 .   ? 15.130  -9.348  -11.964 1.00 40.72  ? 1440 HOH A O   1 
HETATM 1407 O O   . HOH I 5 .   ? 12.809  8.490   1.853   1.00 55.24  ? 1441 HOH A O   1 
HETATM 1408 O O   . HOH I 5 .   ? -19.456 23.039  4.909   1.00 66.34  ? 1442 HOH A O   1 
HETATM 1409 O O   . HOH I 5 .   ? 2.673   -11.624 7.979   1.00 90.04  ? 1443 HOH A O   1 
HETATM 1410 O O   . HOH I 5 .   ? 16.361  -11.664 1.570   1.00 42.58  ? 1444 HOH A O   1 
HETATM 1411 O O   . HOH I 5 .   ? 14.680  -13.421 4.127   1.00 66.56  ? 1445 HOH A O   1 
HETATM 1412 O O   . HOH I 5 .   ? -16.969 -2.171  -0.190  1.00 43.62  ? 1446 HOH A O   1 
HETATM 1413 O O   . HOH I 5 .   ? 12.567  -6.899  7.263   1.00 76.01  ? 1447 HOH A O   1 
HETATM 1414 O O   . HOH I 5 .   ? 12.727  -12.479 4.671   1.00 50.41  ? 1448 HOH A O   1 
HETATM 1415 O O   . HOH I 5 .   ? 4.667   10.722  10.213  1.00 56.71  ? 1449 HOH A O   1 
HETATM 1416 O O   . HOH I 5 .   ? -9.192  21.929  5.618   1.00 55.16  ? 1450 HOH A O   1 
HETATM 1417 O O   . HOH I 5 .   ? -16.165 9.431   0.551   1.00 52.33  ? 1451 HOH A O   1 
HETATM 1418 O O   . HOH I 5 .   ? 11.182  4.463   -4.649  1.00 34.42  ? 1452 HOH A O   1 
HETATM 1419 O O   . HOH I 5 .   ? -9.788  -2.982  -10.931 1.00 50.43  ? 1453 HOH A O   1 
HETATM 1420 O O   . HOH I 5 .   ? -15.300 7.617   -5.571  1.00 49.88  ? 1454 HOH A O   1 
HETATM 1421 O O   . HOH I 5 .   ? -1.558  -9.884  -6.683  1.00 30.54  ? 1455 HOH A O   1 
HETATM 1422 O O   . HOH I 5 .   ? -10.203 -19.968 1.853   1.00 63.56  ? 1456 HOH A O   1 
HETATM 1423 O O   . HOH I 5 .   ? 5.897   -3.269  8.804   1.00 44.13  ? 1457 HOH A O   1 
HETATM 1424 O O   . HOH I 5 .   ? 11.685  0.441   -15.314 0.49 47.63  ? 1458 HOH A O   1 
HETATM 1425 O O   . HOH I 5 .   ? 5.650   8.187   9.930   1.00 89.67  ? 1459 HOH A O   1 
HETATM 1426 O O   . HOH I 5 .   ? -13.597 10.174  1.299   1.00 31.17  ? 1460 HOH A O   1 
HETATM 1427 O O   . HOH I 5 .   ? 0.709   11.375  -8.399  1.00 24.78  ? 1461 HOH A O   1 
HETATM 1428 O O   . HOH I 5 .   ? -17.009 8.468   5.823   1.00 47.63  ? 1462 HOH A O   1 
HETATM 1429 O O   . HOH I 5 .   ? 14.900  -0.060  1.501   1.00 53.74  ? 1463 HOH A O   1 
HETATM 1430 O O   . HOH I 5 .   ? 5.906   -8.067  6.825   1.00 45.78  ? 1464 HOH A O   1 
HETATM 1431 O O   . HOH I 5 .   ? 14.238  2.583   3.243   1.00 41.01  ? 1465 HOH A O   1 
HETATM 1432 O O   . HOH I 5 .   ? 11.665  -7.143  -11.960 1.00 41.19  ? 1466 HOH A O   1 
HETATM 1433 O O   . HOH I 5 .   ? -6.695  -6.031  5.297   1.00 52.57  ? 1467 HOH A O   1 
HETATM 1434 O O   . HOH I 5 .   ? -15.940 11.316  17.389  1.00 49.58  ? 1468 HOH A O   1 
HETATM 1435 O O   . HOH I 5 .   ? 8.675   -23.722 3.792   1.00 52.55  ? 1469 HOH A O   1 
HETATM 1436 O O   . HOH I 5 .   ? -12.581 5.455   -9.466  1.00 33.11  ? 1470 HOH A O   1 
HETATM 1437 O O   . HOH I 5 .   ? 11.167  4.646   8.518   1.00 36.39  ? 1471 HOH A O   1 
HETATM 1438 O O   . HOH I 5 .   ? 16.485  -22.594 -7.133  1.00 61.56  ? 1472 HOH A O   1 
HETATM 1439 O O   . HOH I 5 .   ? 13.870  5.202   -2.691  1.00 54.81  ? 1473 HOH A O   1 
HETATM 1440 O O   . HOH I 5 .   ? 8.171   -8.061  -13.235 1.00 48.18  ? 1474 HOH A O   1 
HETATM 1441 O O   . HOH I 5 .   ? 6.827   -17.918 5.702   1.00 64.77  ? 1475 HOH A O   1 
HETATM 1442 O O   . HOH I 5 .   ? 15.034  -10.315 3.173   1.00 52.75  ? 1476 HOH A O   1 
HETATM 1443 O O   . HOH I 5 .   ? 14.143  2.451   6.344   1.00 53.08  ? 1477 HOH A O   1 
HETATM 1444 O O   . HOH I 5 .   ? 4.919   -13.116 -6.689  1.00 56.66  ? 1478 HOH A O   1 
HETATM 1445 O O   . HOH I 5 .   ? 12.771  5.593   -9.349  1.00 68.16  ? 1479 HOH A O   1 
HETATM 1446 O O   . HOH I 5 .   ? -18.163 12.417  16.798  1.00 88.19  ? 1480 HOH A O   1 
HETATM 1447 O O   . HOH I 5 .   ? 13.483  13.447  -0.217  1.00 43.23  ? 1481 HOH A O   1 
HETATM 1448 O O   . HOH I 5 .   ? 12.560  10.887  8.836   1.00 53.63  ? 1482 HOH A O   1 
HETATM 1449 O O   . HOH I 5 .   ? 17.307  -2.657  0.298   1.00 35.94  ? 1483 HOH A O   1 
HETATM 1450 O O   . HOH I 5 .   ? 10.400  -14.010 5.824   1.00 51.99  ? 1484 HOH A O   1 
HETATM 1451 O O   . HOH I 5 .   ? -4.393  -6.563  6.110   1.00 57.34  ? 1485 HOH A O   1 
HETATM 1452 O O   . HOH I 5 .   ? 2.229   15.813  -4.577  1.00 20.39  ? 1486 HOH A O   1 
HETATM 1453 O O   . HOH I 5 .   ? 14.359  4.109   2.360   1.00 54.66  ? 1487 HOH A O   1 
HETATM 1454 O O   . HOH I 5 .   ? 4.152   -7.020  -14.261 1.00 65.25  ? 1488 HOH A O   1 
HETATM 1455 O O   . HOH I 5 .   ? -5.331  12.213  21.176  1.00 54.44  ? 1489 HOH A O   1 
HETATM 1456 O O   . HOH I 5 .   ? -2.145  -10.020 6.893   1.00 47.26  ? 1490 HOH A O   1 
HETATM 1457 O O   . HOH I 5 .   ? -15.283 14.047  -4.094  1.00 55.70  ? 1491 HOH A O   1 
HETATM 1458 O O   . HOH I 5 .   ? 17.250  -1.321  -9.539  1.00 58.41  ? 1492 HOH A O   1 
HETATM 1459 O O   . HOH I 5 .   ? -4.749  -12.113 4.175   1.00 32.51  ? 1493 HOH A O   1 
HETATM 1460 O O   . HOH I 5 .   ? 15.538  -7.726  3.808   1.00 60.34  ? 1494 HOH A O   1 
HETATM 1461 O O   . HOH I 5 .   ? 8.761   4.508   10.507  1.00 50.69  ? 1495 HOH A O   1 
HETATM 1462 O O   . HOH I 5 .   ? -2.358  -11.818 5.686   1.00 39.29  ? 1496 HOH A O   1 
HETATM 1463 O O   . HOH I 5 .   ? -4.188  -16.383 4.556   1.00 75.87  ? 1497 HOH A O   1 
HETATM 1464 O O   . HOH I 5 .   ? -7.582  -10.627 6.950   1.00 50.49  ? 1498 HOH A O   1 
HETATM 1465 O O   . HOH I 5 .   ? 3.688   -6.836  8.382   1.00 59.24  ? 1499 HOH A O   1 
HETATM 1466 O O   . HOH I 5 .   ? -15.041 5.799   -9.062  1.00 44.20  ? 1500 HOH A O   1 
HETATM 1467 O O   . HOH I 5 .   ? -4.677  -8.812  6.435   1.00 58.12  ? 1501 HOH A O   1 
HETATM 1468 O O   . HOH I 5 .   ? 2.111   10.270  11.705  1.00 40.81  ? 1502 HOH A O   1 
HETATM 1469 O O   . HOH I 5 .   ? 8.766   -0.231  9.410   1.00 56.22  ? 1503 HOH A O   1 
HETATM 1470 O O   . HOH I 5 .   ? 10.030  -11.594 -9.735  1.00 63.44  ? 1504 HOH A O   1 
HETATM 1471 O O   . HOH I 5 .   ? 11.488  6.340   -3.605  1.00 45.98  ? 1505 HOH A O   1 
HETATM 1472 O O   . HOH I 5 .   ? 13.176  6.518   8.241   1.00 41.38  ? 1506 HOH A O   1 
HETATM 1473 O O   . HOH I 5 .   ? 20.101  -15.537 -2.486  1.00 29.28  ? 1507 HOH A O   1 
HETATM 1474 O O   . HOH I 5 .   ? 19.177  -23.078 -5.720  1.00 57.41  ? 1508 HOH A O   1 
HETATM 1475 O O   . HOH I 5 .   ? 13.223  7.007   0.884   1.00 48.62  ? 1509 HOH A O   1 
HETATM 1476 O O   . HOH I 5 .   ? 5.111   -11.267 7.442   1.00 63.61  ? 1510 HOH A O   1 
HETATM 1477 O O   . HOH I 5 .   ? 15.456  3.844   4.818   1.00 75.68  ? 1511 HOH A O   1 
HETATM 1478 O O   . HOH I 5 .   ? -16.578 6.441   7.106   1.00 57.25  ? 1512 HOH A O   1 
HETATM 1479 O O   . HOH I 5 .   ? -14.503 27.549  11.438  1.00 58.21  ? 1513 HOH A O   1 
HETATM 1480 O O   . HOH I 5 .   ? -6.116  -14.276 5.413   1.00 50.71  ? 1514 HOH A O   1 
HETATM 1481 O O   . HOH I 5 .   ? 6.588   -11.153 -12.999 1.00 73.53  ? 1515 HOH A O   1 
HETATM 1482 O O   . HOH I 5 .   ? 15.127  4.876   7.110   1.00 58.11  ? 1516 HOH A O   1 
# 
